data_4ZYJ
#
_entry.id   4ZYJ
#
_cell.length_a   100.483
_cell.length_b   134.667
_cell.length_c   144.294
_cell.angle_alpha   90.000
_cell.angle_beta   90.000
_cell.angle_gamma   90.000
#
_symmetry.space_group_name_H-M   'P 21 21 21'
#
loop_
_entity.id
_entity.type
_entity.pdbx_description
1 polymer DnmZ
2 non-polymer "THYMIDINE-5'-DIPHOSPHATE"
3 water water
#
_entity_poly.entity_id   1
_entity_poly.type   'polypeptide(L)'
_entity_poly.pdbx_seq_one_letter_code
;MGSSHHHHHHSSGLVPRGSHMTKPSVHEHPGVLADNGLCEPKTPAGRRLLDLLERYLPALEAESRDNDREATLPVHLFDR
MRKEGVLGATVPEDLGGLGVHSLHDVALALARIAGRDAGVALALHMQFSRGLTLDFEWRHGAPSTRPLAEDLLRQMGAGE
AVICGAVKDVRGTTVLTRATDGSYRLNGRKTLVSMAGIATHYVVSTRLEEAGAPVRLAAPVVARTTPGLTVLDNWDGMGM
RSSGSVDIVFDGCPVDRDRVLPRGEPGVRDDAALAGQTVSSIAMLGIYVGIAEAARRIALTELRRRGGAPAGVRTTVAEI
DARLFALHTAVASALTTADRLADDLSGDLAARGRAMMTPFQYAKLLVNRHSVGVVDDCLMLVGGAGYSNSHPLARLYRDV
RAGGFMHPYNFTDGVDYLSEVALGR
;
_entity_poly.pdbx_strand_id   A,B,C,D
#
loop_
_chem_comp.id
_chem_comp.type
_chem_comp.name
_chem_comp.formula
TYD non-polymer THYMIDINE-5'-DIPHOSPHATE 'C10 H16 N2 O11 P2'
#
# COMPACT_ATOMS: atom_id res chain seq x y z
N GLY A 31 21.86 13.38 -1.38
CA GLY A 31 20.65 12.62 -0.92
C GLY A 31 19.46 13.53 -0.72
N VAL A 32 18.33 12.97 -0.27
CA VAL A 32 17.05 13.71 -0.13
C VAL A 32 17.06 14.76 1.01
N LEU A 33 16.63 16.00 0.71
CA LEU A 33 16.75 17.17 1.63
C LEU A 33 15.45 17.60 2.38
N ALA A 34 15.54 17.76 3.71
CA ALA A 34 14.44 18.32 4.50
C ALA A 34 14.89 19.43 5.45
N ASP A 35 13.97 20.35 5.73
CA ASP A 35 14.27 21.54 6.54
C ASP A 35 14.32 21.20 8.02
N ASN A 36 13.22 20.65 8.53
CA ASN A 36 13.23 19.96 9.80
C ASN A 36 13.30 18.48 9.47
N GLY A 37 14.41 18.15 8.79
CA GLY A 37 14.80 16.80 8.41
C GLY A 37 15.93 16.37 9.31
N LEU A 38 16.50 15.22 9.00
CA LEU A 38 17.58 14.74 9.80
C LEU A 38 18.88 15.05 9.08
N CYS A 39 19.00 16.29 8.60
CA CYS A 39 20.14 16.59 7.75
C CYS A 39 21.25 17.30 8.46
N GLU A 40 20.91 18.21 9.35
CA GLU A 40 21.95 19.05 9.93
C GLU A 40 21.80 18.95 11.43
N PRO A 41 22.93 19.05 12.17
CA PRO A 41 22.84 19.15 13.64
C PRO A 41 22.13 20.40 14.14
N LYS A 42 21.42 20.25 15.25
CA LYS A 42 20.78 21.33 15.95
C LYS A 42 21.65 21.98 17.04
N THR A 43 22.63 21.24 17.58
CA THR A 43 23.42 21.73 18.70
C THR A 43 24.86 21.76 18.33
N PRO A 44 25.62 22.68 18.93
CA PRO A 44 27.02 22.70 18.48
C PRO A 44 27.74 21.44 18.94
N ALA A 45 27.37 20.93 20.10
CA ALA A 45 27.90 19.65 20.59
C ALA A 45 27.65 18.52 19.58
N GLY A 46 26.43 18.48 19.01
CA GLY A 46 26.05 17.55 17.97
C GLY A 46 26.99 17.57 16.80
N ARG A 47 27.29 18.76 16.30
CA ARG A 47 28.26 18.92 15.18
C ARG A 47 29.67 18.44 15.50
N ARG A 48 30.23 18.77 16.67
CA ARG A 48 31.58 18.30 17.06
C ARG A 48 31.67 16.80 16.90
N LEU A 49 30.62 16.12 17.37
CA LEU A 49 30.52 14.68 17.24
C LEU A 49 30.52 14.23 15.79
N LEU A 50 29.76 14.93 14.93
CA LEU A 50 29.71 14.56 13.52
C LEU A 50 31.06 14.68 12.88
N ASP A 51 31.78 15.72 13.28
CA ASP A 51 33.14 15.94 12.79
C ASP A 51 34.06 14.84 13.32
N LEU A 52 33.88 14.48 14.59
CA LEU A 52 34.70 13.43 15.14
C LEU A 52 34.48 12.08 14.46
N LEU A 53 33.20 11.75 14.22
CA LEU A 53 32.86 10.53 13.56
C LEU A 53 33.36 10.46 12.12
N GLU A 54 33.64 11.61 11.50
CA GLU A 54 33.95 11.59 10.08
C GLU A 54 35.24 10.85 9.77
N ARG A 55 36.21 10.96 10.66
CA ARG A 55 37.48 10.27 10.43
C ARG A 55 37.34 8.72 10.49
N TYR A 56 36.19 8.21 10.97
CA TYR A 56 35.97 6.75 11.04
C TYR A 56 35.14 6.13 9.94
N LEU A 57 34.46 6.96 9.13
CA LEU A 57 33.53 6.39 8.19
C LEU A 57 34.26 5.54 7.17
N PRO A 58 35.43 6.01 6.68
CA PRO A 58 36.11 5.21 5.67
C PRO A 58 36.45 3.79 6.18
N ALA A 59 36.88 3.66 7.43
CA ALA A 59 37.24 2.38 8.01
C ALA A 59 36.00 1.48 8.18
N LEU A 60 34.93 2.05 8.77
CA LEU A 60 33.71 1.27 8.97
C LEU A 60 33.31 0.70 7.64
N GLU A 61 33.33 1.53 6.61
CA GLU A 61 32.99 1.10 5.26
C GLU A 61 33.87 -0.05 4.75
N ALA A 62 35.18 0.08 4.93
CA ALA A 62 36.13 -0.93 4.49
C ALA A 62 35.94 -2.28 5.24
N GLU A 63 35.72 -2.22 6.54
CA GLU A 63 35.55 -3.44 7.32
C GLU A 63 34.11 -3.92 7.41
N SER A 64 33.24 -3.23 6.70
CA SER A 64 31.82 -3.51 6.69
C SER A 64 31.53 -4.97 6.35
N ARG A 65 32.11 -5.43 5.24
CA ARG A 65 31.90 -6.74 4.68
C ARG A 65 32.33 -7.91 5.57
N ASP A 66 33.60 -7.89 6.00
CA ASP A 66 34.13 -8.92 6.89
C ASP A 66 33.36 -8.90 8.18
N ASN A 67 32.98 -7.71 8.62
CA ASN A 67 32.29 -7.65 9.90
C ASN A 67 30.92 -8.25 9.81
N ASP A 68 30.32 -8.08 8.63
CA ASP A 68 29.07 -8.73 8.31
C ASP A 68 29.25 -10.25 8.19
N ARG A 69 30.10 -10.75 7.26
CA ARG A 69 30.33 -12.18 7.12
C ARG A 69 30.56 -12.95 8.44
N GLU A 70 31.50 -12.48 9.26
CA GLU A 70 31.94 -13.13 10.47
C GLU A 70 31.04 -12.84 11.62
N ALA A 71 30.15 -11.86 11.48
CA ALA A 71 29.28 -11.37 12.57
C ALA A 71 30.10 -11.07 13.83
N THR A 72 31.09 -10.22 13.64
CA THR A 72 32.04 -9.78 14.69
C THR A 72 32.02 -8.25 14.89
N LEU A 73 31.93 -7.84 16.14
CA LEU A 73 32.09 -6.43 16.49
C LEU A 73 33.55 -6.02 16.19
N PRO A 74 33.77 -4.83 15.61
CA PRO A 74 35.10 -4.42 15.24
C PRO A 74 35.82 -3.73 16.41
N VAL A 75 36.38 -4.56 17.28
CA VAL A 75 36.95 -4.15 18.57
C VAL A 75 37.98 -3.01 18.46
N HIS A 76 38.96 -3.15 17.57
CA HIS A 76 39.99 -2.12 17.35
C HIS A 76 39.35 -0.77 17.16
N LEU A 77 38.31 -0.71 16.34
CA LEU A 77 37.67 0.53 16.07
C LEU A 77 37.01 1.07 17.30
N PHE A 78 36.49 0.17 18.14
CA PHE A 78 35.87 0.64 19.38
C PHE A 78 36.91 1.20 20.33
N ASP A 79 38.07 0.56 20.34
CA ASP A 79 39.17 1.06 21.16
C ASP A 79 39.59 2.43 20.71
N ARG A 80 39.79 2.61 19.40
CA ARG A 80 40.11 3.92 18.86
C ARG A 80 39.04 4.93 19.29
N MET A 81 37.76 4.62 19.08
CA MET A 81 36.71 5.60 19.40
C MET A 81 36.62 5.95 20.87
N ARG A 82 36.84 4.93 21.71
CA ARG A 82 36.73 5.07 23.16
C ARG A 82 37.78 6.07 23.61
N LYS A 83 39.01 5.79 23.19
CA LYS A 83 40.25 6.45 23.59
C LYS A 83 40.22 7.88 23.11
N GLU A 84 39.71 8.07 21.88
CA GLU A 84 39.66 9.40 21.29
C GLU A 84 38.51 10.23 21.81
N GLY A 85 37.61 9.63 22.58
CA GLY A 85 36.62 10.37 23.40
C GLY A 85 35.17 10.18 23.01
N VAL A 86 34.97 9.47 21.90
CA VAL A 86 33.66 9.29 21.31
C VAL A 86 32.61 8.60 22.19
N LEU A 87 33.01 7.61 22.97
CA LEU A 87 32.05 6.83 23.71
C LEU A 87 31.54 7.63 24.88
N GLY A 88 32.19 8.75 25.11
CA GLY A 88 31.71 9.69 26.12
C GLY A 88 30.95 10.91 25.56
N ALA A 89 30.52 10.80 24.30
CA ALA A 89 29.84 11.85 23.61
C ALA A 89 28.67 12.41 24.40
N THR A 90 27.91 11.56 25.04
CA THR A 90 26.72 12.06 25.70
C THR A 90 26.92 12.20 27.20
N VAL A 91 28.18 12.24 27.63
CA VAL A 91 28.52 12.58 29.01
C VAL A 91 28.63 14.09 29.10
N PRO A 92 28.00 14.71 30.13
CA PRO A 92 28.04 16.16 30.22
C PRO A 92 29.46 16.71 30.26
N GLU A 93 29.65 17.91 29.72
CA GLU A 93 30.99 18.45 29.69
C GLU A 93 31.65 18.57 31.12
N ASP A 94 30.86 18.85 32.16
CA ASP A 94 31.40 18.85 33.53
C ASP A 94 32.00 17.54 33.97
N LEU A 95 31.42 16.41 33.58
CA LEU A 95 31.97 15.10 34.01
C LEU A 95 32.97 14.48 33.00
N GLY A 96 33.44 15.32 32.08
CA GLY A 96 34.56 14.92 31.22
C GLY A 96 34.18 14.36 29.86
N GLY A 97 32.90 14.45 29.48
CA GLY A 97 32.47 14.00 28.17
C GLY A 97 32.34 15.18 27.24
N LEU A 98 31.66 14.94 26.11
CA LEU A 98 31.51 15.91 25.02
C LEU A 98 30.20 16.65 25.09
N GLY A 99 29.37 16.35 26.06
CA GLY A 99 28.14 17.11 26.26
C GLY A 99 27.07 17.18 25.17
N VAL A 100 26.96 16.14 24.33
CA VAL A 100 25.75 15.96 23.44
C VAL A 100 24.54 15.60 24.29
N HIS A 101 23.62 16.55 24.47
CA HIS A 101 22.41 16.31 25.23
C HIS A 101 21.26 16.17 24.26
N SER A 102 21.54 16.12 22.96
CA SER A 102 20.46 16.04 21.97
C SER A 102 20.20 14.63 21.40
N LEU A 103 19.00 14.11 21.64
CA LEU A 103 18.55 12.90 20.97
C LEU A 103 18.55 13.12 19.45
N HIS A 104 18.22 14.34 19.01
CA HIS A 104 18.14 14.61 17.58
C HIS A 104 19.50 14.39 17.00
N ASP A 105 20.53 14.98 17.62
CA ASP A 105 21.88 14.91 17.03
C ASP A 105 22.52 13.54 17.15
N VAL A 106 22.12 12.81 18.20
CA VAL A 106 22.51 11.42 18.33
C VAL A 106 21.90 10.63 17.18
N ALA A 107 20.60 10.76 16.97
CA ALA A 107 19.98 10.04 15.87
C ALA A 107 20.69 10.34 14.55
N LEU A 108 21.00 11.60 14.33
CA LEU A 108 21.70 12.02 13.11
C LEU A 108 23.03 11.33 13.02
N ALA A 109 23.81 11.35 14.10
CA ALA A 109 25.10 10.67 14.10
C ALA A 109 24.95 9.19 13.75
N LEU A 110 24.00 8.56 14.42
CA LEU A 110 23.69 7.17 14.13
C LEU A 110 23.35 6.95 12.66
N ALA A 111 22.61 7.86 12.01
CA ALA A 111 22.31 7.68 10.58
C ALA A 111 23.58 7.60 9.75
N ARG A 112 24.52 8.51 10.02
CA ARG A 112 25.74 8.56 9.24
C ARG A 112 26.51 7.31 9.38
N ILE A 113 26.76 6.90 10.63
CA ILE A 113 27.45 5.61 10.88
C ILE A 113 26.70 4.45 10.19
N ALA A 114 25.37 4.45 10.32
CA ALA A 114 24.58 3.35 9.79
C ALA A 114 24.69 3.30 8.28
N GLY A 115 24.99 4.42 7.65
CA GLY A 115 25.14 4.34 6.19
C GLY A 115 26.38 3.60 5.71
N ARG A 116 27.29 3.29 6.62
CA ARG A 116 28.46 2.48 6.33
C ARG A 116 28.43 1.13 7.12
N ASP A 117 27.86 1.13 8.33
CA ASP A 117 27.73 -0.11 9.08
C ASP A 117 26.69 0.04 10.17
N ALA A 118 25.50 -0.46 9.88
CA ALA A 118 24.36 -0.33 10.77
C ALA A 118 24.51 -1.11 12.09
N GLY A 119 25.11 -2.30 12.02
CA GLY A 119 25.54 -3.02 13.21
C GLY A 119 26.37 -2.22 14.23
N VAL A 120 27.39 -1.49 13.76
CA VAL A 120 28.14 -0.71 14.73
C VAL A 120 27.31 0.46 15.26
N ALA A 121 26.48 1.06 14.43
CA ALA A 121 25.57 2.12 14.90
C ALA A 121 24.71 1.56 16.00
N LEU A 122 24.19 0.36 15.78
CA LEU A 122 23.31 -0.23 16.77
C LEU A 122 24.07 -0.40 18.09
N ALA A 123 25.32 -0.79 18.00
CA ALA A 123 26.10 -0.90 19.23
C ALA A 123 26.37 0.44 19.85
N LEU A 124 26.79 1.46 19.08
CA LEU A 124 27.17 2.76 19.67
C LEU A 124 26.00 3.41 20.35
N HIS A 125 24.79 3.15 19.86
CA HIS A 125 23.57 3.60 20.53
C HIS A 125 23.54 3.31 21.99
N MET A 126 24.06 2.16 22.36
CA MET A 126 24.09 1.70 23.73
C MET A 126 24.88 2.73 24.56
N GLN A 127 26.03 3.17 24.07
CA GLN A 127 26.76 4.18 24.81
C GLN A 127 26.02 5.49 24.87
N PHE A 128 25.60 5.96 23.70
CA PHE A 128 24.95 7.24 23.60
C PHE A 128 23.72 7.34 24.45
N SER A 129 22.79 6.39 24.36
CA SER A 129 21.57 6.51 25.18
C SER A 129 21.89 6.44 26.65
N ARG A 130 22.90 5.64 27.01
CA ARG A 130 23.26 5.48 28.41
C ARG A 130 23.71 6.81 29.00
N GLY A 131 24.48 7.53 28.22
CA GLY A 131 24.97 8.82 28.68
C GLY A 131 23.82 9.71 29.08
N LEU A 132 22.79 9.66 28.25
CA LEU A 132 21.66 10.54 28.40
C LEU A 132 20.80 10.06 29.56
N THR A 133 20.51 8.76 29.63
CA THR A 133 19.70 8.31 30.75
C THR A 133 20.41 8.51 32.12
N LEU A 134 21.67 8.11 32.21
CA LEU A 134 22.48 8.41 33.39
C LEU A 134 22.43 9.87 33.77
N ASP A 135 22.53 10.74 32.76
CA ASP A 135 22.49 12.17 33.02
C ASP A 135 21.18 12.59 33.67
N PHE A 136 20.06 12.13 33.13
CA PHE A 136 18.77 12.36 33.75
C PHE A 136 18.83 11.89 35.21
N GLU A 137 19.33 10.67 35.45
CA GLU A 137 19.42 10.16 36.84
C GLU A 137 20.34 11.01 37.75
N TRP A 138 21.44 11.48 37.20
CA TRP A 138 22.35 12.40 37.89
C TRP A 138 21.71 13.67 38.35
N ARG A 139 20.81 14.22 37.54
CA ARG A 139 20.23 15.55 37.79
C ARG A 139 18.80 15.54 38.33
N HIS A 140 18.08 14.43 38.18
CA HIS A 140 16.67 14.37 38.51
C HIS A 140 16.30 13.09 39.27
N GLY A 141 17.21 12.14 39.37
CA GLY A 141 16.86 10.89 40.06
C GLY A 141 16.88 11.02 41.58
N ALA A 142 16.62 9.91 42.27
CA ALA A 142 16.63 9.86 43.73
C ALA A 142 17.99 10.33 44.25
N PRO A 143 18.01 11.08 45.37
CA PRO A 143 19.28 11.61 45.86
C PRO A 143 20.40 10.57 46.03
N SER A 144 20.12 9.41 46.62
CA SER A 144 21.15 8.34 46.78
C SER A 144 21.71 7.79 45.47
N THR A 145 20.90 7.85 44.42
CA THR A 145 21.32 7.32 43.15
C THR A 145 22.31 8.25 42.42
N ARG A 146 22.17 9.57 42.62
CA ARG A 146 22.98 10.55 41.86
C ARG A 146 24.50 10.35 41.83
N PRO A 147 25.13 10.16 43.02
CA PRO A 147 26.59 9.97 43.04
C PRO A 147 27.01 8.80 42.16
N LEU A 148 26.16 7.80 42.10
CA LEU A 148 26.50 6.64 41.34
C LEU A 148 26.38 7.01 39.88
N ALA A 149 25.29 7.70 39.51
CA ALA A 149 25.22 8.14 38.12
C ALA A 149 26.41 9.06 37.79
N GLU A 150 26.84 9.92 38.74
CA GLU A 150 28.03 10.72 38.50
C GLU A 150 29.27 9.89 38.27
N ASP A 151 29.48 8.92 39.12
CA ASP A 151 30.60 8.05 38.96
C ASP A 151 30.62 7.42 37.56
N LEU A 152 29.51 6.81 37.15
CA LEU A 152 29.46 6.12 35.86
C LEU A 152 29.72 7.07 34.70
N LEU A 153 29.17 8.29 34.80
CA LEU A 153 29.34 9.27 33.73
C LEU A 153 30.84 9.68 33.56
N ARG A 154 31.49 9.98 34.68
CA ARG A 154 32.92 10.30 34.68
C ARG A 154 33.72 9.17 34.04
N GLN A 155 33.38 7.93 34.37
CA GLN A 155 34.15 6.82 33.83
C GLN A 155 33.94 6.66 32.33
N MET A 156 32.68 6.79 31.88
CA MET A 156 32.42 6.83 30.44
C MET A 156 33.22 7.96 29.75
N GLY A 157 33.20 9.17 30.32
CA GLY A 157 33.92 10.31 29.72
C GLY A 157 35.42 10.05 29.70
N ALA A 158 35.91 9.35 30.73
CA ALA A 158 37.32 9.01 30.82
C ALA A 158 37.73 7.80 29.99
N GLY A 159 36.81 7.18 29.27
CA GLY A 159 37.17 6.02 28.46
C GLY A 159 37.40 4.74 29.24
N GLU A 160 37.00 4.70 30.50
CA GLU A 160 37.22 3.56 31.37
C GLU A 160 35.95 2.75 31.55
N ALA A 161 34.82 3.22 31.01
CA ALA A 161 33.52 2.55 31.18
C ALA A 161 32.74 2.43 29.88
N VAL A 162 32.57 1.19 29.42
CA VAL A 162 31.72 0.86 28.28
C VAL A 162 30.50 0.09 28.85
N ILE A 163 29.38 0.79 29.01
CA ILE A 163 28.18 0.29 29.70
C ILE A 163 26.99 -0.16 28.81
N CYS A 164 26.57 -1.42 28.92
CA CYS A 164 25.43 -1.91 28.12
C CYS A 164 24.22 -2.17 28.95
N GLY A 165 23.04 -1.98 28.34
CA GLY A 165 21.79 -2.35 28.99
C GLY A 165 21.39 -3.79 28.71
N ALA A 166 21.29 -4.62 29.74
CA ALA A 166 20.82 -5.98 29.51
C ALA A 166 19.33 -6.07 29.89
N VAL A 167 18.46 -6.16 28.90
CA VAL A 167 17.03 -5.85 29.11
C VAL A 167 16.15 -7.08 28.95
N LYS A 168 16.24 -7.72 27.78
CA LYS A 168 15.39 -8.85 27.37
C LYS A 168 15.69 -10.18 28.10
N ASP A 169 14.71 -10.70 28.85
CA ASP A 169 14.83 -12.04 29.47
C ASP A 169 14.81 -13.14 28.44
N VAL A 170 15.64 -14.15 28.64
CA VAL A 170 15.46 -15.40 27.94
C VAL A 170 15.51 -16.56 28.94
N ARG A 171 14.65 -17.55 28.71
CA ARG A 171 14.66 -18.80 29.46
C ARG A 171 14.41 -18.51 30.93
N GLY A 172 13.22 -18.06 31.25
CA GLY A 172 12.92 -17.69 32.61
C GLY A 172 13.13 -16.21 32.66
N THR A 173 12.80 -15.61 33.79
CA THR A 173 13.02 -14.20 33.99
C THR A 173 14.26 -14.00 34.89
N THR A 174 14.66 -12.74 35.12
CA THR A 174 15.90 -12.50 35.84
C THR A 174 15.60 -11.89 37.20
N VAL A 175 16.09 -12.53 38.26
CA VAL A 175 15.83 -12.05 39.61
C VAL A 175 17.06 -11.71 40.41
N LEU A 176 16.90 -10.66 41.18
CA LEU A 176 17.86 -10.27 42.19
C LEU A 176 17.16 -10.58 43.50
N THR A 177 17.88 -11.19 44.45
CA THR A 177 17.36 -11.53 45.80
C THR A 177 18.22 -10.98 46.94
N ARG A 178 17.57 -10.57 48.03
CA ARG A 178 18.21 -9.97 49.19
C ARG A 178 18.14 -10.90 50.40
N ASP A 181 19.56 -11.63 54.40
CA ASP A 181 20.61 -10.97 55.18
C ASP A 181 21.44 -9.88 54.44
N GLY A 182 20.76 -9.03 53.66
CA GLY A 182 21.32 -7.76 53.16
C GLY A 182 21.99 -7.76 51.80
N SER A 183 23.00 -8.64 51.64
CA SER A 183 23.76 -8.91 50.41
C SER A 183 22.89 -9.40 49.21
N TYR A 184 23.27 -9.05 47.98
CA TYR A 184 22.43 -9.35 46.80
C TYR A 184 22.93 -10.45 45.88
N ARG A 185 21.99 -11.27 45.43
CA ARG A 185 22.26 -12.33 44.45
C ARG A 185 21.55 -12.08 43.14
N LEU A 186 22.28 -12.24 42.04
CA LEU A 186 21.70 -12.05 40.72
C LEU A 186 21.63 -13.34 39.90
N ASN A 187 20.41 -13.70 39.49
CA ASN A 187 20.23 -14.92 38.72
C ASN A 187 19.36 -14.73 37.51
N GLY A 188 19.93 -15.00 36.33
CA GLY A 188 19.14 -14.98 35.09
C GLY A 188 19.89 -15.03 33.77
N ARG A 189 19.19 -14.72 32.68
CA ARG A 189 19.80 -14.68 31.39
C ARG A 189 19.23 -13.56 30.56
N LYS A 190 20.10 -12.88 29.81
CA LYS A 190 19.65 -11.83 28.93
C LYS A 190 20.12 -12.07 27.53
N THR A 191 19.27 -11.72 26.58
CA THR A 191 19.61 -11.94 25.21
C THR A 191 19.69 -10.64 24.42
N LEU A 192 20.29 -10.73 23.22
CA LEU A 192 20.39 -9.61 22.30
C LEU A 192 20.97 -8.31 22.93
N VAL A 193 22.13 -8.44 23.57
CA VAL A 193 22.78 -7.29 24.19
C VAL A 193 23.95 -6.81 23.32
N SER A 194 23.68 -5.85 22.45
CA SER A 194 24.68 -5.36 21.52
C SER A 194 25.90 -4.84 22.26
N MET A 195 27.07 -5.09 21.68
CA MET A 195 28.30 -4.56 22.23
C MET A 195 28.67 -5.19 23.61
N ALA A 196 27.96 -6.25 24.01
CA ALA A 196 28.18 -6.84 25.35
C ALA A 196 29.59 -7.37 25.51
N GLY A 197 30.20 -7.81 24.42
CA GLY A 197 31.58 -8.29 24.40
C GLY A 197 32.67 -7.38 24.95
N ILE A 198 32.59 -6.10 24.64
CA ILE A 198 33.69 -5.19 24.98
C ILE A 198 33.21 -4.29 26.10
N ALA A 199 32.03 -4.58 26.63
CA ALA A 199 31.53 -3.80 27.76
C ALA A 199 32.31 -4.01 29.10
N THR A 200 32.38 -2.98 29.92
CA THR A 200 32.98 -3.16 31.22
C THR A 200 31.90 -3.26 32.30
N HIS A 201 30.73 -2.67 32.06
CA HIS A 201 29.58 -2.85 32.97
C HIS A 201 28.31 -3.15 32.23
N TYR A 202 27.38 -3.85 32.89
CA TYR A 202 26.02 -4.00 32.36
C TYR A 202 25.02 -3.41 33.34
N VAL A 203 23.93 -2.92 32.79
CA VAL A 203 22.92 -2.38 33.65
C VAL A 203 21.86 -3.38 33.45
N VAL A 204 21.63 -4.25 34.42
CA VAL A 204 20.65 -5.31 34.17
C VAL A 204 19.28 -5.07 34.82
N SER A 205 18.22 -5.04 34.00
CA SER A 205 16.86 -4.92 34.50
C SER A 205 16.43 -6.25 35.12
N THR A 206 15.87 -6.18 36.33
CA THR A 206 15.45 -7.37 37.08
C THR A 206 14.16 -7.19 37.88
N ARG A 207 13.58 -8.32 38.33
CA ARG A 207 12.68 -8.38 39.49
C ARG A 207 13.50 -8.45 40.77
N LEU A 208 13.11 -7.68 41.77
CA LEU A 208 13.70 -7.80 43.11
C LEU A 208 12.71 -8.49 44.05
N GLU A 209 13.19 -9.51 44.78
CA GLU A 209 12.36 -10.39 45.63
C GLU A 209 12.83 -10.52 47.09
N GLU A 210 11.84 -10.61 48.00
CA GLU A 210 12.04 -10.99 49.41
C GLU A 210 10.91 -11.92 49.91
N ALA A 213 8.99 -6.45 51.29
CA ALA A 213 7.80 -6.02 50.56
C ALA A 213 7.38 -7.11 49.56
N PRO A 214 6.32 -6.86 48.76
CA PRO A 214 6.12 -7.70 47.56
C PRO A 214 7.11 -7.32 46.44
N VAL A 215 6.87 -7.81 45.23
CA VAL A 215 7.85 -7.71 44.14
C VAL A 215 8.00 -6.30 43.53
N ARG A 216 9.21 -5.73 43.64
CA ARG A 216 9.60 -4.50 42.88
C ARG A 216 10.62 -4.80 41.72
N LEU A 217 10.72 -3.88 40.75
CA LEU A 217 11.70 -3.94 39.67
C LEU A 217 12.93 -3.10 40.02
N ALA A 218 14.08 -3.42 39.41
CA ALA A 218 15.34 -2.75 39.74
C ALA A 218 16.38 -2.98 38.67
N ALA A 219 17.42 -2.14 38.67
CA ALA A 219 18.48 -2.17 37.65
C ALA A 219 19.87 -2.12 38.25
N PRO A 220 20.38 -3.28 38.59
CA PRO A 220 21.69 -3.14 39.20
C PRO A 220 22.78 -2.91 38.16
N VAL A 221 23.84 -2.19 38.54
CA VAL A 221 25.02 -2.01 37.67
C VAL A 221 26.07 -3.08 38.01
N VAL A 222 26.26 -4.02 37.10
CA VAL A 222 27.06 -5.22 37.33
C VAL A 222 28.33 -5.24 36.49
N ALA A 223 29.49 -5.31 37.14
CA ALA A 223 30.78 -5.24 36.42
C ALA A 223 31.06 -6.45 35.53
N ARG A 224 31.76 -6.24 34.42
CA ARG A 224 32.04 -7.36 33.52
C ARG A 224 32.71 -8.54 34.27
N THR A 225 33.57 -8.22 35.23
CA THR A 225 34.40 -9.20 35.93
C THR A 225 33.73 -9.86 37.15
N THR A 226 32.56 -9.39 37.52
CA THR A 226 31.71 -10.03 38.51
C THR A 226 31.64 -11.54 38.32
N PRO A 227 31.93 -12.31 39.39
CA PRO A 227 31.90 -13.77 39.37
C PRO A 227 30.51 -14.31 39.13
N GLY A 228 30.42 -15.36 38.30
CA GLY A 228 29.17 -16.02 37.96
C GLY A 228 28.53 -15.52 36.67
N LEU A 229 29.26 -14.66 35.97
CA LEU A 229 28.76 -13.98 34.77
C LEU A 229 29.48 -14.50 33.53
N THR A 230 28.69 -14.96 32.58
CA THR A 230 29.27 -15.52 31.38
C THR A 230 28.67 -14.82 30.17
N VAL A 231 29.56 -14.37 29.27
CA VAL A 231 29.15 -13.71 28.02
C VAL A 231 29.21 -14.78 26.96
N LEU A 232 28.18 -14.88 26.11
CA LEU A 232 28.01 -16.01 25.21
C LEU A 232 27.95 -15.72 23.72
N ASP A 233 28.88 -16.28 22.97
CA ASP A 233 29.03 -16.01 21.55
C ASP A 233 27.98 -16.65 20.68
N ASN A 234 26.71 -16.30 20.85
CA ASN A 234 25.63 -16.98 20.12
C ASN A 234 24.92 -16.07 19.07
N TRP A 235 25.58 -14.99 18.64
CA TRP A 235 24.89 -14.02 17.79
C TRP A 235 24.99 -14.41 16.35
N ASP A 236 23.84 -14.71 15.73
CA ASP A 236 23.78 -15.15 14.33
C ASP A 236 22.60 -14.48 13.62
N GLY A 237 22.34 -13.20 13.93
CA GLY A 237 21.22 -12.45 13.31
C GLY A 237 21.34 -12.36 11.77
N MET A 238 20.20 -12.35 11.08
CA MET A 238 20.18 -12.15 9.62
C MET A 238 21.00 -10.92 9.17
N GLY A 239 20.85 -9.84 9.94
CA GLY A 239 21.54 -8.59 9.76
C GLY A 239 21.92 -7.98 11.10
N MET A 240 22.52 -6.79 11.06
CA MET A 240 23.05 -6.15 12.25
C MET A 240 24.15 -7.06 12.84
N ARG A 241 24.87 -7.80 11.99
CA ARG A 241 25.73 -8.88 12.51
C ARG A 241 26.95 -8.33 13.25
N SER A 242 27.40 -7.19 12.79
CA SER A 242 28.52 -6.58 13.49
C SER A 242 28.11 -5.99 14.86
N SER A 243 26.86 -6.11 15.27
CA SER A 243 26.41 -5.43 16.49
C SER A 243 26.74 -6.20 17.76
N GLY A 244 27.26 -7.43 17.61
CA GLY A 244 27.67 -8.27 18.72
C GLY A 244 26.58 -8.44 19.75
N SER A 245 25.36 -8.75 19.32
CA SER A 245 24.22 -8.80 20.22
C SER A 245 24.09 -10.19 20.82
N VAL A 246 24.87 -10.44 21.87
CA VAL A 246 25.07 -11.78 22.40
C VAL A 246 24.29 -11.96 23.70
N ASP A 247 24.35 -13.14 24.30
CA ASP A 247 23.63 -13.39 25.56
C ASP A 247 24.54 -13.23 26.74
N ILE A 248 23.94 -12.92 27.89
CA ILE A 248 24.66 -12.91 29.14
C ILE A 248 23.95 -13.76 30.18
N VAL A 249 24.70 -14.59 30.88
CA VAL A 249 24.13 -15.40 31.95
C VAL A 249 24.64 -14.92 33.30
N PHE A 250 23.71 -14.73 34.24
CA PHE A 250 24.06 -14.37 35.60
C PHE A 250 23.68 -15.57 36.45
N ASP A 251 24.67 -16.14 37.11
CA ASP A 251 24.56 -17.38 37.87
C ASP A 251 25.11 -17.06 39.27
N GLY A 252 24.20 -16.69 40.17
CA GLY A 252 24.59 -16.29 41.52
C GLY A 252 25.68 -15.23 41.55
N CYS A 253 25.47 -14.16 40.78
CA CYS A 253 26.36 -13.02 40.79
C CYS A 253 26.09 -12.14 42.01
N PRO A 254 27.17 -11.76 42.70
CA PRO A 254 27.07 -10.86 43.85
C PRO A 254 26.93 -9.41 43.41
N VAL A 255 26.00 -8.65 43.99
CA VAL A 255 25.93 -7.20 43.76
C VAL A 255 25.81 -6.40 45.04
N ASP A 256 26.52 -5.26 45.09
CA ASP A 256 26.51 -4.30 46.23
C ASP A 256 25.17 -3.59 46.35
N ARG A 257 24.73 -3.31 47.57
CA ARG A 257 23.56 -2.45 47.84
C ARG A 257 23.76 -1.02 47.33
N ASP A 258 24.99 -0.49 47.48
CA ASP A 258 25.36 0.85 46.93
C ASP A 258 25.55 0.90 45.40
N ARG A 259 25.38 -0.25 44.76
CA ARG A 259 25.55 -0.35 43.31
C ARG A 259 24.23 -0.67 42.56
N VAL A 260 23.08 -0.59 43.26
CA VAL A 260 21.71 -0.79 42.69
C VAL A 260 21.00 0.54 42.25
N LEU A 261 20.48 0.60 41.01
CA LEU A 261 19.69 1.78 40.55
C LEU A 261 18.17 1.49 40.69
N PRO A 262 17.45 2.33 41.46
CA PRO A 262 16.04 1.97 41.81
C PRO A 262 15.04 2.12 40.64
N ARG A 263 14.07 1.19 40.50
CA ARG A 263 13.10 1.22 39.37
C ARG A 263 11.64 0.82 39.71
N GLY A 264 10.84 1.72 40.28
CA GLY A 264 9.36 1.51 40.41
C GLY A 264 8.85 0.10 40.72
N GLU A 265 7.82 -0.36 39.98
CA GLU A 265 7.17 -1.67 40.24
C GLU A 265 6.21 -2.19 39.15
N PRO A 266 6.10 -3.53 38.96
CA PRO A 266 5.24 -4.05 37.87
C PRO A 266 3.76 -4.04 38.22
N ASP A 270 2.12 2.57 34.79
CA ASP A 270 2.62 3.94 35.00
C ASP A 270 3.05 4.64 33.70
N ASP A 271 2.30 5.65 33.28
CA ASP A 271 2.62 6.37 32.06
C ASP A 271 3.82 7.31 32.17
N ALA A 272 4.10 7.80 33.38
CA ALA A 272 5.30 8.60 33.52
C ALA A 272 6.60 7.86 33.10
N ALA A 273 6.61 6.53 33.10
CA ALA A 273 7.82 5.77 32.75
C ALA A 273 8.10 5.79 31.24
N LEU A 274 7.02 5.90 30.45
CA LEU A 274 7.11 6.07 29.00
C LEU A 274 8.19 7.07 28.54
N ALA A 275 8.36 8.17 29.28
CA ALA A 275 9.42 9.13 28.99
C ALA A 275 10.78 8.46 28.88
N GLY A 276 11.11 7.65 29.89
CA GLY A 276 12.40 6.98 29.96
C GLY A 276 12.49 6.01 28.82
N GLN A 277 11.36 5.38 28.51
CA GLN A 277 11.37 4.38 27.45
C GLN A 277 11.63 4.99 26.07
N THR A 278 11.14 6.20 25.87
CA THR A 278 11.53 7.03 24.76
C THR A 278 13.05 7.43 24.73
N VAL A 279 13.53 8.15 25.75
CA VAL A 279 14.95 8.54 25.78
C VAL A 279 15.93 7.42 25.40
N SER A 280 15.69 6.21 25.87
CA SER A 280 16.62 5.12 25.58
C SER A 280 16.44 4.38 24.26
N SER A 281 15.53 4.81 23.40
CA SER A 281 15.28 4.05 22.17
C SER A 281 15.10 4.90 20.91
N ILE A 282 14.44 6.03 21.03
CA ILE A 282 14.06 6.86 19.90
C ILE A 282 15.20 7.08 18.92
N ALA A 283 16.38 7.47 19.40
CA ALA A 283 17.53 7.69 18.52
C ALA A 283 17.80 6.56 17.54
N MET A 284 17.46 5.33 17.94
CA MET A 284 17.61 4.20 17.02
C MET A 284 16.89 4.43 15.69
N LEU A 285 15.75 5.10 15.71
CA LEU A 285 15.14 5.46 14.42
C LEU A 285 16.15 6.07 13.40
N GLY A 286 17.18 6.75 13.89
CA GLY A 286 18.26 7.23 13.02
C GLY A 286 18.89 6.15 12.16
N ILE A 287 19.06 4.96 12.74
CA ILE A 287 19.77 3.88 12.06
C ILE A 287 19.08 3.52 10.73
N TYR A 288 17.75 3.46 10.73
CA TYR A 288 17.05 2.95 9.58
C TYR A 288 16.96 4.04 8.49
N VAL A 289 16.99 5.29 8.90
CA VAL A 289 16.86 6.36 7.95
C VAL A 289 18.21 6.38 7.21
N GLY A 290 19.28 6.28 7.99
CA GLY A 290 20.62 6.17 7.39
C GLY A 290 20.76 4.98 6.44
N ILE A 291 20.12 3.85 6.81
CA ILE A 291 20.18 2.68 5.94
C ILE A 291 19.47 3.00 4.64
N ALA A 292 18.28 3.59 4.74
CA ALA A 292 17.55 3.87 3.54
C ALA A 292 18.24 4.94 2.69
N GLU A 293 18.88 5.91 3.34
CA GLU A 293 19.71 6.90 2.65
C GLU A 293 20.86 6.24 1.85
N ALA A 294 21.54 5.30 2.48
CA ALA A 294 22.59 4.52 1.84
C ALA A 294 22.10 3.74 0.64
N ALA A 295 20.93 3.10 0.76
CA ALA A 295 20.45 2.28 -0.33
C ALA A 295 20.14 3.19 -1.48
N ARG A 296 19.55 4.33 -1.16
CA ARG A 296 19.17 5.28 -2.20
C ARG A 296 20.42 5.82 -2.88
N ARG A 297 21.43 6.25 -2.12
CA ARG A 297 22.71 6.59 -2.73
C ARG A 297 23.21 5.48 -3.70
N ILE A 298 23.29 4.24 -3.22
CA ILE A 298 23.86 3.15 -4.03
C ILE A 298 23.13 2.97 -5.38
N ALA A 299 21.80 3.11 -5.35
CA ALA A 299 20.97 2.89 -6.54
C ALA A 299 21.02 4.03 -7.52
N LEU A 300 20.92 5.27 -7.05
CA LEU A 300 21.03 6.41 -7.92
C LEU A 300 22.37 6.46 -8.66
N THR A 301 23.42 6.09 -7.94
CA THR A 301 24.74 6.03 -8.51
C THR A 301 24.68 5.01 -9.61
N GLU A 302 24.08 3.85 -9.34
CA GLU A 302 23.96 2.85 -10.37
C GLU A 302 23.09 3.30 -11.56
N LEU A 303 22.00 4.02 -11.33
CA LEU A 303 21.16 4.46 -12.45
C LEU A 303 21.78 5.59 -13.26
N ARG A 304 22.45 6.50 -12.55
CA ARG A 304 23.24 7.56 -13.19
C ARG A 304 24.36 6.96 -14.10
N ARG A 305 24.99 5.88 -13.64
CA ARG A 305 25.95 5.10 -14.44
C ARG A 305 25.32 4.57 -15.73
N ARG A 306 24.15 3.94 -15.67
CA ARG A 306 23.52 3.36 -16.87
C ARG A 306 22.88 4.35 -17.84
N GLY A 307 22.64 5.56 -17.38
CA GLY A 307 21.90 6.54 -18.16
C GLY A 307 20.71 6.04 -18.97
N GLY A 308 20.03 4.99 -18.53
CA GLY A 308 18.69 4.75 -19.10
C GLY A 308 17.70 5.74 -18.48
N ALA A 309 16.40 5.48 -18.63
CA ALA A 309 15.37 6.05 -17.75
C ALA A 309 14.04 5.41 -18.10
N PRO A 310 13.98 4.06 -18.02
CA PRO A 310 12.69 3.35 -18.24
C PRO A 310 11.53 3.84 -17.30
N ALA A 311 10.28 3.72 -17.77
CA ALA A 311 9.11 4.45 -17.15
C ALA A 311 8.78 4.01 -15.72
N GLY A 312 9.22 2.77 -15.40
CA GLY A 312 9.27 2.22 -14.06
C GLY A 312 10.31 2.85 -13.13
N VAL A 313 11.48 3.17 -13.66
CA VAL A 313 12.57 3.75 -12.92
C VAL A 313 12.22 5.17 -12.43
N ARG A 314 11.74 6.04 -13.32
CA ARG A 314 11.31 7.35 -12.85
C ARG A 314 10.25 7.25 -11.77
N THR A 315 9.23 6.42 -11.97
CA THR A 315 8.18 6.36 -10.96
C THR A 315 8.74 5.94 -9.61
N THR A 316 9.53 4.85 -9.59
CA THR A 316 10.09 4.36 -8.34
C THR A 316 10.95 5.43 -7.65
N VAL A 317 11.87 6.03 -8.39
CA VAL A 317 12.79 6.97 -7.79
C VAL A 317 11.99 8.10 -7.14
N ALA A 318 10.88 8.50 -7.76
CA ALA A 318 10.11 9.56 -7.13
C ALA A 318 9.57 9.03 -5.79
N GLU A 319 9.12 7.82 -5.84
CA GLU A 319 8.38 7.34 -4.74
C GLU A 319 9.30 7.04 -3.54
N ILE A 320 10.53 6.66 -3.85
CA ILE A 320 11.56 6.44 -2.88
C ILE A 320 11.87 7.73 -2.21
N ASP A 321 12.27 8.72 -3.01
CA ASP A 321 12.55 10.04 -2.50
C ASP A 321 11.39 10.69 -1.66
N ALA A 322 10.15 10.50 -2.07
CA ALA A 322 9.00 10.98 -1.31
C ALA A 322 8.98 10.35 0.09
N ARG A 323 9.02 9.01 0.13
CA ARG A 323 9.16 8.29 1.39
C ARG A 323 10.36 8.76 2.27
N LEU A 324 11.54 8.97 1.69
CA LEU A 324 12.67 9.49 2.45
C LEU A 324 12.30 10.81 3.09
N PHE A 325 11.63 11.68 2.32
CA PHE A 325 11.22 12.96 2.83
C PHE A 325 10.29 12.77 4.04
N ALA A 326 9.26 11.92 3.90
CA ALA A 326 8.40 11.59 5.04
C ALA A 326 9.17 11.06 6.27
N LEU A 327 10.11 10.14 6.05
CA LEU A 327 10.93 9.59 7.14
C LEU A 327 11.71 10.69 7.81
N HIS A 328 12.45 11.46 7.01
CA HIS A 328 13.26 12.55 7.52
C HIS A 328 12.46 13.50 8.39
N THR A 329 11.26 13.89 7.95
CA THR A 329 10.49 14.87 8.72
C THR A 329 9.81 14.23 9.92
N ALA A 330 9.22 13.05 9.75
CA ALA A 330 8.52 12.45 10.88
C ALA A 330 9.50 12.08 11.99
N VAL A 331 10.69 11.63 11.64
CA VAL A 331 11.61 11.20 12.66
C VAL A 331 12.17 12.43 13.40
N ALA A 332 12.53 13.49 12.67
CA ALA A 332 13.02 14.71 13.32
C ALA A 332 11.99 15.30 14.27
N SER A 333 10.72 15.22 13.90
CA SER A 333 9.66 15.82 14.69
C SER A 333 9.56 15.14 15.99
N ALA A 334 9.68 13.81 15.99
CA ALA A 334 9.55 13.01 17.21
C ALA A 334 10.75 13.22 18.10
N LEU A 335 11.92 13.29 17.48
CA LEU A 335 13.13 13.67 18.16
C LEU A 335 12.99 15.05 18.83
N THR A 336 12.43 16.03 18.12
CA THR A 336 12.34 17.36 18.64
C THR A 336 11.45 17.42 19.88
N THR A 337 10.30 16.75 19.82
CA THR A 337 9.45 16.60 20.98
C THR A 337 10.21 15.97 22.13
N ALA A 338 10.88 14.84 21.90
CA ALA A 338 11.58 14.20 23.02
C ALA A 338 12.63 15.13 23.65
N ASP A 339 13.38 15.86 22.82
CA ASP A 339 14.38 16.80 23.33
C ASP A 339 13.68 17.89 24.15
N ARG A 340 12.52 18.35 23.70
CA ARG A 340 11.90 19.47 24.37
C ARG A 340 11.39 19.07 25.77
N LEU A 341 10.82 17.88 25.91
CA LEU A 341 10.38 17.37 27.20
C LEU A 341 11.46 16.64 28.04
N ALA A 342 12.53 16.21 27.39
CA ALA A 342 13.66 15.53 28.08
C ALA A 342 14.02 16.15 29.43
N ASP A 343 14.02 17.47 29.52
CA ASP A 343 14.47 18.10 30.75
C ASP A 343 13.42 18.89 31.49
N ASP A 344 12.17 18.55 31.24
CA ASP A 344 11.07 19.36 31.66
C ASP A 344 10.15 18.51 32.49
N LEU A 345 10.26 18.68 33.80
CA LEU A 345 9.58 17.82 34.76
C LEU A 345 8.30 18.44 35.33
N SER A 346 7.77 19.42 34.60
CA SER A 346 6.99 20.46 35.26
C SER A 346 5.48 20.27 35.34
N GLY A 347 4.88 19.51 34.44
CA GLY A 347 3.45 19.33 34.58
C GLY A 347 3.12 17.99 35.21
N ASP A 348 2.05 17.41 34.70
CA ASP A 348 1.70 16.02 34.88
C ASP A 348 2.74 15.11 34.19
N LEU A 349 3.43 14.29 34.98
CA LEU A 349 4.41 13.33 34.45
C LEU A 349 3.82 12.18 33.58
N ALA A 350 2.58 11.81 33.79
CA ALA A 350 1.98 10.75 32.96
C ALA A 350 1.72 11.30 31.58
N ALA A 351 1.17 12.50 31.54
CA ALA A 351 0.98 13.24 30.32
C ALA A 351 2.29 13.43 29.63
N ARG A 352 3.34 13.78 30.37
CA ARG A 352 4.62 14.04 29.74
C ARG A 352 5.11 12.75 29.05
N GLY A 353 4.92 11.62 29.73
CA GLY A 353 5.25 10.30 29.17
C GLY A 353 4.54 10.04 27.84
N ARG A 354 3.21 10.09 27.85
CA ARG A 354 2.44 9.91 26.63
C ARG A 354 2.90 10.85 25.51
N ALA A 355 3.22 12.09 25.87
CA ALA A 355 3.53 13.11 24.88
C ALA A 355 4.83 12.80 24.13
N MET A 356 5.67 11.96 24.72
CA MET A 356 6.96 11.64 24.15
C MET A 356 6.89 10.34 23.35
N MET A 357 6.10 9.38 23.86
CA MET A 357 6.01 8.04 23.34
C MET A 357 5.13 8.06 22.09
N THR A 358 4.04 8.85 22.12
CA THR A 358 3.13 8.91 20.98
C THR A 358 3.80 9.31 19.63
N PRO A 359 4.42 10.49 19.54
CA PRO A 359 5.21 10.79 18.30
C PRO A 359 6.29 9.73 17.99
N PHE A 360 7.06 9.36 19.00
CA PHE A 360 7.99 8.24 18.89
C PHE A 360 7.34 7.03 18.17
N GLN A 361 6.17 6.60 18.61
CA GLN A 361 5.52 5.44 18.03
C GLN A 361 5.00 5.62 16.64
N TYR A 362 4.50 6.82 16.36
CA TYR A 362 4.06 7.09 14.99
C TYR A 362 5.27 7.01 14.02
N ALA A 363 6.37 7.68 14.38
CA ALA A 363 7.55 7.69 13.53
C ALA A 363 8.09 6.26 13.34
N LYS A 364 8.13 5.48 14.43
CA LYS A 364 8.58 4.10 14.36
C LYS A 364 7.74 3.31 13.36
N LEU A 365 6.44 3.48 13.45
CA LEU A 365 5.54 2.80 12.57
C LEU A 365 5.88 3.15 11.10
N LEU A 366 6.09 4.44 10.82
CA LEU A 366 6.41 4.91 9.45
C LEU A 366 7.76 4.38 9.00
N VAL A 367 8.76 4.56 9.88
CA VAL A 367 10.12 4.06 9.62
C VAL A 367 10.10 2.55 9.37
N ASN A 368 9.32 1.80 10.15
CA ASN A 368 9.40 0.38 9.99
C ASN A 368 8.78 -0.05 8.69
N ARG A 369 7.77 0.70 8.20
CA ARG A 369 7.13 0.36 6.93
C ARG A 369 8.02 0.87 5.84
N HIS A 370 8.45 2.13 5.92
CA HIS A 370 9.01 2.75 4.72
C HIS A 370 10.47 2.57 4.54
N SER A 371 11.16 2.33 5.63
CA SER A 371 12.57 2.00 5.57
C SER A 371 12.83 0.81 4.64
N VAL A 372 12.12 -0.28 4.93
CA VAL A 372 12.25 -1.57 4.31
C VAL A 372 11.81 -1.36 2.86
N GLY A 373 10.71 -0.62 2.70
CA GLY A 373 10.18 -0.38 1.37
C GLY A 373 11.15 0.37 0.47
N VAL A 374 11.78 1.44 1.00
CA VAL A 374 12.83 2.18 0.28
C VAL A 374 13.95 1.20 -0.07
N VAL A 375 14.44 0.48 0.91
CA VAL A 375 15.50 -0.45 0.62
C VAL A 375 15.08 -1.48 -0.44
N ASP A 376 13.86 -1.99 -0.38
CA ASP A 376 13.45 -3.01 -1.33
C ASP A 376 13.45 -2.43 -2.75
N ASP A 377 12.91 -1.23 -2.90
CA ASP A 377 12.84 -0.58 -4.20
C ASP A 377 14.24 -0.22 -4.70
N CYS A 378 15.15 0.12 -3.79
CA CYS A 378 16.49 0.37 -4.27
C CYS A 378 17.08 -0.91 -4.85
N LEU A 379 16.83 -2.01 -4.12
CA LEU A 379 17.38 -3.28 -4.50
C LEU A 379 16.79 -3.64 -5.87
N MET A 380 15.51 -3.36 -6.07
CA MET A 380 14.85 -3.74 -7.30
C MET A 380 15.51 -2.98 -8.46
N LEU A 381 15.74 -1.69 -8.24
CA LEU A 381 16.33 -0.82 -9.23
C LEU A 381 17.73 -1.22 -9.60
N VAL A 382 18.54 -1.66 -8.64
CA VAL A 382 19.88 -2.11 -8.97
C VAL A 382 19.86 -3.44 -9.68
N GLY A 383 18.97 -4.33 -9.23
CA GLY A 383 18.80 -5.63 -9.85
C GLY A 383 19.67 -6.72 -9.23
N GLY A 384 19.86 -7.79 -9.99
CA GLY A 384 20.55 -9.03 -9.55
C GLY A 384 21.86 -8.88 -8.75
N ALA A 385 22.68 -7.90 -9.12
CA ALA A 385 23.98 -7.76 -8.46
C ALA A 385 23.75 -7.56 -6.96
N GLY A 386 22.58 -7.00 -6.60
CA GLY A 386 22.26 -6.68 -5.20
C GLY A 386 21.92 -7.91 -4.37
N TYR A 387 21.58 -9.02 -5.04
CA TYR A 387 21.17 -10.25 -4.37
C TYR A 387 22.40 -11.05 -3.96
N SER A 388 23.55 -10.70 -4.52
CA SER A 388 24.80 -11.29 -4.04
C SER A 388 25.02 -10.92 -2.57
N ASN A 389 25.03 -11.91 -1.68
CA ASN A 389 25.06 -11.66 -0.23
C ASN A 389 26.13 -10.68 0.25
N SER A 390 27.25 -10.64 -0.46
CA SER A 390 28.38 -9.78 -0.14
C SER A 390 28.15 -8.30 -0.57
N HIS A 391 27.23 -8.08 -1.50
CA HIS A 391 26.94 -6.75 -2.03
C HIS A 391 26.41 -5.86 -0.95
N PRO A 392 26.74 -4.56 -0.99
CA PRO A 392 26.21 -3.65 0.05
C PRO A 392 24.68 -3.62 0.15
N LEU A 393 23.94 -3.80 -0.94
CA LEU A 393 22.50 -3.79 -0.82
C LEU A 393 21.94 -4.95 -0.07
N ALA A 394 22.58 -6.10 -0.25
CA ALA A 394 22.24 -7.31 0.50
C ALA A 394 22.33 -7.02 1.99
N ARG A 395 23.47 -6.49 2.40
CA ARG A 395 23.70 -6.20 3.78
C ARG A 395 22.65 -5.15 4.29
N LEU A 396 22.27 -4.15 3.46
CA LEU A 396 21.23 -3.20 3.92
C LEU A 396 19.85 -3.82 3.92
N TYR A 397 19.50 -4.59 2.90
CA TYR A 397 18.24 -5.33 2.87
C TYR A 397 18.04 -6.19 4.12
N ARG A 398 19.11 -6.85 4.53
CA ARG A 398 19.11 -7.66 5.75
C ARG A 398 19.09 -6.77 7.04
N ASP A 399 19.91 -5.71 7.11
CA ASP A 399 20.05 -4.89 8.33
C ASP A 399 18.76 -4.16 8.61
N VAL A 400 18.07 -3.73 7.56
CA VAL A 400 16.98 -2.78 7.75
C VAL A 400 15.73 -3.43 8.37
N ARG A 401 15.67 -4.76 8.30
CA ARG A 401 14.52 -5.47 8.82
C ARG A 401 14.53 -5.58 10.36
N ALA A 402 15.63 -5.24 11.02
CA ALA A 402 15.71 -5.41 12.46
C ALA A 402 14.80 -4.50 13.26
N GLY A 403 14.52 -3.30 12.71
CA GLY A 403 13.79 -2.29 13.46
C GLY A 403 12.40 -2.68 13.93
N GLY A 404 11.69 -3.44 13.09
CA GLY A 404 10.30 -3.77 13.37
C GLY A 404 10.13 -4.59 14.63
N PHE A 405 11.19 -5.31 15.05
CA PHE A 405 11.09 -6.13 16.27
C PHE A 405 11.38 -5.33 17.53
N MET A 406 11.97 -4.16 17.42
CA MET A 406 12.47 -3.51 18.62
C MET A 406 11.37 -2.94 19.51
N HIS A 407 11.56 -3.05 20.82
CA HIS A 407 10.56 -2.65 21.79
C HIS A 407 11.08 -1.47 22.62
N PRO A 408 10.28 -0.40 22.80
CA PRO A 408 8.89 -0.19 22.39
C PRO A 408 8.77 0.40 20.97
N TYR A 409 7.76 0.05 20.16
CA TYR A 409 6.97 -1.18 20.24
C TYR A 409 7.04 -1.86 18.87
N ASN A 410 6.71 -3.16 18.84
CA ASN A 410 6.56 -3.86 17.57
C ASN A 410 5.21 -3.45 17.05
N PHE A 411 4.81 -3.97 15.89
CA PHE A 411 3.56 -3.56 15.27
C PHE A 411 2.36 -3.78 16.14
N THR A 412 2.23 -4.98 16.67
CA THR A 412 1.06 -5.31 17.46
C THR A 412 0.92 -4.46 18.74
N ASP A 413 1.99 -4.26 19.51
CA ASP A 413 1.86 -3.48 20.72
C ASP A 413 1.73 -2.02 20.42
N GLY A 414 2.36 -1.59 19.31
CA GLY A 414 2.26 -0.21 18.81
C GLY A 414 0.81 0.15 18.50
N VAL A 415 0.17 -0.65 17.67
CA VAL A 415 -1.27 -0.52 17.44
C VAL A 415 -2.07 -0.33 18.74
N ASP A 416 -1.87 -1.23 19.73
CA ASP A 416 -2.59 -1.17 21.02
C ASP A 416 -2.38 0.17 21.67
N TYR A 417 -1.09 0.52 21.80
CA TYR A 417 -0.74 1.75 22.43
C TYR A 417 -1.37 2.94 21.71
N LEU A 418 -1.23 2.97 20.40
CA LEU A 418 -1.69 4.11 19.63
C LEU A 418 -3.22 4.08 19.55
N SER A 419 -3.82 2.91 19.39
CA SER A 419 -5.30 2.95 19.37
C SER A 419 -5.86 3.37 20.72
N GLU A 420 -5.18 2.98 21.80
CA GLU A 420 -5.54 3.38 23.17
C GLU A 420 -5.47 4.87 23.35
N VAL A 421 -4.33 5.45 23.00
CA VAL A 421 -4.24 6.90 22.98
C VAL A 421 -5.37 7.59 22.15
N ALA A 422 -5.77 7.06 20.99
CA ALA A 422 -6.90 7.63 20.21
C ALA A 422 -8.27 7.32 20.79
N LEU A 423 -8.59 6.07 21.13
CA LEU A 423 -9.96 5.78 21.64
C LEU A 423 -10.26 6.06 23.13
N GLY A 424 -9.23 6.33 23.95
CA GLY A 424 -9.36 6.27 25.41
C GLY A 424 -9.62 4.86 25.96
N ARG A 425 -9.53 3.84 25.09
CA ARG A 425 -9.87 2.48 25.48
C ARG A 425 -8.77 1.52 25.06
N VAL B 32 -4.70 -22.20 3.32
CA VAL B 32 -5.52 -21.27 2.48
C VAL B 32 -5.94 -21.93 1.13
N LEU B 33 -7.11 -22.58 1.13
CA LEU B 33 -7.65 -23.34 -0.03
C LEU B 33 -8.24 -22.43 -1.15
N ALA B 34 -8.01 -22.81 -2.41
CA ALA B 34 -8.52 -22.07 -3.55
C ALA B 34 -8.96 -23.02 -4.67
N ASP B 35 -10.06 -22.65 -5.36
CA ASP B 35 -10.77 -23.49 -6.36
C ASP B 35 -10.09 -23.55 -7.73
N ASN B 36 -10.16 -22.45 -8.48
CA ASN B 36 -9.27 -22.23 -9.63
C ASN B 36 -7.92 -21.88 -9.03
N GLY B 37 -7.50 -22.67 -8.04
CA GLY B 37 -6.34 -22.39 -7.21
C GLY B 37 -5.20 -23.35 -7.50
N LEU B 38 -4.05 -23.04 -6.92
CA LEU B 38 -2.90 -23.91 -7.04
C LEU B 38 -2.94 -25.04 -5.96
N CYS B 39 -4.11 -25.63 -5.72
CA CYS B 39 -4.22 -26.55 -4.57
C CYS B 39 -4.13 -28.08 -4.82
N GLU B 40 -4.82 -28.58 -5.85
CA GLU B 40 -4.78 -30.01 -6.15
C GLU B 40 -4.42 -30.19 -7.62
N PRO B 41 -3.78 -31.34 -7.97
CA PRO B 41 -3.33 -31.54 -9.35
C PRO B 41 -4.48 -31.78 -10.30
N LYS B 42 -4.29 -31.37 -11.54
CA LYS B 42 -5.33 -31.43 -12.52
C LYS B 42 -5.27 -32.76 -13.30
N THR B 43 -4.08 -33.37 -13.35
CA THR B 43 -3.87 -34.55 -14.19
C THR B 43 -3.43 -35.75 -13.35
N PRO B 44 -3.78 -36.99 -13.77
CA PRO B 44 -3.39 -38.17 -13.00
C PRO B 44 -1.88 -38.27 -12.86
N ALA B 45 -1.15 -37.94 -13.94
CA ALA B 45 0.30 -37.89 -13.97
C ALA B 45 0.88 -37.01 -12.86
N GLY B 46 0.43 -35.75 -12.84
CA GLY B 46 0.82 -34.80 -11.83
C GLY B 46 0.60 -35.32 -10.43
N ARG B 47 -0.55 -35.96 -10.25
CA ARG B 47 -0.90 -36.62 -9.00
C ARG B 47 0.15 -37.67 -8.57
N ARG B 48 0.73 -38.41 -9.52
CA ARG B 48 1.83 -39.34 -9.18
C ARG B 48 3.03 -38.63 -8.58
N LEU B 49 3.47 -37.58 -9.27
CA LEU B 49 4.56 -36.71 -8.83
C LEU B 49 4.41 -36.18 -7.41
N LEU B 50 3.23 -35.69 -7.06
CA LEU B 50 3.03 -35.22 -5.69
C LEU B 50 3.15 -36.35 -4.67
N ASP B 51 2.59 -37.52 -5.02
CA ASP B 51 2.71 -38.72 -4.18
C ASP B 51 4.17 -39.18 -4.08
N LEU B 52 4.86 -39.21 -5.22
CA LEU B 52 6.29 -39.53 -5.25
C LEU B 52 7.08 -38.54 -4.38
N LEU B 53 6.79 -37.26 -4.55
CA LEU B 53 7.51 -36.21 -3.82
C LEU B 53 7.29 -36.23 -2.33
N GLU B 54 6.21 -36.86 -1.90
CA GLU B 54 5.89 -36.94 -0.47
C GLU B 54 7.05 -37.52 0.39
N ARG B 55 7.83 -38.45 -0.14
CA ARG B 55 8.85 -39.05 0.72
C ARG B 55 10.11 -38.19 0.95
N TYR B 56 10.32 -37.16 0.13
CA TYR B 56 11.51 -36.30 0.25
C TYR B 56 11.35 -35.09 1.14
N LEU B 57 10.10 -34.71 1.35
CA LEU B 57 9.76 -33.59 2.21
C LEU B 57 10.38 -33.68 3.60
N PRO B 58 10.25 -34.82 4.29
CA PRO B 58 10.82 -34.79 5.64
C PRO B 58 12.34 -34.63 5.58
N ALA B 59 12.94 -35.24 4.55
CA ALA B 59 14.36 -35.10 4.28
C ALA B 59 14.76 -33.65 3.96
N LEU B 60 14.10 -33.05 2.97
CA LEU B 60 14.45 -31.70 2.50
C LEU B 60 14.41 -30.73 3.68
N GLU B 61 13.30 -30.74 4.40
CA GLU B 61 13.17 -30.05 5.66
C GLU B 61 14.36 -30.28 6.58
N ALA B 62 14.80 -31.53 6.66
CA ALA B 62 15.77 -31.90 7.69
C ALA B 62 17.14 -31.32 7.38
N GLU B 63 17.49 -31.24 6.10
CA GLU B 63 18.79 -30.70 5.69
C GLU B 63 18.72 -29.22 5.35
N SER B 64 17.51 -28.68 5.29
CA SER B 64 17.20 -27.32 4.78
C SER B 64 18.21 -26.24 5.24
N ARG B 65 18.45 -26.20 6.55
CA ARG B 65 19.36 -25.26 7.20
C ARG B 65 20.81 -25.33 6.72
N ASP B 66 21.40 -26.53 6.71
CA ASP B 66 22.82 -26.73 6.35
C ASP B 66 23.06 -26.31 4.91
N ASN B 67 22.10 -26.62 4.06
CA ASN B 67 22.24 -26.34 2.66
C ASN B 67 22.22 -24.86 2.40
N ASP B 68 21.36 -24.16 3.14
CA ASP B 68 21.38 -22.73 3.16
C ASP B 68 22.70 -22.24 3.74
N ARG B 69 23.03 -22.69 4.96
CA ARG B 69 24.24 -22.18 5.60
C ARG B 69 25.46 -22.25 4.70
N GLU B 70 25.57 -23.31 3.92
CA GLU B 70 26.79 -23.62 3.15
C GLU B 70 26.62 -23.26 1.70
N ALA B 71 25.38 -22.95 1.33
CA ALA B 71 24.98 -22.67 -0.05
C ALA B 71 25.31 -23.83 -0.95
N THR B 72 24.75 -25.00 -0.59
CA THR B 72 25.07 -26.24 -1.30
C THR B 72 23.87 -27.09 -1.71
N LEU B 73 23.83 -27.41 -3.00
CA LEU B 73 22.85 -28.36 -3.56
C LEU B 73 22.96 -29.74 -2.89
N PRO B 74 21.83 -30.34 -2.47
CA PRO B 74 21.95 -31.60 -1.70
C PRO B 74 22.11 -32.84 -2.60
N VAL B 75 23.35 -33.15 -2.97
CA VAL B 75 23.58 -34.13 -4.03
C VAL B 75 23.06 -35.54 -3.69
N HIS B 76 23.33 -36.01 -2.47
CA HIS B 76 22.89 -37.33 -2.01
C HIS B 76 21.40 -37.45 -2.22
N LEU B 77 20.69 -36.39 -1.85
CA LEU B 77 19.25 -36.33 -2.10
C LEU B 77 18.88 -36.29 -3.59
N PHE B 78 19.61 -35.54 -4.41
CA PHE B 78 19.27 -35.45 -5.84
C PHE B 78 19.42 -36.77 -6.56
N ASP B 79 20.39 -37.57 -6.13
CA ASP B 79 20.60 -38.91 -6.65
C ASP B 79 19.40 -39.79 -6.31
N ARG B 80 19.04 -39.90 -5.03
CA ARG B 80 17.82 -40.65 -4.66
C ARG B 80 16.62 -40.34 -5.57
N MET B 81 16.31 -39.05 -5.67
CA MET B 81 15.26 -38.57 -6.55
C MET B 81 15.51 -38.86 -8.02
N ARG B 82 16.74 -38.71 -8.51
CA ARG B 82 17.03 -39.08 -9.92
C ARG B 82 16.78 -40.57 -10.17
N LYS B 83 17.41 -41.39 -9.32
CA LYS B 83 17.26 -42.83 -9.31
C LYS B 83 15.82 -43.30 -9.14
N GLU B 84 15.00 -42.58 -8.35
CA GLU B 84 13.56 -42.90 -8.24
C GLU B 84 12.69 -42.29 -9.35
N GLY B 85 13.30 -41.62 -10.33
CA GLY B 85 12.59 -41.08 -11.49
C GLY B 85 11.79 -39.80 -11.27
N VAL B 86 12.16 -39.00 -10.26
CA VAL B 86 11.58 -37.66 -10.10
C VAL B 86 12.13 -36.73 -11.19
N LEU B 87 13.41 -36.84 -11.48
CA LEU B 87 14.02 -35.99 -12.49
C LEU B 87 13.52 -36.26 -13.92
N GLY B 88 12.75 -37.32 -14.07
CA GLY B 88 12.11 -37.62 -15.35
C GLY B 88 10.65 -37.23 -15.41
N ALA B 89 10.18 -36.50 -14.39
CA ALA B 89 8.77 -36.14 -14.25
C ALA B 89 8.09 -35.59 -15.50
N THR B 90 8.76 -34.74 -16.27
CA THR B 90 8.08 -34.07 -17.42
C THR B 90 8.46 -34.71 -18.70
N VAL B 91 9.04 -35.89 -18.55
CA VAL B 91 9.38 -36.74 -19.69
C VAL B 91 8.17 -37.59 -20.06
N PRO B 92 7.90 -37.70 -21.37
CA PRO B 92 6.67 -38.34 -21.84
C PRO B 92 6.61 -39.81 -21.44
N GLU B 93 5.40 -40.34 -21.28
CA GLU B 93 5.18 -41.75 -20.91
C GLU B 93 5.96 -42.71 -21.78
N ASP B 94 5.81 -42.49 -23.09
CA ASP B 94 6.38 -43.33 -24.13
C ASP B 94 7.90 -43.40 -24.01
N LEU B 95 8.56 -42.27 -23.74
CA LEU B 95 10.02 -42.24 -23.66
C LEU B 95 10.54 -42.46 -22.25
N GLY B 96 9.67 -42.96 -21.38
CA GLY B 96 10.11 -43.47 -20.06
C GLY B 96 9.99 -42.57 -18.84
N GLY B 97 9.27 -41.45 -19.02
CA GLY B 97 9.06 -40.49 -17.94
C GLY B 97 7.73 -40.71 -17.27
N LEU B 98 7.33 -39.79 -16.39
CA LEU B 98 6.05 -39.97 -15.68
C LEU B 98 4.93 -39.26 -16.43
N GLY B 99 5.33 -38.56 -17.51
CA GLY B 99 4.42 -37.84 -18.40
C GLY B 99 3.59 -36.71 -17.78
N VAL B 100 4.20 -35.93 -16.90
CA VAL B 100 3.56 -34.71 -16.45
C VAL B 100 3.71 -33.68 -17.57
N HIS B 101 2.59 -33.29 -18.18
CA HIS B 101 2.65 -32.27 -19.22
C HIS B 101 1.88 -31.00 -18.91
N SER B 102 1.66 -30.73 -17.62
CA SER B 102 0.88 -29.60 -17.13
C SER B 102 1.74 -28.71 -16.22
N LEU B 103 2.01 -27.49 -16.71
CA LEU B 103 2.64 -26.44 -15.90
C LEU B 103 1.88 -26.21 -14.58
N HIS B 104 0.56 -26.28 -14.62
CA HIS B 104 -0.20 -26.18 -13.38
C HIS B 104 0.35 -27.15 -12.38
N ASP B 105 0.60 -28.38 -12.85
CA ASP B 105 1.02 -29.46 -11.98
C ASP B 105 2.49 -29.36 -11.61
N VAL B 106 3.33 -28.97 -12.57
CA VAL B 106 4.72 -28.66 -12.24
C VAL B 106 4.83 -27.58 -11.12
N ALA B 107 4.09 -26.47 -11.31
CA ALA B 107 4.09 -25.38 -10.36
C ALA B 107 3.64 -25.89 -9.03
N LEU B 108 2.53 -26.64 -9.03
CA LEU B 108 2.05 -27.27 -7.79
C LEU B 108 3.18 -28.03 -7.05
N ALA B 109 3.91 -28.87 -7.78
CA ALA B 109 4.96 -29.70 -7.21
C ALA B 109 6.04 -28.79 -6.64
N LEU B 110 6.49 -27.82 -7.45
CA LEU B 110 7.50 -26.86 -6.96
C LEU B 110 7.07 -26.14 -5.68
N ALA B 111 5.80 -25.76 -5.59
CA ALA B 111 5.32 -25.13 -4.34
C ALA B 111 5.53 -26.04 -3.12
N ARG B 112 5.17 -27.34 -3.22
CA ARG B 112 5.31 -28.31 -2.11
C ARG B 112 6.76 -28.39 -1.66
N ILE B 113 7.67 -28.57 -2.61
CA ILE B 113 9.10 -28.53 -2.34
C ILE B 113 9.55 -27.21 -1.71
N ALA B 114 9.20 -26.08 -2.35
CA ALA B 114 9.63 -24.73 -1.91
C ALA B 114 9.32 -24.47 -0.46
N GLY B 115 8.19 -25.02 -0.01
CA GLY B 115 7.79 -24.96 1.39
C GLY B 115 8.78 -25.58 2.37
N ARG B 116 9.68 -26.43 1.84
CA ARG B 116 10.73 -27.07 2.63
C ARG B 116 12.10 -26.55 2.27
N ASP B 117 12.38 -26.49 0.98
CA ASP B 117 13.63 -25.89 0.51
C ASP B 117 13.47 -25.28 -0.91
N ALA B 118 13.53 -23.96 -1.01
CA ALA B 118 13.17 -23.34 -2.26
C ALA B 118 14.29 -23.37 -3.30
N GLY B 119 15.53 -23.25 -2.85
CA GLY B 119 16.69 -23.47 -3.73
C GLY B 119 16.66 -24.82 -4.45
N VAL B 120 16.16 -25.85 -3.74
CA VAL B 120 15.96 -27.18 -4.35
C VAL B 120 14.90 -27.11 -5.47
N ALA B 121 13.75 -26.60 -5.07
CA ALA B 121 12.69 -26.31 -6.03
C ALA B 121 13.25 -25.56 -7.19
N LEU B 122 14.05 -24.54 -6.91
CA LEU B 122 14.55 -23.75 -8.02
C LEU B 122 15.41 -24.63 -8.95
N ALA B 123 16.18 -25.56 -8.37
CA ALA B 123 17.08 -26.40 -9.14
C ALA B 123 16.25 -27.36 -9.97
N LEU B 124 15.35 -28.10 -9.31
CA LEU B 124 14.45 -29.05 -9.98
C LEU B 124 13.68 -28.46 -11.13
N HIS B 125 13.32 -27.19 -11.01
CA HIS B 125 12.60 -26.54 -12.09
C HIS B 125 13.33 -26.65 -13.40
N MET B 126 14.66 -26.66 -13.36
CA MET B 126 15.46 -26.60 -14.58
C MET B 126 15.15 -27.85 -15.40
N GLN B 127 15.17 -29.01 -14.72
CA GLN B 127 14.80 -30.30 -15.30
C GLN B 127 13.37 -30.32 -15.78
N PHE B 128 12.45 -30.20 -14.83
CA PHE B 128 11.04 -30.05 -15.11
C PHE B 128 10.75 -29.21 -16.34
N SER B 129 11.28 -27.99 -16.44
CA SER B 129 10.95 -27.16 -17.60
C SER B 129 11.61 -27.77 -18.82
N ARG B 130 12.80 -28.33 -18.60
CA ARG B 130 13.57 -28.91 -19.70
C ARG B 130 12.81 -30.07 -20.32
N GLY B 131 12.15 -30.87 -19.47
CA GLY B 131 11.19 -31.87 -19.89
C GLY B 131 10.18 -31.33 -20.88
N LEU B 132 9.53 -30.24 -20.52
CA LEU B 132 8.48 -29.63 -21.37
C LEU B 132 9.01 -28.92 -22.61
N THR B 133 10.01 -28.07 -22.48
CA THR B 133 10.58 -27.47 -23.68
C THR B 133 11.00 -28.53 -24.71
N LEU B 134 11.59 -29.63 -24.25
CA LEU B 134 12.05 -30.70 -25.18
C LEU B 134 10.88 -31.40 -25.91
N ASP B 135 9.92 -31.92 -25.14
CA ASP B 135 8.63 -32.41 -25.63
C ASP B 135 8.11 -31.50 -26.73
N PHE B 136 8.17 -30.20 -26.53
CA PHE B 136 7.60 -29.39 -27.58
C PHE B 136 8.40 -29.51 -28.88
N GLU B 137 9.73 -29.54 -28.79
CA GLU B 137 10.55 -29.57 -29.99
C GLU B 137 10.42 -30.91 -30.73
N TRP B 138 10.39 -31.99 -29.94
CA TRP B 138 10.11 -33.36 -30.40
C TRP B 138 8.91 -33.49 -31.32
N ARG B 139 7.86 -32.75 -31.00
CA ARG B 139 6.57 -32.85 -31.71
C ARG B 139 6.39 -31.75 -32.73
N HIS B 140 6.78 -30.53 -32.42
CA HIS B 140 6.43 -29.43 -33.32
C HIS B 140 7.63 -28.72 -33.90
N GLY B 141 8.84 -29.11 -33.49
CA GLY B 141 10.07 -28.42 -33.91
C GLY B 141 10.53 -28.71 -35.33
N ALA B 142 11.69 -28.16 -35.70
CA ALA B 142 12.31 -28.43 -37.02
C ALA B 142 12.37 -29.93 -37.29
N PRO B 143 12.06 -30.35 -38.53
CA PRO B 143 11.98 -31.79 -38.82
C PRO B 143 13.24 -32.52 -38.30
N SER B 144 14.38 -31.88 -38.50
CA SER B 144 15.68 -32.47 -38.25
C SER B 144 16.02 -32.71 -36.78
N THR B 145 15.47 -31.91 -35.89
CA THR B 145 15.97 -31.89 -34.52
C THR B 145 15.10 -32.72 -33.58
N ARG B 146 14.01 -33.28 -34.11
CA ARG B 146 13.18 -34.21 -33.33
C ARG B 146 13.95 -35.44 -32.74
N PRO B 147 14.84 -36.07 -33.53
CA PRO B 147 15.64 -37.18 -32.96
C PRO B 147 16.53 -36.78 -31.76
N LEU B 148 17.09 -35.57 -31.82
CA LEU B 148 17.95 -35.05 -30.76
C LEU B 148 17.16 -34.91 -29.47
N ALA B 149 16.06 -34.18 -29.58
CA ALA B 149 15.10 -34.06 -28.51
C ALA B 149 14.78 -35.43 -27.96
N GLU B 150 14.54 -36.38 -28.86
CA GLU B 150 14.12 -37.71 -28.43
C GLU B 150 15.22 -38.37 -27.59
N ASP B 151 16.47 -38.28 -28.07
CA ASP B 151 17.58 -38.86 -27.32
C ASP B 151 17.59 -38.25 -25.90
N LEU B 152 17.61 -36.91 -25.87
CA LEU B 152 17.68 -36.13 -24.62
C LEU B 152 16.58 -36.48 -23.63
N LEU B 153 15.36 -36.46 -24.15
CA LEU B 153 14.20 -36.86 -23.40
C LEU B 153 14.30 -38.29 -22.92
N ARG B 154 14.71 -39.19 -23.80
CA ARG B 154 14.80 -40.60 -23.43
C ARG B 154 15.86 -40.81 -22.38
N GLN B 155 17.01 -40.17 -22.59
CA GLN B 155 18.10 -40.14 -21.60
C GLN B 155 17.64 -39.65 -20.21
N MET B 156 16.96 -38.50 -20.21
CA MET B 156 16.38 -37.95 -18.98
C MET B 156 15.43 -38.95 -18.33
N GLY B 157 14.61 -39.63 -19.13
CA GLY B 157 13.71 -40.68 -18.63
C GLY B 157 14.39 -41.86 -17.95
N ALA B 158 15.46 -42.36 -18.57
CA ALA B 158 16.31 -43.41 -18.02
C ALA B 158 16.93 -43.07 -16.63
N GLY B 159 16.85 -41.80 -16.26
CA GLY B 159 17.43 -41.28 -15.01
C GLY B 159 18.90 -41.02 -15.21
N GLU B 160 19.25 -40.69 -16.46
CA GLU B 160 20.62 -40.75 -16.95
C GLU B 160 21.21 -39.40 -17.30
N ALA B 161 20.38 -38.54 -17.88
CA ALA B 161 20.71 -37.11 -18.05
C ALA B 161 20.05 -36.19 -16.97
N VAL B 162 20.85 -35.25 -16.45
CA VAL B 162 20.37 -34.07 -15.70
C VAL B 162 20.76 -32.79 -16.46
N ILE B 163 19.77 -32.11 -17.05
CA ILE B 163 20.02 -31.02 -17.98
C ILE B 163 19.61 -29.65 -17.41
N CYS B 164 20.51 -28.66 -17.62
CA CYS B 164 20.36 -27.28 -17.16
C CYS B 164 20.55 -26.40 -18.36
N GLY B 165 19.55 -25.58 -18.67
CA GLY B 165 19.77 -24.47 -19.58
C GLY B 165 20.72 -23.48 -18.93
N ALA B 166 21.63 -22.92 -19.72
CA ALA B 166 22.55 -21.88 -19.26
C ALA B 166 22.36 -20.63 -20.13
N VAL B 167 21.68 -19.62 -19.57
CA VAL B 167 21.16 -18.49 -20.36
C VAL B 167 21.90 -17.17 -20.23
N LYS B 168 22.11 -16.70 -19.01
CA LYS B 168 22.63 -15.35 -18.76
C LYS B 168 24.12 -15.20 -19.01
N ASP B 169 24.47 -14.44 -20.05
CA ASP B 169 25.85 -14.06 -20.38
C ASP B 169 26.47 -13.17 -19.33
N VAL B 170 27.74 -13.40 -19.00
CA VAL B 170 28.44 -12.51 -18.07
C VAL B 170 29.85 -12.20 -18.57
N ARG B 171 30.27 -10.94 -18.37
CA ARG B 171 31.51 -10.37 -18.91
C ARG B 171 31.66 -10.69 -20.41
N GLY B 172 30.83 -10.06 -21.23
CA GLY B 172 30.84 -10.35 -22.66
C GLY B 172 29.84 -11.44 -23.00
N THR B 173 29.60 -11.62 -24.30
CA THR B 173 28.59 -12.56 -24.79
C THR B 173 29.18 -13.93 -25.18
N THR B 174 28.37 -14.99 -25.17
CA THR B 174 28.98 -16.32 -25.37
C THR B 174 28.89 -16.85 -26.81
N VAL B 175 30.03 -17.37 -27.28
CA VAL B 175 30.23 -17.55 -28.71
C VAL B 175 30.53 -18.96 -29.18
N LEU B 176 29.66 -19.41 -30.09
CA LEU B 176 29.84 -20.62 -30.89
C LEU B 176 30.39 -20.22 -32.28
N THR B 177 31.44 -20.91 -32.73
CA THR B 177 32.13 -20.59 -33.99
C THR B 177 32.23 -21.81 -34.90
N TYR B 184 32.81 -27.19 -34.63
CA TYR B 184 32.33 -26.12 -33.74
C TYR B 184 33.09 -26.00 -32.39
N ARG B 185 33.49 -24.77 -32.06
CA ARG B 185 34.19 -24.49 -30.81
C ARG B 185 33.45 -23.40 -30.04
N LEU B 186 33.17 -23.69 -28.77
CA LEU B 186 32.39 -22.81 -27.88
C LEU B 186 33.24 -22.08 -26.81
N ASN B 187 33.12 -20.74 -26.81
CA ASN B 187 33.87 -19.85 -25.93
C ASN B 187 32.97 -18.85 -25.20
N GLY B 188 33.05 -18.85 -23.87
CA GLY B 188 32.19 -18.00 -23.08
C GLY B 188 32.09 -18.43 -21.64
N ARG B 189 31.13 -17.81 -20.96
CA ARG B 189 30.89 -17.97 -19.52
C ARG B 189 29.44 -17.58 -19.20
N LYS B 190 28.71 -18.47 -18.55
CA LYS B 190 27.35 -18.16 -18.18
C LYS B 190 27.29 -18.02 -16.66
N THR B 191 26.23 -17.38 -16.17
CA THR B 191 26.09 -17.15 -14.72
C THR B 191 24.76 -17.66 -14.17
N LEU B 192 24.67 -17.75 -12.84
CA LEU B 192 23.46 -18.25 -12.14
C LEU B 192 22.75 -19.43 -12.83
N VAL B 193 23.52 -20.48 -13.15
CA VAL B 193 22.94 -21.69 -13.72
C VAL B 193 22.58 -22.66 -12.59
N SER B 194 21.32 -22.62 -12.15
CA SER B 194 21.04 -23.36 -10.96
C SER B 194 21.21 -24.83 -11.31
N MET B 195 21.85 -25.57 -10.40
CA MET B 195 21.98 -27.02 -10.51
C MET B 195 23.12 -27.52 -11.41
N ALA B 196 23.84 -26.60 -12.05
CA ALA B 196 25.01 -26.99 -12.84
C ALA B 196 25.98 -27.88 -12.03
N GLY B 197 25.91 -27.86 -10.70
CA GLY B 197 26.80 -28.70 -9.87
C GLY B 197 26.80 -30.20 -10.14
N ILE B 198 25.68 -30.73 -10.63
CA ILE B 198 25.50 -32.18 -10.77
C ILE B 198 24.78 -32.40 -12.05
N ALA B 199 24.78 -31.40 -12.93
CA ALA B 199 24.19 -31.55 -14.26
C ALA B 199 25.09 -32.44 -15.09
N THR B 200 24.48 -33.20 -16.00
CA THR B 200 25.23 -34.01 -16.98
C THR B 200 25.34 -33.34 -18.37
N HIS B 201 24.49 -32.35 -18.62
CA HIS B 201 24.53 -31.62 -19.88
C HIS B 201 23.95 -30.28 -19.68
N TYR B 202 24.48 -29.31 -20.44
CA TYR B 202 23.99 -27.94 -20.44
C TYR B 202 23.44 -27.59 -21.80
N VAL B 203 22.30 -26.91 -21.82
CA VAL B 203 21.73 -26.38 -23.06
C VAL B 203 22.09 -24.92 -23.04
N VAL B 204 22.84 -24.50 -24.04
CA VAL B 204 23.60 -23.27 -23.89
C VAL B 204 23.23 -22.26 -24.93
N SER B 205 22.59 -21.18 -24.50
CA SER B 205 22.17 -20.09 -25.37
C SER B 205 23.40 -19.34 -25.81
N THR B 206 23.52 -19.13 -27.11
CA THR B 206 24.72 -18.48 -27.69
C THR B 206 24.43 -17.71 -28.96
N ARG B 207 25.39 -16.86 -29.33
CA ARG B 207 25.50 -16.31 -30.68
C ARG B 207 26.47 -17.15 -31.57
N LEU B 208 25.90 -17.87 -32.55
CA LEU B 208 26.67 -18.59 -33.60
C LEU B 208 27.23 -17.63 -34.71
N GLU B 209 28.57 -17.62 -34.86
CA GLU B 209 29.32 -16.58 -35.64
C GLU B 209 30.08 -17.05 -36.87
N GLU B 210 29.89 -16.30 -37.96
CA GLU B 210 30.53 -16.53 -39.26
C GLU B 210 31.05 -15.22 -39.83
N ARG B 216 23.79 -15.09 -36.42
CA ARG B 216 22.52 -15.66 -35.94
C ARG B 216 22.59 -16.39 -34.56
N LEU B 217 21.50 -17.08 -34.13
CA LEU B 217 21.41 -17.65 -32.76
C LEU B 217 21.16 -19.18 -32.63
N ALA B 218 21.65 -19.78 -31.54
CA ALA B 218 21.63 -21.27 -31.38
C ALA B 218 21.84 -21.74 -29.96
N ALA B 219 21.39 -22.96 -29.67
CA ALA B 219 21.51 -23.62 -28.34
C ALA B 219 22.14 -25.03 -28.44
N PRO B 220 23.47 -25.08 -28.53
CA PRO B 220 24.20 -26.34 -28.43
C PRO B 220 23.96 -27.05 -27.09
N VAL B 221 23.82 -28.36 -27.15
CA VAL B 221 23.73 -29.21 -25.97
C VAL B 221 25.12 -29.75 -25.62
N VAL B 222 25.67 -29.35 -24.48
CA VAL B 222 27.07 -29.64 -24.18
C VAL B 222 27.19 -30.54 -22.93
N ALA B 223 27.91 -31.64 -23.06
CA ALA B 223 28.06 -32.59 -21.94
C ALA B 223 28.95 -32.03 -20.78
N ARG B 224 28.67 -32.49 -19.58
CA ARG B 224 29.47 -32.15 -18.42
C ARG B 224 30.94 -32.50 -18.68
N THR B 225 31.19 -33.67 -19.26
CA THR B 225 32.55 -34.17 -19.44
C THR B 225 33.34 -33.55 -20.59
N THR B 226 32.69 -32.78 -21.47
CA THR B 226 33.39 -31.97 -22.51
C THR B 226 34.68 -31.25 -22.05
N PRO B 227 35.79 -31.43 -22.79
CA PRO B 227 37.04 -30.69 -22.47
C PRO B 227 36.96 -29.14 -22.61
N GLY B 228 37.64 -28.44 -21.68
CA GLY B 228 37.70 -26.98 -21.64
C GLY B 228 36.49 -26.34 -20.97
N LEU B 229 35.62 -27.19 -20.41
CA LEU B 229 34.48 -26.79 -19.59
C LEU B 229 34.80 -26.78 -18.08
N THR B 230 34.44 -25.68 -17.40
CA THR B 230 34.64 -25.50 -15.94
C THR B 230 33.36 -25.07 -15.20
N VAL B 231 33.23 -25.62 -14.00
CA VAL B 231 32.12 -25.24 -13.15
C VAL B 231 32.81 -24.53 -12.02
N LEU B 232 32.40 -23.26 -11.81
CA LEU B 232 32.91 -22.40 -10.74
C LEU B 232 32.15 -22.55 -9.44
N ASP B 233 32.84 -22.39 -8.32
CA ASP B 233 32.21 -22.53 -7.00
C ASP B 233 31.95 -21.13 -6.46
N ASN B 234 31.23 -20.30 -7.22
CA ASN B 234 31.11 -18.88 -6.86
C ASN B 234 29.69 -18.38 -6.49
N TRP B 235 28.76 -19.27 -6.21
CA TRP B 235 27.41 -18.88 -5.85
C TRP B 235 27.31 -18.27 -4.46
N ASP B 236 27.10 -16.96 -4.36
CA ASP B 236 26.92 -16.41 -3.02
C ASP B 236 25.61 -15.64 -2.79
N GLY B 237 24.50 -16.24 -3.19
CA GLY B 237 23.17 -15.65 -3.04
C GLY B 237 22.81 -15.35 -1.59
N MET B 238 22.08 -14.28 -1.40
CA MET B 238 21.49 -13.97 -0.13
C MET B 238 20.46 -15.07 0.19
N GLY B 239 19.67 -15.47 -0.82
CA GLY B 239 18.72 -16.57 -0.70
C GLY B 239 18.84 -17.53 -1.87
N MET B 240 17.93 -18.51 -1.97
CA MET B 240 18.05 -19.56 -2.98
C MET B 240 19.42 -20.24 -2.90
N ARG B 241 19.98 -20.34 -1.70
CA ARG B 241 21.38 -20.82 -1.66
C ARG B 241 21.58 -22.32 -1.96
N SER B 242 20.60 -23.14 -1.64
CA SER B 242 20.76 -24.54 -1.95
C SER B 242 20.58 -24.81 -3.45
N SER B 243 20.33 -23.77 -4.24
CA SER B 243 20.07 -23.97 -5.65
C SER B 243 21.32 -24.19 -6.49
N GLY B 244 22.48 -24.09 -5.85
CA GLY B 244 23.77 -23.99 -6.56
C GLY B 244 23.79 -23.26 -7.90
N SER B 245 23.38 -21.98 -7.92
CA SER B 245 23.43 -21.17 -9.17
C SER B 245 24.77 -20.57 -9.44
N VAL B 246 25.62 -21.43 -9.97
CA VAL B 246 27.06 -21.21 -10.16
C VAL B 246 27.36 -20.78 -11.58
N ASP B 247 28.57 -20.29 -11.80
CA ASP B 247 29.00 -19.89 -13.12
C ASP B 247 29.67 -21.07 -13.90
N ILE B 248 29.56 -21.07 -15.23
CA ILE B 248 30.19 -22.10 -16.07
C ILE B 248 31.09 -21.39 -17.07
N VAL B 249 32.32 -21.90 -17.25
CA VAL B 249 33.20 -21.36 -18.28
C VAL B 249 33.44 -22.35 -19.40
N PHE B 250 33.26 -21.85 -20.64
CA PHE B 250 33.57 -22.58 -21.88
C PHE B 250 34.82 -22.02 -22.52
N ASP B 251 35.85 -22.85 -22.62
CA ASP B 251 37.12 -22.36 -23.12
C ASP B 251 37.59 -23.29 -24.24
N GLY B 252 37.24 -22.95 -25.48
CA GLY B 252 37.46 -23.84 -26.63
C GLY B 252 36.93 -25.26 -26.47
N CYS B 253 35.64 -25.36 -26.26
CA CYS B 253 34.98 -26.64 -26.05
C CYS B 253 34.51 -27.16 -27.40
N PRO B 254 34.67 -28.48 -27.62
CA PRO B 254 34.12 -29.16 -28.79
C PRO B 254 32.60 -29.36 -28.76
N VAL B 255 31.97 -29.22 -29.92
CA VAL B 255 30.56 -29.54 -30.08
C VAL B 255 30.25 -29.97 -31.53
N ASP B 256 29.82 -31.22 -31.68
CA ASP B 256 29.46 -31.81 -32.98
C ASP B 256 28.11 -31.27 -33.42
N ARG B 257 27.89 -31.08 -34.74
CA ARG B 257 26.58 -30.57 -35.24
C ARG B 257 25.38 -31.47 -34.86
N ASP B 258 25.63 -32.75 -34.54
CA ASP B 258 24.59 -33.68 -34.05
C ASP B 258 23.92 -33.25 -32.72
N ARG B 259 24.45 -32.21 -32.09
CA ARG B 259 23.99 -31.72 -30.77
C ARG B 259 23.63 -30.19 -30.71
N VAL B 260 23.43 -29.56 -31.89
CA VAL B 260 23.04 -28.13 -32.04
C VAL B 260 21.52 -27.98 -32.31
N LEU B 261 20.81 -27.24 -31.45
CA LEU B 261 19.40 -26.86 -31.69
C LEU B 261 19.37 -25.40 -32.14
N PRO B 262 18.74 -25.09 -33.30
CA PRO B 262 18.81 -23.70 -33.82
C PRO B 262 17.81 -22.76 -33.13
N ARG B 263 18.04 -21.44 -33.20
CA ARG B 263 17.14 -20.48 -32.52
C ARG B 263 16.95 -19.12 -33.23
N GLY B 264 16.24 -19.10 -34.35
CA GLY B 264 15.87 -17.84 -35.02
C GLY B 264 17.05 -16.91 -35.27
N GLU B 265 16.80 -15.60 -35.23
CA GLU B 265 17.84 -14.63 -35.54
C GLU B 265 17.91 -13.43 -34.59
N PRO B 266 19.12 -12.88 -34.37
CA PRO B 266 19.28 -11.73 -33.47
C PRO B 266 19.03 -10.38 -34.16
N ASP B 270 10.29 -10.26 -31.94
CA ASP B 270 9.53 -11.42 -32.37
C ASP B 270 8.53 -12.00 -31.32
N ASP B 271 7.24 -11.74 -31.55
CA ASP B 271 6.20 -12.08 -30.56
C ASP B 271 5.89 -13.57 -30.35
N ALA B 272 6.05 -14.38 -31.38
CA ALA B 272 5.77 -15.81 -31.22
C ALA B 272 6.71 -16.46 -30.21
N ALA B 273 7.90 -15.88 -30.01
CA ALA B 273 8.91 -16.45 -29.08
C ALA B 273 8.46 -16.38 -27.64
N LEU B 274 7.62 -15.37 -27.37
CA LEU B 274 6.97 -15.20 -26.08
C LEU B 274 6.39 -16.49 -25.54
N ALA B 275 5.89 -17.36 -26.42
CA ALA B 275 5.33 -18.64 -26.01
C ALA B 275 6.35 -19.54 -25.28
N GLY B 276 7.50 -19.79 -25.92
CA GLY B 276 8.60 -20.52 -25.30
C GLY B 276 9.10 -19.95 -23.98
N GLN B 277 9.29 -18.62 -24.00
CA GLN B 277 9.61 -17.82 -22.82
C GLN B 277 8.61 -18.05 -21.70
N THR B 278 7.33 -18.14 -22.01
CA THR B 278 6.35 -18.51 -21.00
C THR B 278 6.53 -19.94 -20.54
N VAL B 279 6.59 -20.87 -21.50
CA VAL B 279 6.66 -22.28 -21.18
C VAL B 279 7.81 -22.53 -20.23
N SER B 280 8.94 -21.86 -20.46
CA SER B 280 10.14 -22.14 -19.66
C SER B 280 10.30 -21.45 -18.31
N SER B 281 9.39 -20.55 -17.93
CA SER B 281 9.61 -19.84 -16.66
C SER B 281 8.38 -19.86 -15.77
N ILE B 282 7.21 -19.92 -16.39
CA ILE B 282 6.01 -19.71 -15.64
C ILE B 282 5.89 -20.65 -14.42
N ALA B 283 6.29 -21.91 -14.48
CA ALA B 283 6.08 -22.71 -13.28
C ALA B 283 6.95 -22.22 -12.11
N MET B 284 7.98 -21.43 -12.38
CA MET B 284 8.74 -20.88 -11.24
C MET B 284 7.84 -20.09 -10.26
N LEU B 285 6.73 -19.55 -10.76
CA LEU B 285 5.86 -18.80 -9.88
C LEU B 285 5.37 -19.66 -8.70
N GLY B 286 5.34 -20.99 -8.89
CA GLY B 286 4.85 -21.87 -7.81
C GLY B 286 5.80 -21.81 -6.61
N ILE B 287 7.10 -21.70 -6.90
CA ILE B 287 8.08 -21.53 -5.84
C ILE B 287 7.73 -20.47 -4.78
N TYR B 288 7.35 -19.28 -5.24
CA TYR B 288 7.15 -18.15 -4.33
C TYR B 288 5.83 -18.29 -3.62
N VAL B 289 4.84 -18.87 -4.30
CA VAL B 289 3.59 -19.21 -3.65
C VAL B 289 3.85 -20.17 -2.50
N GLY B 290 4.65 -21.19 -2.77
CA GLY B 290 5.07 -22.16 -1.75
C GLY B 290 5.80 -21.51 -0.59
N ILE B 291 6.76 -20.64 -0.89
CA ILE B 291 7.40 -19.87 0.18
C ILE B 291 6.40 -19.09 1.04
N ALA B 292 5.45 -18.45 0.38
CA ALA B 292 4.42 -17.71 1.10
C ALA B 292 3.57 -18.61 1.98
N GLU B 293 3.17 -19.78 1.46
CA GLU B 293 2.33 -20.69 2.26
C GLU B 293 3.08 -21.20 3.48
N ALA B 294 4.39 -21.41 3.29
CA ALA B 294 5.26 -21.92 4.30
C ALA B 294 5.39 -20.92 5.41
N ALA B 295 5.59 -19.67 5.04
CA ALA B 295 5.65 -18.61 6.05
C ALA B 295 4.38 -18.56 6.88
N ARG B 296 3.27 -18.69 6.20
CA ARG B 296 1.96 -18.56 6.81
C ARG B 296 1.75 -19.66 7.84
N ARG B 297 2.05 -20.90 7.44
CA ARG B 297 1.99 -22.05 8.31
C ARG B 297 2.83 -21.82 9.56
N ILE B 298 4.12 -21.56 9.38
CA ILE B 298 4.92 -21.27 10.53
C ILE B 298 4.34 -20.19 11.45
N ALA B 299 3.82 -19.09 10.88
CA ALA B 299 3.31 -18.02 11.73
C ALA B 299 2.00 -18.38 12.41
N LEU B 300 1.12 -19.08 11.68
CA LEU B 300 -0.14 -19.54 12.28
C LEU B 300 0.10 -20.53 13.40
N THR B 301 0.99 -21.47 13.18
CA THR B 301 1.38 -22.35 14.25
C THR B 301 1.86 -21.59 15.48
N GLU B 302 2.77 -20.64 15.24
CA GLU B 302 3.37 -19.94 16.34
C GLU B 302 2.33 -19.14 17.07
N LEU B 303 1.41 -18.53 16.32
CA LEU B 303 0.39 -17.69 16.95
C LEU B 303 -0.64 -18.49 17.74
N ARG B 304 -1.00 -19.66 17.19
CA ARG B 304 -1.90 -20.59 17.85
C ARG B 304 -1.36 -21.13 19.17
N ARG B 305 -0.11 -21.62 19.21
CA ARG B 305 0.42 -22.04 20.51
C ARG B 305 0.57 -20.83 21.47
N ARG B 306 0.19 -19.64 21.05
CA ARG B 306 0.69 -18.46 21.77
C ARG B 306 -0.31 -17.71 22.64
N GLY B 307 -1.60 -17.72 22.28
CA GLY B 307 -2.51 -16.77 22.89
C GLY B 307 -3.93 -17.25 22.79
N GLY B 308 -4.89 -16.33 22.58
CA GLY B 308 -4.59 -14.91 22.44
C GLY B 308 -4.59 -14.46 20.98
N ALA B 309 -5.25 -13.32 20.74
CA ALA B 309 -5.26 -12.66 19.43
C ALA B 309 -5.42 -11.13 19.53
N PRO B 310 -4.30 -10.39 19.74
CA PRO B 310 -4.41 -8.91 19.68
C PRO B 310 -4.84 -8.34 18.28
N ALA B 311 -5.28 -7.08 18.27
CA ALA B 311 -5.99 -6.43 17.14
C ALA B 311 -5.16 -6.36 15.88
N GLY B 312 -3.83 -6.27 16.09
CA GLY B 312 -2.81 -6.18 15.07
C GLY B 312 -2.66 -7.54 14.44
N VAL B 313 -2.73 -8.57 15.27
CA VAL B 313 -2.57 -9.93 14.81
C VAL B 313 -3.77 -10.33 13.93
N ARG B 314 -4.99 -9.93 14.28
CA ARG B 314 -6.14 -10.38 13.48
C ARG B 314 -6.10 -9.77 12.07
N THR B 315 -6.02 -8.45 12.03
CA THR B 315 -5.86 -7.73 10.78
C THR B 315 -4.77 -8.33 9.89
N THR B 316 -3.56 -8.47 10.40
CA THR B 316 -2.50 -8.97 9.57
C THR B 316 -2.84 -10.39 9.07
N VAL B 317 -3.36 -11.23 9.94
CA VAL B 317 -3.68 -12.57 9.46
C VAL B 317 -4.64 -12.46 8.23
N ALA B 318 -5.61 -11.54 8.28
CA ALA B 318 -6.62 -11.54 7.24
C ALA B 318 -6.00 -11.03 5.93
N GLU B 319 -5.20 -9.98 6.06
CA GLU B 319 -4.33 -9.46 5.02
C GLU B 319 -3.47 -10.54 4.34
N ILE B 320 -2.91 -11.43 5.15
CA ILE B 320 -2.05 -12.50 4.66
C ILE B 320 -2.88 -13.47 3.86
N ASP B 321 -3.99 -13.91 4.44
CA ASP B 321 -4.78 -14.93 3.77
C ASP B 321 -5.44 -14.40 2.51
N ALA B 322 -5.78 -13.09 2.55
CA ALA B 322 -6.36 -12.46 1.38
C ALA B 322 -5.32 -12.44 0.25
N ARG B 323 -4.07 -12.05 0.52
CA ARG B 323 -3.08 -12.03 -0.55
C ARG B 323 -2.81 -13.41 -1.03
N LEU B 324 -2.74 -14.34 -0.08
CA LEU B 324 -2.45 -15.73 -0.44
C LEU B 324 -3.50 -16.23 -1.41
N PHE B 325 -4.73 -15.87 -1.14
CA PHE B 325 -5.82 -16.26 -2.00
C PHE B 325 -5.60 -15.65 -3.40
N ALA B 326 -5.24 -14.37 -3.45
CA ALA B 326 -5.02 -13.73 -4.73
C ALA B 326 -3.86 -14.37 -5.49
N LEU B 327 -2.81 -14.69 -4.76
CA LEU B 327 -1.67 -15.34 -5.35
C LEU B 327 -2.13 -16.66 -6.02
N HIS B 328 -2.91 -17.47 -5.32
CA HIS B 328 -3.33 -18.74 -5.86
C HIS B 328 -4.16 -18.56 -7.10
N THR B 329 -5.07 -17.59 -7.09
CA THR B 329 -6.02 -17.54 -8.19
C THR B 329 -5.36 -16.92 -9.42
N ALA B 330 -4.48 -15.96 -9.17
CA ALA B 330 -3.78 -15.29 -10.26
C ALA B 330 -2.83 -16.25 -10.94
N VAL B 331 -2.12 -17.02 -10.13
CA VAL B 331 -1.08 -17.86 -10.63
C VAL B 331 -1.76 -19.00 -11.35
N ALA B 332 -2.81 -19.55 -10.75
CA ALA B 332 -3.48 -20.68 -11.39
C ALA B 332 -4.11 -20.28 -12.70
N SER B 333 -4.61 -19.05 -12.79
CA SER B 333 -5.25 -18.57 -14.03
C SER B 333 -4.27 -18.55 -15.18
N ALA B 334 -3.14 -17.90 -14.92
CA ALA B 334 -2.05 -17.78 -15.86
C ALA B 334 -1.46 -19.16 -16.28
N LEU B 335 -1.33 -20.06 -15.32
CA LEU B 335 -0.91 -21.40 -15.64
C LEU B 335 -1.93 -22.15 -16.52
N THR B 336 -3.21 -22.04 -16.17
CA THR B 336 -4.29 -22.56 -17.04
C THR B 336 -4.16 -22.07 -18.48
N THR B 337 -3.85 -20.79 -18.66
CA THR B 337 -3.63 -20.23 -19.99
C THR B 337 -2.44 -20.86 -20.68
N ALA B 338 -1.30 -20.96 -20.02
CA ALA B 338 -0.14 -21.51 -20.70
C ALA B 338 -0.41 -22.96 -21.07
N ASP B 339 -1.07 -23.72 -20.20
CA ASP B 339 -1.40 -25.12 -20.49
C ASP B 339 -2.38 -25.27 -21.66
N ARG B 340 -3.48 -24.52 -21.63
CA ARG B 340 -4.40 -24.50 -22.76
C ARG B 340 -3.73 -24.18 -24.12
N LEU B 341 -2.83 -23.20 -24.15
CA LEU B 341 -2.18 -22.84 -25.42
C LEU B 341 -0.90 -23.65 -25.75
N ALA B 342 -0.43 -24.45 -24.79
CA ALA B 342 0.89 -25.04 -24.90
C ALA B 342 1.01 -25.83 -26.20
N ASP B 343 -0.12 -26.40 -26.62
CA ASP B 343 -0.10 -27.42 -27.64
C ASP B 343 -1.02 -27.10 -28.75
N ASP B 344 -1.47 -25.87 -28.74
CA ASP B 344 -2.33 -25.35 -29.74
C ASP B 344 -1.57 -24.36 -30.60
N LEU B 345 -1.09 -24.84 -31.76
CA LEU B 345 -0.42 -23.97 -32.73
C LEU B 345 -1.30 -23.60 -33.91
N SER B 346 -2.62 -23.69 -33.71
CA SER B 346 -3.63 -23.58 -34.76
C SER B 346 -3.85 -22.15 -35.24
N GLY B 347 -3.61 -21.20 -34.34
CA GLY B 347 -4.01 -19.82 -34.58
C GLY B 347 -2.93 -18.96 -35.15
N ASP B 348 -3.08 -17.65 -34.98
CA ASP B 348 -1.99 -16.72 -35.19
C ASP B 348 -0.94 -16.90 -34.08
N LEU B 349 0.28 -17.25 -34.45
CA LEU B 349 1.33 -17.64 -33.49
C LEU B 349 1.88 -16.46 -32.67
N ALA B 350 1.80 -15.26 -33.24
CA ALA B 350 2.19 -14.03 -32.55
C ALA B 350 1.21 -13.72 -31.41
N ALA B 351 -0.07 -13.63 -31.76
CA ALA B 351 -1.04 -13.29 -30.73
C ALA B 351 -1.09 -14.41 -29.73
N ARG B 352 -0.77 -15.60 -30.18
CA ARG B 352 -0.65 -16.72 -29.28
C ARG B 352 0.44 -16.42 -28.26
N GLY B 353 1.52 -15.78 -28.72
CA GLY B 353 2.64 -15.49 -27.84
C GLY B 353 2.25 -14.56 -26.74
N ARG B 354 1.78 -13.37 -27.16
CA ARG B 354 1.28 -12.36 -26.23
C ARG B 354 0.24 -12.96 -25.28
N ALA B 355 -0.63 -13.82 -25.80
CA ALA B 355 -1.72 -14.38 -24.99
C ALA B 355 -1.24 -15.18 -23.77
N MET B 356 0.00 -15.65 -23.84
CA MET B 356 0.58 -16.49 -22.82
C MET B 356 1.41 -15.62 -21.86
N MET B 357 2.06 -14.60 -22.40
CA MET B 357 3.00 -13.79 -21.67
C MET B 357 2.28 -12.79 -20.79
N THR B 358 1.30 -12.15 -21.37
CA THR B 358 0.58 -11.14 -20.63
C THR B 358 0.05 -11.68 -19.32
N PRO B 359 -0.61 -12.85 -19.30
CA PRO B 359 -1.04 -13.24 -17.96
C PRO B 359 0.12 -13.59 -17.03
N PHE B 360 1.04 -14.37 -17.56
CA PHE B 360 2.29 -14.70 -16.88
C PHE B 360 2.87 -13.45 -16.19
N GLN B 361 3.01 -12.37 -16.95
CA GLN B 361 3.51 -11.10 -16.43
C GLN B 361 2.65 -10.37 -15.36
N TYR B 362 1.33 -10.48 -15.48
CA TYR B 362 0.44 -9.96 -14.43
C TYR B 362 0.66 -10.78 -13.17
N ALA B 363 0.61 -12.10 -13.30
CA ALA B 363 0.90 -12.97 -12.18
C ALA B 363 2.26 -12.66 -11.55
N LYS B 364 3.29 -12.45 -12.37
CA LYS B 364 4.61 -12.31 -11.80
C LYS B 364 4.70 -11.01 -11.01
N LEU B 365 4.13 -9.97 -11.60
CA LEU B 365 4.02 -8.64 -10.97
C LEU B 365 3.33 -8.80 -9.63
N LEU B 366 2.16 -9.46 -9.60
CA LEU B 366 1.46 -9.75 -8.33
C LEU B 366 2.29 -10.57 -7.32
N VAL B 367 2.96 -11.63 -7.80
CA VAL B 367 3.72 -12.53 -6.93
C VAL B 367 4.91 -11.81 -6.36
N ASN B 368 5.64 -11.09 -7.21
CA ASN B 368 6.88 -10.48 -6.74
C ASN B 368 6.51 -9.43 -5.72
N ARG B 369 5.29 -8.90 -5.79
CA ARG B 369 4.95 -7.90 -4.82
C ARG B 369 4.40 -8.56 -3.55
N HIS B 370 3.44 -9.49 -3.69
CA HIS B 370 2.75 -10.06 -2.53
C HIS B 370 3.40 -11.21 -1.83
N SER B 371 4.18 -12.03 -2.54
CA SER B 371 4.80 -13.11 -1.82
C SER B 371 5.82 -12.55 -0.83
N VAL B 372 6.56 -11.51 -1.23
CA VAL B 372 7.47 -10.83 -0.32
C VAL B 372 6.71 -10.21 0.84
N GLY B 373 5.62 -9.55 0.54
CA GLY B 373 4.83 -8.93 1.61
C GLY B 373 4.23 -9.90 2.62
N VAL B 374 3.61 -10.98 2.12
CA VAL B 374 3.18 -12.09 3.00
C VAL B 374 4.32 -12.61 3.88
N VAL B 375 5.46 -12.91 3.29
CA VAL B 375 6.59 -13.34 4.12
C VAL B 375 7.01 -12.33 5.18
N ASP B 376 7.09 -11.07 4.81
CA ASP B 376 7.37 -10.00 5.77
C ASP B 376 6.36 -9.96 6.89
N ASP B 377 5.08 -9.99 6.56
CA ASP B 377 4.07 -9.93 7.60
C ASP B 377 4.13 -11.17 8.54
N CYS B 378 4.48 -12.32 7.97
CA CYS B 378 4.66 -13.52 8.76
C CYS B 378 5.79 -13.35 9.74
N LEU B 379 6.95 -12.92 9.25
CA LEU B 379 8.08 -12.68 10.11
C LEU B 379 7.71 -11.68 11.22
N MET B 380 6.97 -10.64 10.89
CA MET B 380 6.53 -9.68 11.87
C MET B 380 5.73 -10.38 12.97
N LEU B 381 4.75 -11.18 12.57
CA LEU B 381 3.86 -11.84 13.54
C LEU B 381 4.60 -12.80 14.47
N VAL B 382 5.58 -13.51 13.93
CA VAL B 382 6.36 -14.40 14.77
C VAL B 382 7.33 -13.64 15.69
N GLY B 383 8.01 -12.63 15.20
CA GLY B 383 8.85 -11.82 16.09
C GLY B 383 10.33 -12.12 15.94
N GLY B 384 11.13 -11.63 16.87
CA GLY B 384 12.57 -11.64 16.72
C GLY B 384 13.21 -12.99 16.49
N ALA B 385 12.59 -14.06 16.97
CA ALA B 385 13.26 -15.36 16.88
C ALA B 385 13.49 -15.65 15.40
N GLY B 386 12.57 -15.18 14.56
CA GLY B 386 12.65 -15.35 13.12
C GLY B 386 13.76 -14.54 12.49
N TYR B 387 14.41 -13.67 13.26
CA TYR B 387 15.46 -12.83 12.69
C TYR B 387 16.81 -13.53 12.63
N SER B 388 16.90 -14.57 13.44
CA SER B 388 18.08 -15.38 13.56
C SER B 388 18.25 -16.13 12.24
N ASN B 389 19.45 -16.06 11.70
CA ASN B 389 19.65 -16.48 10.30
C ASN B 389 19.30 -17.92 10.00
N SER B 390 19.27 -18.74 11.02
CA SER B 390 19.18 -20.18 10.90
C SER B 390 17.73 -20.62 10.97
N HIS B 391 16.94 -19.80 11.66
CA HIS B 391 15.48 -19.92 11.72
C HIS B 391 14.84 -20.02 10.37
N PRO B 392 13.87 -20.92 10.25
CA PRO B 392 13.25 -21.13 8.93
C PRO B 392 12.66 -19.86 8.24
N LEU B 393 12.04 -18.92 8.97
CA LEU B 393 11.54 -17.66 8.35
C LEU B 393 12.64 -16.80 7.75
N ALA B 394 13.75 -16.67 8.49
CA ALA B 394 14.88 -15.97 7.96
C ALA B 394 15.25 -16.54 6.61
N ARG B 395 15.21 -17.85 6.48
CA ARG B 395 15.60 -18.50 5.22
C ARG B 395 14.55 -18.15 4.18
N LEU B 396 13.28 -18.17 4.59
CA LEU B 396 12.18 -17.88 3.68
C LEU B 396 12.16 -16.41 3.26
N TYR B 397 12.41 -15.54 4.21
CA TYR B 397 12.56 -14.12 3.91
C TYR B 397 13.68 -13.85 2.89
N ARG B 398 14.80 -14.57 2.97
CA ARG B 398 15.88 -14.29 2.01
C ARG B 398 15.58 -14.90 0.66
N ASP B 399 14.92 -16.05 0.71
CA ASP B 399 14.64 -16.88 -0.44
C ASP B 399 13.66 -16.17 -1.34
N VAL B 400 12.62 -15.58 -0.74
CA VAL B 400 11.48 -15.11 -1.51
C VAL B 400 11.80 -13.87 -2.35
N ARG B 401 12.82 -13.15 -1.94
CA ARG B 401 13.19 -11.93 -2.63
C ARG B 401 13.85 -12.21 -3.99
N ALA B 402 14.17 -13.47 -4.29
CA ALA B 402 14.83 -13.81 -5.56
C ALA B 402 13.93 -13.54 -6.78
N GLY B 403 12.62 -13.73 -6.64
CA GLY B 403 11.78 -13.70 -7.78
C GLY B 403 11.79 -12.44 -8.60
N GLY B 404 11.90 -11.29 -7.93
CA GLY B 404 11.77 -10.06 -8.67
C GLY B 404 12.87 -9.78 -9.68
N PHE B 405 14.05 -10.37 -9.56
CA PHE B 405 15.01 -10.09 -10.62
C PHE B 405 14.89 -11.05 -11.80
N MET B 406 14.09 -12.13 -11.66
CA MET B 406 14.07 -13.20 -12.68
C MET B 406 13.48 -12.73 -13.99
N HIS B 407 14.05 -13.16 -15.12
CA HIS B 407 13.62 -12.62 -16.44
C HIS B 407 13.01 -13.76 -17.23
N PRO B 408 11.94 -13.51 -18.03
CA PRO B 408 11.12 -12.28 -18.18
C PRO B 408 10.01 -12.20 -17.10
N TYR B 409 9.61 -10.98 -16.66
CA TYR B 409 10.44 -9.79 -16.70
C TYR B 409 10.64 -9.34 -15.26
N ASN B 410 11.64 -8.49 -15.03
CA ASN B 410 11.76 -7.76 -13.80
C ASN B 410 10.73 -6.62 -13.86
N PHE B 411 10.72 -5.75 -12.84
CA PHE B 411 9.68 -4.71 -12.72
C PHE B 411 9.72 -3.73 -13.87
N THR B 412 10.87 -3.10 -14.13
CA THR B 412 11.08 -2.19 -15.27
C THR B 412 10.60 -2.80 -16.60
N ASP B 413 11.06 -4.01 -16.91
CA ASP B 413 10.73 -4.58 -18.21
C ASP B 413 9.28 -5.05 -18.27
N GLY B 414 8.78 -5.55 -17.13
CA GLY B 414 7.36 -5.86 -16.95
C GLY B 414 6.47 -4.66 -17.28
N VAL B 415 6.88 -3.48 -16.81
CA VAL B 415 6.11 -2.26 -17.04
C VAL B 415 6.07 -1.97 -18.51
N ASP B 416 7.24 -1.98 -19.17
CA ASP B 416 7.35 -1.77 -20.64
C ASP B 416 6.37 -2.66 -21.38
N TYR B 417 6.44 -3.95 -21.08
CA TYR B 417 5.65 -4.93 -21.79
C TYR B 417 4.13 -4.65 -21.62
N LEU B 418 3.72 -4.54 -20.37
CA LEU B 418 2.32 -4.53 -20.06
C LEU B 418 1.67 -3.20 -20.45
N SER B 419 2.42 -2.10 -20.28
CA SER B 419 1.87 -0.85 -20.75
C SER B 419 1.75 -0.86 -22.27
N GLU B 420 2.72 -1.47 -22.97
CA GLU B 420 2.60 -1.59 -24.43
C GLU B 420 1.44 -2.43 -24.87
N VAL B 421 1.23 -3.53 -24.20
CA VAL B 421 0.01 -4.28 -24.41
C VAL B 421 -1.19 -3.34 -24.26
N ALA B 422 -1.20 -2.48 -23.24
CA ALA B 422 -2.42 -1.71 -22.92
C ALA B 422 -2.57 -0.53 -23.87
N LEU B 423 -1.46 0.14 -24.17
CA LEU B 423 -1.48 1.40 -24.89
C LEU B 423 -1.38 1.30 -26.40
N GLY B 424 -0.76 0.22 -26.91
CA GLY B 424 -0.51 0.05 -28.35
C GLY B 424 0.79 0.75 -28.73
N ARG B 425 0.98 1.98 -28.23
CA ARG B 425 2.26 2.72 -28.33
C ARG B 425 3.30 2.18 -27.30
N GLY C 31 -6.85 17.25 17.49
CA GLY C 31 -6.43 16.23 16.46
C GLY C 31 -5.19 15.45 16.89
N VAL C 32 -4.26 15.24 15.95
CA VAL C 32 -2.95 14.54 16.13
C VAL C 32 -1.78 15.55 16.32
N LEU C 33 -0.89 15.26 17.28
CA LEU C 33 0.09 16.25 17.83
C LEU C 33 1.56 16.16 17.32
N ALA C 34 1.90 17.04 16.36
CA ALA C 34 3.25 17.09 15.81
C ALA C 34 3.97 18.36 16.26
N ASP C 35 5.24 18.20 16.64
CA ASP C 35 6.04 19.31 17.20
C ASP C 35 6.37 20.39 16.16
N ASN C 36 6.95 20.01 15.02
CA ASN C 36 6.94 20.93 13.89
C ASN C 36 5.90 20.47 12.87
N GLY C 37 4.63 20.56 13.27
CA GLY C 37 3.46 20.21 12.45
C GLY C 37 2.75 21.46 12.00
N LEU C 38 1.56 21.30 11.49
CA LEU C 38 0.82 22.50 11.19
C LEU C 38 -0.08 22.73 12.37
N CYS C 39 0.52 22.97 13.53
CA CYS C 39 -0.31 22.99 14.74
C CYS C 39 -0.57 24.38 15.31
N GLU C 40 0.47 25.12 15.62
CA GLU C 40 0.27 26.47 16.15
C GLU C 40 0.95 27.42 15.17
N PRO C 41 0.59 28.74 15.14
CA PRO C 41 1.22 29.68 14.19
C PRO C 41 2.66 29.96 14.50
N LYS C 42 3.44 30.34 13.51
CA LYS C 42 4.82 30.71 13.77
C LYS C 42 4.99 32.20 14.02
N THR C 43 4.04 33.03 13.55
CA THR C 43 4.17 34.52 13.61
C THR C 43 3.00 35.20 14.36
N PRO C 44 3.25 36.37 15.01
CA PRO C 44 2.12 37.10 15.63
C PRO C 44 1.00 37.49 14.65
N ALA C 45 1.33 38.03 13.48
CA ALA C 45 0.33 38.30 12.43
C ALA C 45 -0.47 37.04 12.07
N GLY C 46 0.26 35.91 11.90
CA GLY C 46 -0.38 34.58 11.87
C GLY C 46 -1.42 34.32 12.95
N ARG C 47 -1.09 34.61 14.22
CA ARG C 47 -2.05 34.44 15.33
C ARG C 47 -3.24 35.39 15.19
N ARG C 48 -3.00 36.64 14.79
CA ARG C 48 -4.13 37.53 14.51
C ARG C 48 -5.15 36.93 13.51
N LEU C 49 -4.64 36.38 12.41
CA LEU C 49 -5.47 35.74 11.41
C LEU C 49 -6.33 34.58 11.96
N LEU C 50 -5.72 33.74 12.80
CA LEU C 50 -6.43 32.61 13.38
C LEU C 50 -7.54 33.07 14.29
N ASP C 51 -7.21 34.08 15.11
CA ASP C 51 -8.17 34.69 16.04
C ASP C 51 -9.30 35.35 15.30
N LEU C 52 -8.98 36.08 14.24
CA LEU C 52 -9.99 36.60 13.34
C LEU C 52 -10.90 35.52 12.73
N LEU C 53 -10.34 34.41 12.23
CA LEU C 53 -11.15 33.34 11.57
C LEU C 53 -12.20 32.62 12.42
N GLU C 54 -11.95 32.51 13.71
CA GLU C 54 -12.87 31.93 14.71
C GLU C 54 -14.35 32.22 14.56
N ARG C 55 -14.68 33.50 14.37
CA ARG C 55 -16.07 33.89 14.40
C ARG C 55 -16.86 33.39 13.21
N TYR C 56 -16.14 32.88 12.22
CA TYR C 56 -16.77 32.38 11.00
C TYR C 56 -16.94 30.89 11.04
N LEU C 57 -16.13 30.22 11.87
CA LEU C 57 -16.13 28.77 11.91
C LEU C 57 -17.53 28.17 12.15
N PRO C 58 -18.29 28.70 13.11
CA PRO C 58 -19.66 28.25 13.32
C PRO C 58 -20.55 28.36 12.07
N ALA C 59 -20.52 29.53 11.45
CA ALA C 59 -21.27 29.79 10.25
C ALA C 59 -20.84 28.91 9.05
N LEU C 60 -19.52 28.80 8.79
CA LEU C 60 -19.05 27.96 7.69
C LEU C 60 -19.63 26.56 7.80
N GLU C 61 -19.50 26.00 9.00
CA GLU C 61 -20.03 24.69 9.37
C GLU C 61 -21.53 24.56 9.12
N ALA C 62 -22.30 25.47 9.69
CA ALA C 62 -23.73 25.54 9.46
C ALA C 62 -24.12 25.58 7.99
N GLU C 63 -23.39 26.33 7.19
CA GLU C 63 -23.76 26.53 5.79
C GLU C 63 -23.26 25.41 4.88
N SER C 64 -22.13 24.83 5.30
CA SER C 64 -21.44 23.73 4.64
C SER C 64 -22.31 22.79 3.79
N ARG C 65 -23.31 22.14 4.40
CA ARG C 65 -24.17 21.22 3.67
C ARG C 65 -24.96 21.88 2.51
N ASP C 66 -25.48 23.09 2.73
CA ASP C 66 -26.22 23.77 1.65
C ASP C 66 -25.31 24.26 0.55
N ASN C 67 -24.19 24.86 0.94
CA ASN C 67 -23.24 25.37 -0.05
C ASN C 67 -22.74 24.28 -0.95
N ASP C 68 -22.58 23.09 -0.36
CA ASP C 68 -22.19 21.91 -1.10
C ASP C 68 -23.30 21.44 -2.08
N ARG C 69 -24.48 21.09 -1.54
CA ARG C 69 -25.62 20.65 -2.34
C ARG C 69 -25.86 21.57 -3.54
N GLU C 70 -25.76 22.87 -3.31
CA GLU C 70 -26.11 23.87 -4.32
C GLU C 70 -24.91 24.25 -5.19
N ALA C 71 -23.72 23.94 -4.71
CA ALA C 71 -22.51 24.32 -5.44
C ALA C 71 -22.45 25.85 -5.63
N THR C 72 -22.64 26.56 -4.52
CA THR C 72 -22.66 28.01 -4.53
C THR C 72 -21.79 28.63 -3.47
N LEU C 73 -20.87 29.46 -3.95
CA LEU C 73 -19.95 30.23 -3.16
C LEU C 73 -20.76 31.16 -2.27
N PRO C 74 -20.47 31.21 -0.96
CA PRO C 74 -21.32 31.99 -0.06
C PRO C 74 -20.92 33.49 -0.01
N VAL C 75 -21.51 34.30 -0.91
CA VAL C 75 -21.14 35.71 -1.04
C VAL C 75 -21.28 36.54 0.24
N HIS C 76 -22.43 36.43 0.90
CA HIS C 76 -22.76 37.09 2.18
C HIS C 76 -21.65 36.86 3.12
N LEU C 77 -21.18 35.62 3.21
CA LEU C 77 -20.06 35.31 4.10
C LEU C 77 -18.74 35.95 3.69
N PHE C 78 -18.45 35.94 2.38
CA PHE C 78 -17.25 36.57 1.88
C PHE C 78 -17.28 38.08 2.10
N ASP C 79 -18.48 38.67 2.01
CA ASP C 79 -18.65 40.08 2.35
C ASP C 79 -18.29 40.35 3.81
N ARG C 80 -18.87 39.58 4.73
CA ARG C 80 -18.49 39.68 6.14
C ARG C 80 -16.98 39.69 6.24
N MET C 81 -16.36 38.68 5.65
CA MET C 81 -14.95 38.47 5.90
C MET C 81 -14.13 39.56 5.23
N ARG C 82 -14.61 40.04 4.08
CA ARG C 82 -13.93 41.09 3.34
C ARG C 82 -13.91 42.33 4.21
N LYS C 83 -15.08 42.68 4.74
CA LYS C 83 -15.24 43.92 5.52
C LYS C 83 -14.50 43.91 6.86
N GLU C 84 -14.31 42.75 7.47
CA GLU C 84 -13.63 42.69 8.76
C GLU C 84 -12.15 42.44 8.67
N GLY C 85 -11.63 42.40 7.44
CA GLY C 85 -10.20 42.46 7.22
C GLY C 85 -9.48 41.18 6.83
N VAL C 86 -10.23 40.11 6.64
CA VAL C 86 -9.66 38.79 6.34
C VAL C 86 -8.96 38.70 4.98
N LEU C 87 -9.62 39.24 3.95
CA LEU C 87 -9.11 39.12 2.61
C LEU C 87 -7.90 39.99 2.44
N GLY C 88 -7.61 40.76 3.47
CA GLY C 88 -6.40 41.55 3.44
C GLY C 88 -5.36 40.95 4.31
N ALA C 89 -5.55 39.68 4.67
CA ALA C 89 -4.70 39.04 5.68
C ALA C 89 -3.22 39.08 5.34
N THR C 90 -2.92 38.83 4.07
CA THR C 90 -1.55 38.77 3.61
C THR C 90 -1.11 40.04 2.92
N VAL C 91 -1.85 41.14 3.12
CA VAL C 91 -1.37 42.46 2.69
C VAL C 91 -0.52 43.05 3.82
N PRO C 92 0.65 43.66 3.48
CA PRO C 92 1.53 44.16 4.56
C PRO C 92 0.84 45.20 5.44
N GLU C 93 1.31 45.30 6.68
CA GLU C 93 0.62 46.08 7.71
C GLU C 93 0.42 47.53 7.28
N ASP C 94 1.50 48.14 6.74
CA ASP C 94 1.52 49.49 6.15
C ASP C 94 0.43 49.73 5.13
N LEU C 95 0.30 48.84 4.15
CA LEU C 95 -0.68 49.07 3.09
C LEU C 95 -2.09 48.69 3.56
N GLY C 96 -2.27 48.67 4.89
CA GLY C 96 -3.56 48.47 5.55
C GLY C 96 -3.95 47.03 5.85
N GLY C 97 -3.01 46.09 5.67
CA GLY C 97 -3.30 44.68 5.82
C GLY C 97 -2.98 44.15 7.21
N LEU C 98 -3.27 42.87 7.44
CA LEU C 98 -2.91 42.17 8.69
C LEU C 98 -1.42 41.84 8.77
N GLY C 99 -0.74 41.91 7.63
CA GLY C 99 0.69 41.68 7.55
C GLY C 99 1.13 40.23 7.71
N VAL C 100 0.35 39.27 7.21
CA VAL C 100 0.77 37.87 7.39
C VAL C 100 1.71 37.51 6.25
N HIS C 101 2.93 37.14 6.56
CA HIS C 101 3.98 36.91 5.54
C HIS C 101 4.39 35.41 5.41
N SER C 102 3.79 34.57 6.27
CA SER C 102 4.18 33.18 6.45
C SER C 102 3.22 32.17 5.80
N LEU C 103 3.77 31.45 4.84
CA LEU C 103 3.09 30.34 4.19
C LEU C 103 2.68 29.26 5.21
N HIS C 104 3.55 28.98 6.15
CA HIS C 104 3.19 28.16 7.27
C HIS C 104 1.83 28.59 7.81
N ASP C 105 1.74 29.86 8.21
CA ASP C 105 0.56 30.37 8.92
C ASP C 105 -0.68 30.49 8.02
N VAL C 106 -0.47 30.79 6.76
CA VAL C 106 -1.58 30.73 5.83
C VAL C 106 -2.13 29.30 5.73
N ALA C 107 -1.21 28.33 5.52
CA ALA C 107 -1.60 26.93 5.42
C ALA C 107 -2.35 26.53 6.67
N LEU C 108 -1.83 26.94 7.82
CA LEU C 108 -2.53 26.65 9.07
C LEU C 108 -3.97 27.14 9.03
N ALA C 109 -4.12 28.36 8.55
CA ALA C 109 -5.41 29.01 8.55
C ALA C 109 -6.30 28.25 7.60
N LEU C 110 -5.77 27.91 6.43
CA LEU C 110 -6.57 27.16 5.47
C LEU C 110 -7.00 25.78 6.03
N ALA C 111 -6.09 25.12 6.72
CA ALA C 111 -6.40 23.89 7.39
C ALA C 111 -7.61 24.11 8.31
N ARG C 112 -7.61 25.20 9.08
CA ARG C 112 -8.72 25.44 10.02
C ARG C 112 -10.01 25.63 9.28
N ILE C 113 -10.03 26.49 8.29
CA ILE C 113 -11.21 26.68 7.46
C ILE C 113 -11.66 25.38 6.81
N ALA C 114 -10.69 24.66 6.24
CA ALA C 114 -11.01 23.52 5.41
C ALA C 114 -11.69 22.45 6.22
N GLY C 115 -11.45 22.43 7.53
CA GLY C 115 -12.11 21.48 8.43
C GLY C 115 -13.63 21.67 8.48
N ARG C 116 -14.07 22.84 8.05
CA ARG C 116 -15.48 23.19 8.03
C ARG C 116 -16.06 23.27 6.62
N ASP C 117 -15.38 23.99 5.73
CA ASP C 117 -15.79 23.98 4.34
C ASP C 117 -14.52 24.18 3.50
N ALA C 118 -14.12 23.11 2.84
CA ALA C 118 -12.91 23.09 2.06
C ALA C 118 -12.99 24.02 0.81
N GLY C 119 -14.15 24.07 0.17
CA GLY C 119 -14.34 24.91 -1.03
C GLY C 119 -14.15 26.40 -0.75
N VAL C 120 -14.72 26.88 0.36
CA VAL C 120 -14.38 28.20 0.88
C VAL C 120 -12.86 28.43 1.09
N ALA C 121 -12.22 27.52 1.82
CA ALA C 121 -10.76 27.58 2.04
C ALA C 121 -10.08 27.74 0.72
N LEU C 122 -10.57 27.00 -0.28
CA LEU C 122 -9.91 26.97 -1.58
C LEU C 122 -9.99 28.34 -2.21
N ALA C 123 -11.16 28.97 -2.16
CA ALA C 123 -11.33 30.32 -2.75
C ALA C 123 -10.39 31.31 -2.08
N LEU C 124 -10.42 31.32 -0.75
CA LEU C 124 -9.67 32.26 0.06
C LEU C 124 -8.20 32.19 -0.23
N HIS C 125 -7.73 31.01 -0.62
CA HIS C 125 -6.31 30.85 -0.84
C HIS C 125 -5.90 31.80 -1.95
N MET C 126 -6.87 32.05 -2.84
CA MET C 126 -6.65 32.89 -4.00
C MET C 126 -6.25 34.30 -3.53
N GLN C 127 -7.02 34.84 -2.60
CA GLN C 127 -6.68 36.07 -1.95
C GLN C 127 -5.34 36.02 -1.21
N PHE C 128 -5.18 35.02 -0.34
CA PHE C 128 -3.99 34.93 0.48
C PHE C 128 -2.73 34.91 -0.42
N SER C 129 -2.70 34.05 -1.45
CA SER C 129 -1.44 33.86 -2.19
C SER C 129 -1.09 35.14 -2.94
N ARG C 130 -2.14 35.80 -3.43
CA ARG C 130 -2.00 37.02 -4.20
C ARG C 130 -1.36 38.11 -3.33
N GLY C 131 -1.80 38.20 -2.09
CA GLY C 131 -1.13 39.03 -1.12
C GLY C 131 0.38 38.82 -1.11
N LEU C 132 0.77 37.55 -0.98
CA LEU C 132 2.18 37.20 -0.88
C LEU C 132 2.93 37.50 -2.18
N THR C 133 2.27 37.21 -3.30
CA THR C 133 2.92 37.33 -4.57
C THR C 133 3.13 38.80 -4.91
N LEU C 134 2.07 39.59 -4.79
CA LEU C 134 2.21 41.05 -4.88
C LEU C 134 3.26 41.64 -3.91
N ASP C 135 3.21 41.27 -2.64
CA ASP C 135 4.19 41.75 -1.69
C ASP C 135 5.60 41.45 -2.18
N PHE C 136 5.78 40.27 -2.76
CA PHE C 136 7.08 39.97 -3.33
C PHE C 136 7.36 40.95 -4.46
N GLU C 137 6.41 41.13 -5.38
CA GLU C 137 6.65 41.99 -6.53
C GLU C 137 6.91 43.43 -6.13
N TRP C 138 6.16 43.88 -5.12
CA TRP C 138 6.34 45.18 -4.47
C TRP C 138 7.74 45.45 -3.99
N ARG C 139 8.35 44.44 -3.37
CA ARG C 139 9.64 44.68 -2.77
C ARG C 139 10.78 44.33 -3.69
N HIS C 140 10.53 43.58 -4.77
CA HIS C 140 11.59 42.91 -5.56
C HIS C 140 11.37 42.79 -7.06
N GLY C 141 10.22 43.21 -7.58
CA GLY C 141 10.06 43.17 -9.04
C GLY C 141 10.87 44.28 -9.68
N ALA C 142 10.82 44.35 -11.01
CA ALA C 142 11.47 45.42 -11.78
C ALA C 142 10.92 46.81 -11.39
N PRO C 143 11.70 47.89 -11.63
CA PRO C 143 11.27 49.26 -11.26
C PRO C 143 9.79 49.57 -11.55
N SER C 144 9.38 49.31 -12.80
CA SER C 144 8.06 49.68 -13.34
C SER C 144 6.88 48.99 -12.65
N THR C 145 7.10 47.76 -12.20
CA THR C 145 6.01 47.00 -11.63
C THR C 145 5.65 47.42 -10.21
N ARG C 146 6.64 47.85 -9.42
CA ARG C 146 6.43 48.08 -7.98
C ARG C 146 5.23 48.96 -7.61
N PRO C 147 5.00 50.08 -8.34
CA PRO C 147 3.79 50.86 -8.03
C PRO C 147 2.47 50.08 -8.28
N LEU C 148 2.43 49.29 -9.34
CA LEU C 148 1.20 48.56 -9.66
C LEU C 148 0.83 47.56 -8.54
N ALA C 149 1.85 46.80 -8.13
CA ALA C 149 1.80 46.02 -6.91
C ALA C 149 1.31 46.86 -5.71
N GLU C 150 1.95 48.00 -5.45
CA GLU C 150 1.55 48.86 -4.32
C GLU C 150 0.08 49.26 -4.35
N ASP C 151 -0.35 49.73 -5.51
CA ASP C 151 -1.74 50.08 -5.71
C ASP C 151 -2.62 48.86 -5.39
N LEU C 152 -2.34 47.73 -6.07
CA LEU C 152 -3.13 46.50 -5.93
C LEU C 152 -3.26 45.99 -4.48
N LEU C 153 -2.13 45.98 -3.76
CA LEU C 153 -2.11 45.64 -2.34
C LEU C 153 -2.98 46.58 -1.49
N ARG C 154 -2.79 47.89 -1.71
CA ARG C 154 -3.52 48.92 -0.97
C ARG C 154 -5.03 48.72 -1.11
N GLN C 155 -5.46 48.43 -2.33
CA GLN C 155 -6.90 48.19 -2.56
C GLN C 155 -7.41 46.94 -1.81
N MET C 156 -6.61 45.86 -1.86
CA MET C 156 -6.87 44.66 -1.08
C MET C 156 -6.98 45.01 0.39
N GLY C 157 -6.00 45.80 0.85
CA GLY C 157 -5.97 46.31 2.23
C GLY C 157 -7.22 47.07 2.66
N ALA C 158 -7.71 47.92 1.78
CA ALA C 158 -8.96 48.64 2.04
C ALA C 158 -10.19 47.76 1.94
N GLY C 159 -10.04 46.56 1.40
CA GLY C 159 -11.16 45.65 1.18
C GLY C 159 -11.90 46.03 -0.09
N GLU C 160 -11.21 46.65 -1.03
CA GLU C 160 -11.85 47.10 -2.27
C GLU C 160 -11.53 46.22 -3.48
N ALA C 161 -10.30 45.71 -3.55
CA ALA C 161 -9.91 44.73 -4.59
C ALA C 161 -9.99 43.29 -4.09
N VAL C 162 -10.68 42.45 -4.88
CA VAL C 162 -10.72 40.99 -4.74
C VAL C 162 -10.09 40.34 -6.00
N ILE C 163 -8.85 39.89 -5.88
CA ILE C 163 -8.04 39.47 -7.01
C ILE C 163 -7.88 37.92 -7.17
N CYS C 164 -8.11 37.40 -8.38
CA CYS C 164 -8.00 35.98 -8.74
C CYS C 164 -6.95 35.72 -9.81
N GLY C 165 -6.28 34.57 -9.72
CA GLY C 165 -5.40 34.14 -10.81
C GLY C 165 -6.24 33.39 -11.83
N ALA C 166 -6.17 33.76 -13.10
CA ALA C 166 -6.79 32.96 -14.16
C ALA C 166 -5.67 32.30 -14.95
N VAL C 167 -5.42 31.03 -14.63
CA VAL C 167 -4.18 30.33 -15.02
C VAL C 167 -4.38 29.33 -16.16
N LYS C 168 -5.34 28.43 -15.99
CA LYS C 168 -5.51 27.28 -16.87
C LYS C 168 -6.35 27.61 -18.11
N ASP C 169 -5.82 27.33 -19.30
CA ASP C 169 -6.60 27.51 -20.55
C ASP C 169 -7.64 26.41 -20.75
N VAL C 170 -8.66 26.72 -21.53
CA VAL C 170 -9.59 25.70 -21.95
C VAL C 170 -10.02 26.17 -23.32
N ARG C 171 -10.30 25.22 -24.22
CA ARG C 171 -10.75 25.54 -25.56
C ARG C 171 -9.70 26.41 -26.26
N GLY C 172 -8.51 25.87 -26.44
CA GLY C 172 -7.43 26.62 -27.06
C GLY C 172 -6.65 27.39 -26.01
N THR C 173 -5.67 28.17 -26.45
CA THR C 173 -4.84 28.89 -25.50
C THR C 173 -5.26 30.37 -25.41
N THR C 174 -4.78 31.07 -24.38
CA THR C 174 -5.14 32.47 -24.19
C THR C 174 -3.97 33.36 -24.57
N VAL C 175 -4.22 34.22 -25.56
CA VAL C 175 -3.14 34.98 -26.17
C VAL C 175 -3.38 36.51 -26.08
N LEU C 176 -2.30 37.25 -25.85
CA LEU C 176 -2.34 38.71 -25.80
C LEU C 176 -1.49 39.30 -26.93
N THR C 177 -2.14 40.04 -27.82
CA THR C 177 -1.51 40.65 -29.01
C THR C 177 -1.69 42.16 -29.10
N ARG C 178 -0.76 42.83 -29.74
CA ARG C 178 -0.92 44.26 -30.03
C ARG C 178 -1.90 44.47 -31.20
N ALA C 179 -2.88 45.35 -31.04
CA ALA C 179 -3.72 45.76 -32.18
C ALA C 179 -2.80 46.70 -32.97
N THR C 180 -3.03 46.87 -34.27
CA THR C 180 -2.11 47.73 -35.04
C THR C 180 -2.13 49.18 -34.56
N ASP C 181 -3.16 49.55 -33.77
CA ASP C 181 -3.24 50.89 -33.16
C ASP C 181 -2.49 51.10 -31.84
N GLY C 182 -1.54 50.22 -31.52
CA GLY C 182 -0.81 50.29 -30.24
C GLY C 182 -1.51 49.80 -28.95
N SER C 183 -2.81 49.54 -29.02
CA SER C 183 -3.51 48.99 -27.88
C SER C 183 -3.27 47.47 -27.83
N TYR C 184 -3.65 46.87 -26.70
CA TYR C 184 -3.45 45.45 -26.50
C TYR C 184 -4.76 44.64 -26.47
N ARG C 185 -4.70 43.45 -27.07
CA ARG C 185 -5.83 42.54 -27.17
C ARG C 185 -5.60 41.23 -26.37
N LEU C 186 -6.62 40.81 -25.63
CA LEU C 186 -6.56 39.56 -24.84
C LEU C 186 -7.71 38.63 -25.24
N ASN C 187 -7.34 37.48 -25.82
CA ASN C 187 -8.33 36.51 -26.31
C ASN C 187 -8.08 35.14 -25.73
N GLY C 188 -9.16 34.47 -25.32
CA GLY C 188 -9.06 33.11 -24.78
C GLY C 188 -10.13 32.80 -23.74
N ARG C 189 -9.91 31.72 -23.01
CA ARG C 189 -10.83 31.25 -21.97
C ARG C 189 -10.02 30.66 -20.82
N LYS C 190 -10.43 31.00 -19.61
CA LYS C 190 -9.83 30.37 -18.45
C LYS C 190 -10.85 29.49 -17.72
N THR C 191 -10.33 28.49 -17.02
CA THR C 191 -11.18 27.54 -16.33
C THR C 191 -10.76 27.35 -14.89
N LEU C 192 -11.70 26.84 -14.09
CA LEU C 192 -11.47 26.46 -12.71
C LEU C 192 -10.89 27.64 -11.93
N VAL C 193 -11.51 28.81 -12.11
CA VAL C 193 -11.01 30.03 -11.48
C VAL C 193 -11.73 30.26 -10.16
N SER C 194 -11.17 29.72 -9.08
CA SER C 194 -11.86 29.74 -7.78
C SER C 194 -12.18 31.17 -7.38
N MET C 195 -13.44 31.40 -6.99
CA MET C 195 -13.86 32.68 -6.41
C MET C 195 -13.99 33.83 -7.46
N ALA C 196 -14.02 33.51 -8.75
CA ALA C 196 -14.01 34.51 -9.80
C ALA C 196 -15.23 35.44 -9.78
N GLY C 197 -16.38 34.86 -9.41
CA GLY C 197 -17.67 35.53 -9.45
C GLY C 197 -17.79 36.78 -8.62
N ILE C 198 -17.16 36.78 -7.47
CA ILE C 198 -17.09 38.00 -6.66
C ILE C 198 -15.72 38.76 -6.81
N ALA C 199 -14.95 38.48 -7.88
CA ALA C 199 -13.69 39.20 -8.05
C ALA C 199 -13.86 40.62 -8.68
N THR C 200 -12.85 41.48 -8.50
CA THR C 200 -12.82 42.82 -9.10
C THR C 200 -11.67 42.87 -10.06
N HIS C 201 -10.73 41.94 -9.89
CA HIS C 201 -9.52 41.88 -10.73
C HIS C 201 -9.04 40.46 -11.00
N TYR C 202 -8.48 40.22 -12.20
CA TYR C 202 -7.85 38.95 -12.59
C TYR C 202 -6.41 39.12 -13.06
N VAL C 203 -5.44 38.47 -12.43
CA VAL C 203 -4.14 38.32 -13.09
C VAL C 203 -4.21 37.16 -14.08
N VAL C 204 -4.10 37.46 -15.37
CA VAL C 204 -4.37 36.46 -16.41
C VAL C 204 -3.12 35.98 -17.14
N SER C 205 -2.75 34.72 -16.95
CA SER C 205 -1.59 34.11 -17.65
C SER C 205 -1.82 33.99 -19.14
N THR C 206 -0.91 34.56 -19.93
CA THR C 206 -1.07 34.54 -21.39
C THR C 206 0.26 34.45 -22.06
N ARG C 207 0.20 34.22 -23.38
CA ARG C 207 1.37 34.32 -24.25
C ARG C 207 1.31 35.71 -24.88
N LEU C 208 2.43 36.39 -24.93
CA LEU C 208 2.52 37.65 -25.64
C LEU C 208 3.07 37.35 -27.02
N GLU C 209 2.27 37.63 -28.05
CA GLU C 209 2.64 37.31 -29.45
C GLU C 209 2.77 38.54 -30.33
N GLU C 210 4.01 38.79 -30.75
CA GLU C 210 4.30 39.94 -31.60
C GLU C 210 5.28 39.53 -32.71
N GLY C 212 6.67 40.36 -35.34
CA GLY C 212 7.38 41.34 -34.52
C GLY C 212 8.58 40.71 -33.82
N ALA C 213 8.36 40.25 -32.58
CA ALA C 213 9.38 39.61 -31.72
C ALA C 213 9.10 38.10 -31.55
N PRO C 214 9.87 37.38 -30.69
CA PRO C 214 9.49 35.98 -30.47
C PRO C 214 8.30 35.88 -29.49
N VAL C 215 7.89 34.67 -29.13
CA VAL C 215 6.80 34.59 -28.14
C VAL C 215 7.37 34.70 -26.73
N ARG C 216 6.77 35.60 -25.97
CA ARG C 216 7.09 35.79 -24.56
C ARG C 216 5.83 35.56 -23.68
N LEU C 217 6.03 35.40 -22.37
CA LEU C 217 4.94 35.16 -21.43
C LEU C 217 4.58 36.42 -20.67
N ALA C 218 3.29 36.69 -20.50
CA ALA C 218 2.87 37.85 -19.69
C ALA C 218 1.73 37.56 -18.74
N ALA C 219 1.79 38.16 -17.55
CA ALA C 219 0.72 38.09 -16.57
C ALA C 219 -0.04 39.43 -16.41
N PRO C 220 -0.79 39.86 -17.45
CA PRO C 220 -1.57 41.10 -17.39
C PRO C 220 -2.63 41.15 -16.30
N VAL C 221 -2.81 42.31 -15.67
CA VAL C 221 -3.86 42.52 -14.66
C VAL C 221 -5.03 43.24 -15.30
N VAL C 222 -6.23 42.66 -15.20
CA VAL C 222 -7.40 43.02 -16.02
C VAL C 222 -8.59 43.17 -15.11
N ALA C 223 -9.31 44.27 -15.24
CA ALA C 223 -10.39 44.58 -14.29
C ALA C 223 -11.62 43.77 -14.62
N ARG C 224 -12.47 43.54 -13.61
CA ARG C 224 -13.73 42.82 -13.77
C ARG C 224 -14.51 43.33 -14.98
N THR C 225 -14.61 44.65 -15.08
CA THR C 225 -15.56 45.29 -15.99
C THR C 225 -15.02 45.51 -17.39
N THR C 226 -13.73 45.23 -17.62
CA THR C 226 -13.08 45.29 -18.95
C THR C 226 -14.00 44.64 -19.95
N PRO C 227 -14.38 45.38 -21.00
CA PRO C 227 -15.46 44.83 -21.83
C PRO C 227 -14.94 43.71 -22.76
N GLY C 228 -15.78 42.69 -22.96
CA GLY C 228 -15.39 41.47 -23.67
C GLY C 228 -15.12 40.33 -22.71
N LEU C 229 -15.10 40.66 -21.42
CA LEU C 229 -14.95 39.68 -20.34
C LEU C 229 -16.28 39.17 -19.75
N THR C 230 -16.47 37.85 -19.76
CA THR C 230 -17.64 37.24 -19.14
C THR C 230 -17.23 36.16 -18.12
N VAL C 231 -17.86 36.22 -16.94
CA VAL C 231 -17.66 35.23 -15.90
C VAL C 231 -18.83 34.23 -15.95
N LEU C 232 -18.55 33.02 -16.42
CA LEU C 232 -19.62 32.01 -16.54
C LEU C 232 -20.10 31.48 -15.19
N ASP C 233 -21.16 30.70 -15.22
CA ASP C 233 -21.69 30.10 -14.00
C ASP C 233 -21.69 28.55 -14.06
N ASN C 234 -20.55 27.99 -14.43
CA ASN C 234 -20.46 26.61 -14.91
C ASN C 234 -19.71 25.61 -13.97
N TRP C 235 -19.74 25.87 -12.66
CA TRP C 235 -19.00 25.05 -11.70
C TRP C 235 -19.80 23.87 -11.15
N ASP C 236 -19.37 22.67 -11.51
CA ASP C 236 -20.08 21.45 -11.12
C ASP C 236 -19.11 20.30 -10.65
N GLY C 237 -18.08 20.65 -9.88
CA GLY C 237 -17.14 19.64 -9.35
C GLY C 237 -17.81 18.65 -8.40
N MET C 238 -17.35 17.41 -8.42
CA MET C 238 -17.81 16.39 -7.50
C MET C 238 -17.56 16.87 -6.03
N GLY C 239 -16.46 17.59 -5.79
CA GLY C 239 -16.32 18.39 -4.55
C GLY C 239 -15.73 19.79 -4.70
N MET C 240 -15.36 20.45 -3.58
CA MET C 240 -14.98 21.85 -3.59
C MET C 240 -16.12 22.69 -4.22
N ARG C 241 -17.35 22.23 -4.00
CA ARG C 241 -18.51 22.80 -4.72
C ARG C 241 -18.77 24.29 -4.40
N SER C 242 -18.46 24.67 -3.17
CA SER C 242 -18.50 26.04 -2.71
C SER C 242 -17.34 26.94 -3.16
N SER C 243 -16.41 26.44 -3.97
CA SER C 243 -15.23 27.24 -4.27
C SER C 243 -15.46 28.23 -5.42
N GLY C 244 -16.61 28.11 -6.08
CA GLY C 244 -16.96 28.89 -7.26
C GLY C 244 -15.90 28.94 -8.32
N SER C 245 -15.48 27.77 -8.80
CA SER C 245 -14.39 27.70 -9.78
C SER C 245 -14.96 27.65 -11.18
N VAL C 246 -15.22 28.84 -11.68
CA VAL C 246 -15.99 29.01 -12.89
C VAL C 246 -15.02 29.38 -13.99
N ASP C 247 -15.54 29.42 -15.21
CA ASP C 247 -14.79 29.85 -16.37
C ASP C 247 -14.99 31.33 -16.61
N ILE C 248 -13.96 31.95 -17.17
CA ILE C 248 -14.02 33.31 -17.68
C ILE C 248 -13.69 33.32 -19.20
N VAL C 249 -14.55 33.96 -20.01
CA VAL C 249 -14.26 34.21 -21.44
C VAL C 249 -13.58 35.58 -21.61
N PHE C 250 -12.51 35.60 -22.38
CA PHE C 250 -11.89 36.85 -22.77
C PHE C 250 -12.11 37.01 -24.27
N ASP C 251 -13.06 37.90 -24.60
CA ASP C 251 -13.56 38.13 -25.96
C ASP C 251 -13.09 39.50 -26.45
N GLY C 252 -11.91 39.49 -27.08
CA GLY C 252 -11.20 40.70 -27.52
C GLY C 252 -11.06 41.77 -26.44
N CYS C 253 -10.40 41.44 -25.33
CA CYS C 253 -10.46 42.31 -24.16
C CYS C 253 -9.35 43.38 -24.21
N PRO C 254 -9.69 44.67 -23.98
CA PRO C 254 -8.69 45.77 -23.98
C PRO C 254 -7.80 45.83 -22.72
N VAL C 255 -6.49 45.93 -22.94
CA VAL C 255 -5.46 46.09 -21.91
C VAL C 255 -4.45 47.19 -22.33
N ASP C 256 -4.36 48.27 -21.55
CA ASP C 256 -3.50 49.45 -21.87
C ASP C 256 -1.99 49.16 -21.79
N ARG C 257 -1.20 49.69 -22.74
CA ARG C 257 0.24 49.35 -22.90
C ARG C 257 1.03 49.08 -21.59
N ASP C 258 0.46 49.51 -20.46
CA ASP C 258 1.06 49.34 -19.13
C ASP C 258 1.10 47.90 -18.64
N ARG C 259 -0.06 47.40 -18.18
CA ARG C 259 -0.18 46.18 -17.36
C ARG C 259 0.01 44.84 -18.12
N ARG C 263 7.44 39.70 -19.13
CA ARG C 263 8.10 38.65 -18.31
C ARG C 263 8.70 37.48 -19.16
N GLY C 264 8.50 36.22 -18.76
CA GLY C 264 9.24 35.06 -19.31
C GLY C 264 9.08 34.65 -20.78
N GLU C 265 9.47 33.42 -21.09
CA GLU C 265 9.42 32.84 -22.44
C GLU C 265 9.11 31.31 -22.39
N PRO C 266 8.15 30.83 -23.21
CA PRO C 266 7.59 29.45 -23.16
C PRO C 266 8.52 28.35 -23.69
N GLY C 267 8.28 27.09 -23.30
CA GLY C 267 9.21 25.98 -23.61
C GLY C 267 10.64 26.14 -23.11
N VAL C 268 10.90 27.12 -22.24
CA VAL C 268 12.24 27.42 -21.74
C VAL C 268 12.40 27.06 -20.25
N ARG C 269 13.28 26.10 -19.96
CA ARG C 269 13.61 25.77 -18.57
C ARG C 269 13.95 27.08 -17.87
N ASP C 270 13.03 27.57 -17.06
CA ASP C 270 13.44 28.61 -16.19
C ASP C 270 13.13 28.20 -14.77
N ASP C 271 14.16 27.67 -14.14
CA ASP C 271 14.02 27.16 -12.78
C ASP C 271 13.88 28.20 -11.68
N ALA C 272 14.44 29.39 -11.84
CA ALA C 272 14.36 30.40 -10.79
C ALA C 272 12.89 30.71 -10.57
N ALA C 273 12.08 30.47 -11.60
CA ALA C 273 10.65 30.78 -11.55
C ALA C 273 9.88 29.83 -10.70
N LEU C 274 10.34 28.57 -10.59
CA LEU C 274 9.72 27.57 -9.70
C LEU C 274 9.37 28.17 -8.33
N ALA C 275 10.14 29.18 -7.93
CA ALA C 275 9.94 29.89 -6.67
C ALA C 275 8.52 30.46 -6.53
N GLY C 276 8.12 31.31 -7.45
CA GLY C 276 6.81 31.92 -7.33
C GLY C 276 5.72 30.90 -7.51
N GLN C 277 5.97 29.92 -8.36
CA GLN C 277 5.02 28.83 -8.47
C GLN C 277 4.79 28.09 -7.14
N THR C 278 5.83 28.05 -6.31
CA THR C 278 5.75 27.44 -4.99
C THR C 278 4.91 28.36 -4.10
N VAL C 279 5.39 29.59 -3.97
CA VAL C 279 4.71 30.65 -3.16
C VAL C 279 3.21 30.71 -3.50
N SER C 280 2.85 30.63 -4.79
CA SER C 280 1.44 30.72 -5.14
C SER C 280 0.60 29.48 -4.94
N SER C 281 1.21 28.35 -4.58
CA SER C 281 0.37 27.15 -4.45
C SER C 281 0.54 26.35 -3.18
N ILE C 282 1.72 26.38 -2.58
CA ILE C 282 2.08 25.44 -1.54
C ILE C 282 1.08 25.43 -0.41
N ALA C 283 0.70 26.63 0.06
CA ALA C 283 -0.20 26.71 1.20
C ALA C 283 -1.52 26.00 0.92
N MET C 284 -1.86 25.74 -0.35
CA MET C 284 -3.03 24.88 -0.60
C MET C 284 -2.92 23.51 0.13
N LEU C 285 -1.71 22.97 0.32
CA LEU C 285 -1.61 21.65 0.97
C LEU C 285 -2.28 21.63 2.34
N GLY C 286 -2.22 22.75 3.08
CA GLY C 286 -2.92 22.86 4.36
C GLY C 286 -4.38 22.44 4.27
N ILE C 287 -5.02 22.72 3.13
CA ILE C 287 -6.44 22.41 2.95
C ILE C 287 -6.71 20.93 3.16
N TYR C 288 -5.90 20.08 2.53
CA TYR C 288 -6.15 18.64 2.59
C TYR C 288 -5.77 18.04 3.95
N VAL C 289 -4.79 18.62 4.62
CA VAL C 289 -4.46 18.24 5.98
C VAL C 289 -5.70 18.53 6.82
N GLY C 290 -6.28 19.73 6.65
CA GLY C 290 -7.43 20.15 7.45
C GLY C 290 -8.57 19.18 7.23
N ILE C 291 -8.69 18.76 5.98
CA ILE C 291 -9.77 17.83 5.61
C ILE C 291 -9.60 16.49 6.29
N ALA C 292 -8.37 15.98 6.31
CA ALA C 292 -8.13 14.68 6.91
C ALA C 292 -8.37 14.74 8.43
N GLU C 293 -7.91 15.82 9.09
CA GLU C 293 -8.11 16.01 10.52
C GLU C 293 -9.61 15.93 10.84
N ALA C 294 -10.40 16.53 9.96
CA ALA C 294 -11.83 16.57 10.16
C ALA C 294 -12.43 15.18 10.08
N ALA C 295 -12.01 14.44 9.06
CA ALA C 295 -12.50 13.10 8.83
C ALA C 295 -12.16 12.25 10.04
N ARG C 296 -10.94 12.42 10.54
CA ARG C 296 -10.51 11.76 11.77
C ARG C 296 -11.39 12.08 12.97
N ARG C 297 -11.52 13.38 13.27
CA ARG C 297 -12.32 13.87 14.41
C ARG C 297 -13.73 13.24 14.32
N ILE C 298 -14.37 13.33 13.15
CA ILE C 298 -15.71 12.76 12.92
C ILE C 298 -15.77 11.29 13.24
N ALA C 299 -14.83 10.51 12.70
CA ALA C 299 -14.83 9.07 12.93
C ALA C 299 -14.50 8.68 14.38
N LEU C 300 -13.56 9.38 15.01
CA LEU C 300 -13.23 9.08 16.40
C LEU C 300 -14.44 9.35 17.30
N THR C 301 -15.12 10.48 17.08
CA THR C 301 -16.35 10.74 17.78
C THR C 301 -17.35 9.57 17.68
N GLU C 302 -17.52 9.03 16.49
CA GLU C 302 -18.45 7.96 16.31
C GLU C 302 -18.01 6.73 17.09
N LEU C 303 -16.69 6.47 17.07
CA LEU C 303 -16.13 5.23 17.59
C LEU C 303 -16.20 5.21 19.11
N ARG C 304 -16.00 6.35 19.73
CA ARG C 304 -16.17 6.54 21.17
C ARG C 304 -17.66 6.38 21.52
N ARG C 305 -18.50 7.03 20.74
CA ARG C 305 -19.92 6.92 20.90
C ARG C 305 -20.30 5.45 20.86
N ARG C 306 -19.57 4.66 20.13
CA ARG C 306 -19.97 3.30 19.89
C ARG C 306 -19.53 2.30 20.97
N GLY C 307 -18.60 2.71 21.84
CA GLY C 307 -18.12 1.80 22.88
C GLY C 307 -17.04 0.78 22.51
N GLY C 308 -17.42 -0.44 22.13
CA GLY C 308 -16.44 -1.52 21.96
C GLY C 308 -15.46 -1.20 20.85
N ALA C 309 -14.20 -1.60 20.99
CA ALA C 309 -13.18 -1.35 19.95
C ALA C 309 -12.58 -2.63 19.28
N PRO C 310 -13.21 -3.12 18.19
CA PRO C 310 -12.78 -4.36 17.47
C PRO C 310 -11.42 -4.29 16.77
N ALA C 311 -10.98 -5.41 16.24
CA ALA C 311 -9.56 -5.58 15.98
C ALA C 311 -9.11 -4.84 14.75
N GLY C 312 -10.11 -4.53 13.90
CA GLY C 312 -9.91 -3.86 12.64
C GLY C 312 -9.92 -2.39 12.91
N VAL C 313 -10.67 -1.97 13.93
CA VAL C 313 -10.77 -0.57 14.27
C VAL C 313 -9.43 -0.07 14.79
N ARG C 314 -8.86 -0.88 15.70
CA ARG C 314 -7.67 -0.48 16.34
C ARG C 314 -6.59 -0.30 15.29
N THR C 315 -6.50 -1.24 14.35
CA THR C 315 -5.36 -1.21 13.46
C THR C 315 -5.57 0.01 12.61
N THR C 316 -6.78 0.18 12.13
CA THR C 316 -7.09 1.33 11.28
C THR C 316 -6.85 2.69 11.96
N VAL C 317 -7.39 2.84 13.16
CA VAL C 317 -7.09 4.05 13.92
C VAL C 317 -5.58 4.39 14.01
N ALA C 318 -4.77 3.38 14.27
CA ALA C 318 -3.33 3.58 14.40
C ALA C 318 -2.77 4.04 13.06
N GLU C 319 -3.14 3.35 11.98
CA GLU C 319 -2.65 3.70 10.65
C GLU C 319 -3.11 5.06 10.15
N ILE C 320 -4.35 5.39 10.46
CA ILE C 320 -4.82 6.76 10.26
C ILE C 320 -3.97 7.80 10.98
N ASP C 321 -3.74 7.62 12.27
CA ASP C 321 -3.04 8.65 13.01
C ASP C 321 -1.60 8.75 12.53
N ALA C 322 -1.01 7.62 12.17
CA ALA C 322 0.35 7.61 11.73
C ALA C 322 0.50 8.45 10.44
N ARG C 323 -0.37 8.21 9.49
CA ARG C 323 -0.33 8.94 8.26
C ARG C 323 -0.59 10.42 8.50
N LEU C 324 -1.58 10.74 9.34
CA LEU C 324 -1.75 12.11 9.83
C LEU C 324 -0.46 12.70 10.34
N PHE C 325 0.24 11.95 11.16
CA PHE C 325 1.52 12.37 11.69
C PHE C 325 2.46 12.74 10.53
N ALA C 326 2.49 11.88 9.51
CA ALA C 326 3.39 12.08 8.38
C ALA C 326 3.05 13.35 7.63
N LEU C 327 1.75 13.60 7.47
CA LEU C 327 1.28 14.69 6.66
C LEU C 327 1.63 15.99 7.33
N HIS C 328 1.26 16.11 8.59
CA HIS C 328 1.70 17.26 9.38
C HIS C 328 3.17 17.54 9.34
N THR C 329 4.04 16.53 9.36
CA THR C 329 5.46 16.89 9.43
C THR C 329 6.04 17.20 8.09
N ALA C 330 5.63 16.47 7.05
CA ALA C 330 6.08 16.72 5.69
C ALA C 330 5.62 18.09 5.15
N VAL C 331 4.32 18.40 5.25
CA VAL C 331 3.92 19.71 4.79
C VAL C 331 4.53 20.88 5.60
N ALA C 332 4.62 20.74 6.92
CA ALA C 332 5.25 21.78 7.74
C ALA C 332 6.67 22.01 7.29
N SER C 333 7.32 20.93 6.92
CA SER C 333 8.71 20.96 6.51
C SER C 333 8.87 21.74 5.22
N ALA C 334 7.97 21.51 4.28
CA ALA C 334 8.09 22.12 2.99
C ALA C 334 7.71 23.60 3.06
N LEU C 335 6.69 23.92 3.85
CA LEU C 335 6.27 25.30 4.11
C LEU C 335 7.44 26.06 4.75
N THR C 336 8.08 25.47 5.76
CA THR C 336 9.25 26.05 6.38
C THR C 336 10.36 26.38 5.41
N THR C 337 10.69 25.44 4.54
CA THR C 337 11.64 25.71 3.47
C THR C 337 11.19 26.90 2.63
N ALA C 338 9.92 26.97 2.29
CA ALA C 338 9.47 28.06 1.44
C ALA C 338 9.58 29.42 2.19
N ASP C 339 9.16 29.49 3.45
CA ASP C 339 9.30 30.72 4.22
C ASP C 339 10.77 31.14 4.41
N ARG C 340 11.65 30.17 4.62
CA ARG C 340 13.06 30.48 4.83
C ARG C 340 13.62 31.23 3.62
N LEU C 341 13.16 30.84 2.43
CA LEU C 341 13.71 31.33 1.17
C LEU C 341 12.84 32.39 0.42
N ALA C 342 11.65 32.73 0.95
CA ALA C 342 10.72 33.58 0.22
C ALA C 342 11.35 34.97 -0.08
N ASP C 343 12.06 35.48 0.91
CA ASP C 343 12.72 36.78 0.75
C ASP C 343 14.23 36.68 0.82
N ASP C 344 14.76 35.56 0.33
CA ASP C 344 16.18 35.36 0.26
C ASP C 344 16.59 35.11 -1.17
N LEU C 345 17.23 36.10 -1.75
CA LEU C 345 17.52 36.08 -3.16
C LEU C 345 19.02 36.15 -3.33
N SER C 346 19.74 35.78 -2.28
CA SER C 346 21.19 35.95 -2.21
C SER C 346 22.01 34.94 -2.98
N GLY C 347 21.49 33.76 -3.24
CA GLY C 347 22.34 32.72 -3.88
C GLY C 347 22.10 32.58 -5.37
N ASP C 348 22.34 31.38 -5.92
CA ASP C 348 21.97 31.02 -7.30
C ASP C 348 20.45 30.81 -7.38
N LEU C 349 19.79 31.60 -8.22
CA LEU C 349 18.33 31.70 -8.22
C LEU C 349 17.65 30.51 -8.86
N ALA C 350 18.34 29.84 -9.78
CA ALA C 350 17.79 28.63 -10.35
C ALA C 350 17.76 27.56 -9.26
N ALA C 351 18.86 27.46 -8.52
CA ALA C 351 18.94 26.48 -7.44
C ALA C 351 17.92 26.80 -6.34
N ARG C 352 17.72 28.09 -6.08
CA ARG C 352 16.69 28.58 -5.16
C ARG C 352 15.32 28.03 -5.55
N GLY C 353 15.03 28.07 -6.85
CA GLY C 353 13.78 27.60 -7.44
C GLY C 353 13.57 26.14 -7.10
N ARG C 354 14.51 25.31 -7.56
CA ARG C 354 14.49 23.85 -7.26
C ARG C 354 14.39 23.57 -5.75
N ALA C 355 15.18 24.29 -4.95
CA ALA C 355 15.15 24.23 -3.50
C ALA C 355 13.76 24.41 -2.86
N MET C 356 12.87 25.11 -3.55
CA MET C 356 11.57 25.39 -2.99
C MET C 356 10.56 24.38 -3.54
N MET C 357 10.76 23.98 -4.79
CA MET C 357 9.79 23.15 -5.46
C MET C 357 9.93 21.69 -5.03
N THR C 358 11.16 21.24 -4.90
CA THR C 358 11.37 19.86 -4.55
C THR C 358 10.68 19.50 -3.22
N PRO C 359 10.93 20.25 -2.12
CA PRO C 359 10.14 19.90 -0.91
C PRO C 359 8.60 20.03 -1.13
N PHE C 360 8.18 21.12 -1.70
CA PHE C 360 6.77 21.24 -2.07
C PHE C 360 6.24 19.91 -2.68
N GLN C 361 7.01 19.30 -3.57
CA GLN C 361 6.45 18.24 -4.38
C GLN C 361 6.43 16.87 -3.76
N TYR C 362 7.43 16.57 -2.91
CA TYR C 362 7.38 15.44 -1.98
C TYR C 362 6.14 15.53 -1.11
N ALA C 363 5.99 16.68 -0.47
CA ALA C 363 4.84 16.94 0.35
C ALA C 363 3.54 16.74 -0.41
N LYS C 364 3.48 17.32 -1.61
CA LYS C 364 2.30 17.18 -2.46
C LYS C 364 2.03 15.72 -2.78
N LEU C 365 3.06 14.96 -3.19
CA LEU C 365 2.88 13.54 -3.51
C LEU C 365 2.26 12.75 -2.31
N LEU C 366 2.91 12.86 -1.14
CA LEU C 366 2.45 12.31 0.12
C LEU C 366 1.03 12.73 0.49
N VAL C 367 0.76 14.05 0.47
CA VAL C 367 -0.58 14.55 0.72
C VAL C 367 -1.62 13.95 -0.26
N ASN C 368 -1.32 13.89 -1.57
CA ASN C 368 -2.37 13.43 -2.48
C ASN C 368 -2.67 11.95 -2.25
N ARG C 369 -1.67 11.18 -1.79
CA ARG C 369 -1.95 9.75 -1.50
C ARG C 369 -2.66 9.58 -0.14
N HIS C 370 -2.06 10.13 0.90
CA HIS C 370 -2.49 9.88 2.25
C HIS C 370 -3.63 10.68 2.75
N SER C 371 -3.87 11.87 2.24
CA SER C 371 -5.06 12.57 2.69
C SER C 371 -6.28 11.79 2.16
N VAL C 372 -6.20 11.29 0.92
CA VAL C 372 -7.30 10.53 0.33
C VAL C 372 -7.49 9.24 1.12
N GLY C 373 -6.38 8.54 1.40
CA GLY C 373 -6.36 7.33 2.19
C GLY C 373 -7.06 7.42 3.54
N VAL C 374 -6.56 8.33 4.38
CA VAL C 374 -7.16 8.65 5.67
C VAL C 374 -8.66 8.89 5.59
N VAL C 375 -9.09 9.76 4.69
CA VAL C 375 -10.51 10.05 4.55
C VAL C 375 -11.31 8.76 4.26
N ASP C 376 -10.84 8.00 3.28
CA ASP C 376 -11.44 6.70 2.95
C ASP C 376 -11.63 5.86 4.21
N ASP C 377 -10.60 5.83 5.06
CA ASP C 377 -10.55 4.94 6.21
C ASP C 377 -11.51 5.39 7.31
N CYS C 378 -11.56 6.72 7.48
CA CYS C 378 -12.53 7.38 8.32
C CYS C 378 -13.93 7.01 7.87
N LEU C 379 -14.17 7.11 6.57
CA LEU C 379 -15.47 6.74 6.04
C LEU C 379 -15.72 5.25 6.26
N MET C 380 -14.71 4.40 6.06
CA MET C 380 -14.85 2.95 6.34
C MET C 380 -15.25 2.68 7.82
N LEU C 381 -14.52 3.25 8.76
CA LEU C 381 -14.86 3.20 10.20
C LEU C 381 -16.29 3.61 10.56
N VAL C 382 -16.80 4.65 9.92
CA VAL C 382 -18.08 5.17 10.30
C VAL C 382 -19.17 4.33 9.68
N GLY C 383 -19.01 3.95 8.42
CA GLY C 383 -19.86 2.95 7.84
C GLY C 383 -20.85 3.62 6.95
N GLY C 384 -21.91 2.86 6.62
CA GLY C 384 -22.94 3.28 5.67
C GLY C 384 -23.50 4.68 5.77
N ALA C 385 -23.65 5.19 7.00
CA ALA C 385 -24.25 6.54 7.18
C ALA C 385 -23.46 7.63 6.45
N GLY C 386 -22.12 7.53 6.46
CA GLY C 386 -21.29 8.48 5.74
C GLY C 386 -21.40 8.42 4.22
N TYR C 387 -22.09 7.40 3.67
CA TYR C 387 -22.24 7.28 2.22
C TYR C 387 -23.36 8.16 1.66
N SER C 388 -24.26 8.59 2.54
CA SER C 388 -25.35 9.47 2.17
C SER C 388 -24.76 10.83 1.81
N ASN C 389 -25.22 11.43 0.70
CA ASN C 389 -24.47 12.56 0.07
C ASN C 389 -24.34 13.83 0.93
N SER C 390 -25.38 14.08 1.71
CA SER C 390 -25.49 15.17 2.67
C SER C 390 -24.62 14.97 3.89
N HIS C 391 -24.24 13.74 4.20
CA HIS C 391 -23.36 13.46 5.33
C HIS C 391 -22.01 14.14 5.23
N PRO C 392 -21.55 14.78 6.33
CA PRO C 392 -20.26 15.53 6.24
C PRO C 392 -19.10 14.66 5.70
N LEU C 393 -19.15 13.36 5.88
CA LEU C 393 -18.05 12.54 5.37
C LEU C 393 -18.09 12.31 3.85
N ALA C 394 -19.28 12.12 3.30
CA ALA C 394 -19.45 12.20 1.87
C ALA C 394 -18.78 13.51 1.33
N ARG C 395 -19.07 14.66 1.95
CA ARG C 395 -18.46 15.91 1.43
C ARG C 395 -16.92 15.84 1.44
N LEU C 396 -16.36 15.38 2.55
CA LEU C 396 -14.92 15.34 2.68
C LEU C 396 -14.33 14.32 1.71
N TYR C 397 -15.09 13.26 1.43
CA TYR C 397 -14.62 12.21 0.54
C TYR C 397 -14.46 12.80 -0.85
N ARG C 398 -15.42 13.63 -1.20
CA ARG C 398 -15.46 14.34 -2.46
C ARG C 398 -14.43 15.49 -2.53
N ASP C 399 -14.34 16.30 -1.49
CA ASP C 399 -13.46 17.45 -1.47
C ASP C 399 -12.00 17.05 -1.60
N VAL C 400 -11.62 15.97 -0.94
CA VAL C 400 -10.21 15.61 -0.80
C VAL C 400 -9.65 15.10 -2.13
N ARG C 401 -10.53 14.63 -3.02
CA ARG C 401 -10.07 14.07 -4.28
C ARG C 401 -9.52 15.16 -5.23
N ALA C 402 -9.78 16.41 -4.89
CA ALA C 402 -9.39 17.50 -5.75
C ALA C 402 -7.88 17.79 -5.78
N GLY C 403 -7.19 17.58 -4.65
CA GLY C 403 -5.75 17.88 -4.57
C GLY C 403 -4.90 17.26 -5.67
N GLY C 404 -5.24 16.03 -6.07
CA GLY C 404 -4.37 15.29 -6.98
C GLY C 404 -4.22 15.91 -8.37
N PHE C 405 -5.21 16.71 -8.79
CA PHE C 405 -5.24 17.28 -10.15
C PHE C 405 -4.46 18.59 -10.24
N MET C 406 -4.35 19.29 -9.10
CA MET C 406 -3.76 20.63 -9.07
C MET C 406 -2.31 20.79 -9.60
N HIS C 407 -2.12 21.84 -10.39
CA HIS C 407 -0.82 22.05 -11.00
C HIS C 407 -0.14 23.25 -10.36
N PRO C 408 1.14 23.20 -10.08
CA PRO C 408 2.07 22.08 -10.18
C PRO C 408 1.94 21.21 -8.94
N TYR C 409 1.97 19.87 -9.04
CA TYR C 409 2.03 19.05 -10.25
C TYR C 409 1.10 17.91 -9.98
N ASN C 410 0.46 17.43 -11.04
CA ASN C 410 -0.32 16.21 -10.99
C ASN C 410 0.70 15.07 -10.91
N PHE C 411 0.25 13.83 -10.69
CA PHE C 411 1.19 12.71 -10.51
C PHE C 411 2.18 12.62 -11.61
N THR C 412 1.68 12.67 -12.85
CA THR C 412 2.58 12.42 -13.96
C THR C 412 3.71 13.49 -14.09
N ASP C 413 3.39 14.77 -13.94
CA ASP C 413 4.43 15.79 -14.01
C ASP C 413 5.23 15.81 -12.76
N GLY C 414 4.62 15.44 -11.64
CA GLY C 414 5.34 15.23 -10.39
C GLY C 414 6.42 14.18 -10.53
N VAL C 415 6.07 13.04 -11.11
CA VAL C 415 7.06 12.02 -11.32
C VAL C 415 8.16 12.59 -12.21
N ASP C 416 7.79 13.34 -13.27
CA ASP C 416 8.80 13.83 -14.24
C ASP C 416 9.74 14.76 -13.56
N TYR C 417 9.20 15.72 -12.80
CA TYR C 417 10.01 16.70 -12.10
C TYR C 417 10.99 16.08 -11.10
N LEU C 418 10.49 15.28 -10.16
CA LEU C 418 11.33 14.78 -9.09
C LEU C 418 12.33 13.74 -9.56
N SER C 419 11.92 12.88 -10.50
CA SER C 419 12.89 11.97 -11.11
C SER C 419 14.01 12.74 -11.81
N GLU C 420 13.66 13.83 -12.50
CA GLU C 420 14.69 14.61 -13.22
C GLU C 420 15.64 15.20 -12.21
N VAL C 421 15.09 15.64 -11.09
CA VAL C 421 15.91 16.13 -10.00
C VAL C 421 16.87 15.06 -9.47
N ALA C 422 16.36 13.87 -9.15
CA ALA C 422 17.19 12.78 -8.65
C ALA C 422 18.22 12.29 -9.68
N LEU C 423 17.84 12.14 -10.94
CA LEU C 423 18.73 11.52 -11.94
C LEU C 423 19.74 12.46 -12.62
N GLY C 424 19.45 13.75 -12.62
CA GLY C 424 20.33 14.70 -13.29
C GLY C 424 20.00 14.85 -14.76
N ARG C 425 19.08 14.01 -15.27
CA ARG C 425 18.58 14.07 -16.65
C ARG C 425 17.19 13.44 -16.69
N GLY D 31 -11.86 -5.60 -22.15
CA GLY D 31 -11.30 -5.57 -20.77
C GLY D 31 -9.85 -6.03 -20.66
N VAL D 32 -9.55 -6.67 -19.53
CA VAL D 32 -8.27 -7.34 -19.26
C VAL D 32 -8.60 -8.85 -19.12
N LEU D 33 -7.85 -9.70 -19.82
CA LEU D 33 -8.22 -11.13 -19.98
C LEU D 33 -7.53 -12.17 -19.08
N ALA D 34 -8.38 -12.97 -18.44
CA ALA D 34 -7.95 -14.06 -17.59
C ALA D 34 -8.73 -15.30 -18.03
N ASP D 35 -8.10 -16.48 -17.92
CA ASP D 35 -8.73 -17.74 -18.33
C ASP D 35 -9.92 -18.14 -17.46
N ASN D 36 -9.69 -18.22 -16.14
CA ASN D 36 -10.80 -18.39 -15.20
C ASN D 36 -11.01 -17.03 -14.55
N GLY D 37 -11.32 -16.07 -15.42
CA GLY D 37 -11.71 -14.73 -15.06
C GLY D 37 -13.19 -14.62 -15.26
N LEU D 38 -13.71 -13.41 -15.14
CA LEU D 38 -15.13 -13.23 -15.35
C LEU D 38 -15.44 -12.75 -16.76
N CYS D 39 -14.96 -13.49 -17.75
CA CYS D 39 -15.04 -13.00 -19.09
C CYS D 39 -16.14 -13.72 -19.89
N GLU D 40 -16.27 -15.03 -19.72
CA GLU D 40 -17.17 -15.86 -20.51
C GLU D 40 -18.19 -16.56 -19.61
N PRO D 41 -19.42 -16.77 -20.10
CA PRO D 41 -20.37 -17.50 -19.28
C PRO D 41 -20.11 -19.02 -19.26
N LYS D 42 -20.50 -19.70 -18.19
CA LYS D 42 -20.24 -21.14 -18.11
C LYS D 42 -21.43 -22.01 -18.50
N THR D 43 -22.65 -21.53 -18.24
CA THR D 43 -23.86 -22.31 -18.52
C THR D 43 -24.70 -21.76 -19.69
N PRO D 44 -25.40 -22.64 -20.43
CA PRO D 44 -26.26 -22.10 -21.49
C PRO D 44 -27.30 -21.07 -21.03
N ALA D 45 -27.93 -21.26 -19.88
CA ALA D 45 -28.87 -20.25 -19.37
C ALA D 45 -28.13 -18.91 -19.14
N GLY D 46 -26.91 -18.96 -18.61
CA GLY D 46 -26.09 -17.77 -18.39
C GLY D 46 -25.85 -17.00 -19.69
N ARG D 47 -25.63 -17.74 -20.77
CA ARG D 47 -25.40 -17.13 -22.07
C ARG D 47 -26.68 -16.50 -22.59
N ARG D 48 -27.80 -17.22 -22.45
CA ARG D 48 -29.06 -16.66 -22.91
C ARG D 48 -29.36 -15.39 -22.12
N LEU D 49 -28.97 -15.35 -20.84
CA LEU D 49 -29.19 -14.16 -20.02
C LEU D 49 -28.37 -12.99 -20.55
N LEU D 50 -27.14 -13.32 -20.95
CA LEU D 50 -26.22 -12.32 -21.33
C LEU D 50 -26.60 -11.67 -22.66
N ASP D 51 -26.97 -12.49 -23.64
CA ASP D 51 -27.51 -12.04 -24.93
C ASP D 51 -28.76 -11.20 -24.71
N LEU D 52 -29.66 -11.70 -23.87
CA LEU D 52 -30.86 -10.93 -23.61
C LEU D 52 -30.50 -9.52 -23.06
N LEU D 53 -29.35 -9.38 -22.40
CA LEU D 53 -29.04 -8.10 -21.78
C LEU D 53 -28.46 -7.07 -22.76
N GLU D 54 -27.80 -7.55 -23.81
CA GLU D 54 -27.11 -6.66 -24.75
C GLU D 54 -28.08 -5.63 -25.35
N ARG D 55 -29.34 -6.01 -25.53
CA ARG D 55 -30.32 -5.04 -25.98
C ARG D 55 -30.67 -3.87 -25.02
N TYR D 56 -30.35 -3.95 -23.74
CA TYR D 56 -30.60 -2.78 -22.86
C TYR D 56 -29.35 -1.93 -22.64
N LEU D 57 -28.23 -2.45 -23.07
CA LEU D 57 -26.99 -1.74 -22.82
C LEU D 57 -26.94 -0.31 -23.37
N PRO D 58 -27.45 -0.07 -24.59
CA PRO D 58 -27.46 1.29 -25.11
C PRO D 58 -28.28 2.23 -24.27
N ALA D 59 -29.49 1.85 -23.92
CA ALA D 59 -30.35 2.74 -23.14
C ALA D 59 -29.79 3.05 -21.75
N LEU D 60 -29.29 2.02 -21.05
CA LEU D 60 -28.66 2.20 -19.76
C LEU D 60 -27.66 3.32 -19.80
N GLU D 61 -26.75 3.25 -20.78
CA GLU D 61 -25.67 4.20 -20.98
C GLU D 61 -26.20 5.60 -21.23
N ALA D 62 -27.06 5.76 -22.22
CA ALA D 62 -27.78 7.00 -22.45
C ALA D 62 -28.49 7.57 -21.19
N GLU D 63 -29.07 6.73 -20.34
CA GLU D 63 -29.82 7.24 -19.19
C GLU D 63 -28.96 7.34 -17.96
N SER D 64 -27.73 6.83 -18.04
CA SER D 64 -26.74 6.87 -16.95
C SER D 64 -26.60 8.21 -16.18
N ARG D 65 -26.26 9.30 -16.88
CA ARG D 65 -26.11 10.60 -16.23
C ARG D 65 -27.38 11.14 -15.56
N ASP D 66 -28.55 11.00 -16.20
CA ASP D 66 -29.82 11.50 -15.64
C ASP D 66 -30.19 10.83 -14.36
N ASN D 67 -30.13 9.51 -14.42
CA ASN D 67 -30.50 8.64 -13.32
C ASN D 67 -29.63 8.97 -12.11
N ASP D 68 -28.35 9.26 -12.38
CA ASP D 68 -27.44 9.63 -11.32
C ASP D 68 -27.76 10.98 -10.74
N ARG D 69 -27.89 12.01 -11.59
CA ARG D 69 -28.14 13.37 -11.14
C ARG D 69 -29.43 13.48 -10.31
N GLU D 70 -30.51 12.90 -10.81
CA GLU D 70 -31.80 12.96 -10.15
C GLU D 70 -31.98 11.86 -9.07
N ALA D 71 -31.07 10.88 -9.03
CA ALA D 71 -31.20 9.74 -8.12
C ALA D 71 -32.52 9.01 -8.28
N THR D 72 -32.80 8.60 -9.51
CA THR D 72 -34.06 8.01 -9.89
C THR D 72 -33.86 6.62 -10.45
N LEU D 73 -34.68 5.69 -9.99
CA LEU D 73 -34.71 4.35 -10.52
C LEU D 73 -35.51 4.34 -11.85
N PRO D 74 -34.91 3.79 -12.91
CA PRO D 74 -35.57 3.81 -14.21
C PRO D 74 -36.69 2.78 -14.32
N VAL D 75 -37.81 3.08 -13.66
CA VAL D 75 -39.04 2.25 -13.70
C VAL D 75 -39.40 1.61 -15.07
N HIS D 76 -39.51 2.46 -16.09
CA HIS D 76 -39.73 2.05 -17.47
C HIS D 76 -38.77 0.95 -17.91
N LEU D 77 -37.47 1.14 -17.70
CA LEU D 77 -36.48 0.16 -18.16
C LEU D 77 -36.63 -1.17 -17.44
N PHE D 78 -36.96 -1.08 -16.16
CA PHE D 78 -37.35 -2.24 -15.37
C PHE D 78 -38.62 -2.90 -15.90
N ASP D 79 -39.64 -2.11 -16.23
CA ASP D 79 -40.87 -2.67 -16.83
C ASP D 79 -40.58 -3.57 -18.08
N ARG D 80 -39.80 -3.07 -19.03
CA ARG D 80 -39.42 -3.83 -20.21
C ARG D 80 -38.78 -5.15 -19.79
N MET D 81 -37.72 -5.07 -19.00
CA MET D 81 -37.01 -6.24 -18.44
C MET D 81 -37.91 -7.25 -17.70
N ARG D 82 -38.85 -6.79 -16.88
CA ARG D 82 -39.85 -7.67 -16.24
C ARG D 82 -40.73 -8.35 -17.30
N LYS D 83 -41.44 -7.55 -18.10
CA LYS D 83 -42.31 -8.08 -19.15
C LYS D 83 -41.56 -8.96 -20.12
N GLU D 84 -40.25 -8.79 -20.19
CA GLU D 84 -39.46 -9.44 -21.24
C GLU D 84 -38.66 -10.69 -20.85
N GLY D 85 -38.95 -11.24 -19.67
CA GLY D 85 -38.33 -12.47 -19.15
C GLY D 85 -37.20 -12.32 -18.11
N VAL D 86 -36.57 -11.15 -18.10
CA VAL D 86 -35.27 -10.95 -17.44
C VAL D 86 -35.26 -10.98 -15.89
N LEU D 87 -36.22 -10.33 -15.26
CA LEU D 87 -36.35 -10.38 -13.81
C LEU D 87 -36.61 -11.76 -13.26
N GLY D 88 -36.76 -12.75 -14.13
CA GLY D 88 -36.93 -14.15 -13.69
C GLY D 88 -35.84 -15.03 -14.27
N ALA D 89 -34.71 -14.39 -14.55
CA ALA D 89 -33.55 -15.13 -15.03
C ALA D 89 -33.14 -16.32 -14.16
N THR D 90 -33.24 -16.19 -12.83
CA THR D 90 -32.70 -17.21 -11.92
C THR D 90 -33.79 -18.05 -11.34
N VAL D 91 -34.97 -17.93 -11.93
CA VAL D 91 -36.11 -18.81 -11.65
C VAL D 91 -35.94 -20.07 -12.49
N PRO D 92 -36.15 -21.26 -11.91
CA PRO D 92 -35.89 -22.39 -12.81
C PRO D 92 -36.89 -22.46 -13.97
N GLU D 93 -36.46 -23.06 -15.07
CA GLU D 93 -37.28 -23.22 -16.28
C GLU D 93 -38.60 -23.89 -15.98
N ASP D 94 -38.57 -25.02 -15.30
CA ASP D 94 -39.83 -25.66 -14.89
C ASP D 94 -40.84 -24.68 -14.27
N LEU D 95 -40.37 -23.55 -13.78
CA LEU D 95 -41.27 -22.65 -13.07
C LEU D 95 -41.52 -21.35 -13.80
N GLY D 96 -41.04 -21.26 -15.04
CA GLY D 96 -41.37 -20.14 -15.90
C GLY D 96 -40.23 -19.22 -16.27
N GLY D 97 -39.09 -19.34 -15.58
CA GLY D 97 -37.96 -18.43 -15.76
C GLY D 97 -36.91 -19.02 -16.68
N LEU D 98 -35.77 -18.33 -16.81
CA LEU D 98 -34.72 -18.73 -17.76
C LEU D 98 -33.78 -19.80 -17.27
N GLY D 99 -34.02 -20.33 -16.07
CA GLY D 99 -33.15 -21.27 -15.38
C GLY D 99 -31.68 -20.93 -15.17
N VAL D 100 -31.36 -19.69 -14.82
CA VAL D 100 -29.95 -19.35 -14.59
C VAL D 100 -29.59 -19.80 -13.20
N HIS D 101 -28.76 -20.83 -13.08
CA HIS D 101 -28.41 -21.38 -11.78
C HIS D 101 -27.03 -20.96 -11.28
N SER D 102 -26.25 -20.25 -12.10
CA SER D 102 -24.84 -20.03 -11.84
C SER D 102 -24.60 -18.64 -11.30
N LEU D 103 -24.15 -18.55 -10.05
CA LEU D 103 -23.63 -17.29 -9.50
C LEU D 103 -22.52 -16.71 -10.35
N HIS D 104 -21.70 -17.57 -10.95
CA HIS D 104 -20.62 -17.07 -11.78
C HIS D 104 -21.24 -16.25 -12.88
N ASP D 105 -22.23 -16.85 -13.56
CA ASP D 105 -22.94 -16.20 -14.66
C ASP D 105 -23.76 -14.97 -14.21
N VAL D 106 -24.36 -15.04 -13.02
CA VAL D 106 -25.03 -13.87 -12.49
C VAL D 106 -24.04 -12.70 -12.28
N ALA D 107 -22.86 -13.00 -11.74
CA ALA D 107 -21.88 -11.96 -11.49
C ALA D 107 -21.52 -11.36 -12.81
N LEU D 108 -21.28 -12.22 -13.80
CA LEU D 108 -20.98 -11.77 -15.16
C LEU D 108 -21.99 -10.76 -15.71
N ALA D 109 -23.27 -11.10 -15.61
CA ALA D 109 -24.33 -10.26 -16.11
C ALA D 109 -24.27 -8.95 -15.39
N LEU D 110 -24.12 -9.01 -14.07
CA LEU D 110 -24.08 -7.76 -13.31
C LEU D 110 -22.86 -6.90 -13.67
N ALA D 111 -21.72 -7.54 -13.91
CA ALA D 111 -20.54 -6.82 -14.40
C ALA D 111 -20.84 -6.01 -15.69
N ARG D 112 -21.50 -6.66 -16.64
CA ARG D 112 -21.83 -6.05 -17.90
C ARG D 112 -22.69 -4.83 -17.67
N ILE D 113 -23.75 -4.97 -16.89
CA ILE D 113 -24.68 -3.88 -16.66
C ILE D 113 -23.99 -2.76 -15.91
N ALA D 114 -23.36 -3.12 -14.80
CA ALA D 114 -22.64 -2.18 -13.99
C ALA D 114 -21.68 -1.34 -14.81
N GLY D 115 -21.24 -1.84 -15.96
CA GLY D 115 -20.34 -1.07 -16.82
C GLY D 115 -21.01 0.16 -17.41
N ARG D 116 -22.34 0.17 -17.36
CA ARG D 116 -23.15 1.23 -17.95
C ARG D 116 -23.81 1.98 -16.80
N ASP D 117 -24.28 1.22 -15.82
CA ASP D 117 -25.03 1.79 -14.71
C ASP D 117 -25.03 0.78 -13.57
N ALA D 118 -24.21 1.08 -12.57
CA ALA D 118 -24.01 0.19 -11.46
C ALA D 118 -25.21 0.14 -10.50
N GLY D 119 -25.81 1.27 -10.21
CA GLY D 119 -27.00 1.25 -9.36
C GLY D 119 -28.11 0.43 -9.99
N VAL D 120 -28.14 0.33 -11.31
CA VAL D 120 -29.20 -0.48 -11.90
C VAL D 120 -28.84 -1.93 -11.70
N ALA D 121 -27.56 -2.23 -11.94
CA ALA D 121 -26.99 -3.55 -11.63
C ALA D 121 -27.29 -3.92 -10.19
N LEU D 122 -27.02 -2.99 -9.28
CA LEU D 122 -27.24 -3.24 -7.84
C LEU D 122 -28.69 -3.62 -7.55
N ALA D 123 -29.63 -2.87 -8.14
CA ALA D 123 -31.08 -3.12 -7.94
C ALA D 123 -31.45 -4.49 -8.46
N LEU D 124 -31.12 -4.79 -9.72
CA LEU D 124 -31.38 -6.12 -10.32
C LEU D 124 -30.94 -7.32 -9.49
N HIS D 125 -29.81 -7.18 -8.82
CA HIS D 125 -29.28 -8.24 -7.99
C HIS D 125 -30.33 -8.71 -6.99
N MET D 126 -31.26 -7.83 -6.57
CA MET D 126 -32.30 -8.24 -5.63
C MET D 126 -33.06 -9.38 -6.28
N GLN D 127 -33.41 -9.20 -7.56
CA GLN D 127 -34.20 -10.24 -8.21
C GLN D 127 -33.38 -11.49 -8.41
N PHE D 128 -32.17 -11.33 -8.95
CA PHE D 128 -31.33 -12.45 -9.30
C PHE D 128 -31.07 -13.34 -8.09
N SER D 129 -30.57 -12.76 -6.99
CA SER D 129 -30.31 -13.51 -5.78
C SER D 129 -31.58 -14.16 -5.24
N ARG D 130 -32.71 -13.46 -5.30
CA ARG D 130 -33.98 -14.04 -4.78
C ARG D 130 -34.37 -15.35 -5.53
N GLY D 131 -34.19 -15.35 -6.85
CA GLY D 131 -34.32 -16.58 -7.64
C GLY D 131 -33.58 -17.77 -7.08
N LEU D 132 -32.28 -17.60 -6.87
CA LEU D 132 -31.41 -18.64 -6.32
C LEU D 132 -31.79 -19.11 -4.91
N THR D 133 -32.06 -18.16 -4.00
CA THR D 133 -32.33 -18.47 -2.61
C THR D 133 -33.70 -19.17 -2.49
N LEU D 134 -34.71 -18.64 -3.16
CA LEU D 134 -35.99 -19.32 -3.24
C LEU D 134 -35.88 -20.76 -3.83
N ASP D 135 -35.16 -20.91 -4.95
CA ASP D 135 -34.85 -22.26 -5.47
C ASP D 135 -34.35 -23.25 -4.38
N PHE D 136 -33.42 -22.80 -3.55
CA PHE D 136 -32.89 -23.65 -2.52
C PHE D 136 -34.04 -24.03 -1.55
N GLU D 137 -34.74 -23.01 -1.06
CA GLU D 137 -35.84 -23.25 -0.15
C GLU D 137 -36.90 -24.17 -0.74
N TRP D 138 -37.08 -24.10 -2.06
CA TRP D 138 -37.99 -24.96 -2.78
C TRP D 138 -37.50 -26.40 -2.74
N ARG D 139 -36.19 -26.60 -2.82
CA ARG D 139 -35.73 -27.98 -2.93
C ARG D 139 -35.30 -28.59 -1.63
N HIS D 140 -35.02 -27.74 -0.62
CA HIS D 140 -34.25 -28.12 0.58
C HIS D 140 -34.71 -27.46 1.84
N GLY D 141 -35.65 -26.53 1.76
CA GLY D 141 -36.20 -25.99 2.98
C GLY D 141 -37.10 -27.01 3.66
N ALA D 142 -37.63 -26.63 4.82
CA ALA D 142 -38.56 -27.50 5.53
C ALA D 142 -39.76 -27.85 4.63
N PRO D 143 -40.30 -29.05 4.79
CA PRO D 143 -41.47 -29.42 3.99
C PRO D 143 -42.55 -28.35 3.89
N SER D 144 -42.90 -27.69 5.01
CA SER D 144 -43.93 -26.62 5.01
C SER D 144 -43.55 -25.35 4.20
N THR D 145 -42.26 -25.07 4.07
CA THR D 145 -41.72 -23.97 3.25
C THR D 145 -41.93 -24.14 1.72
N ARG D 146 -41.68 -25.35 1.22
CA ARG D 146 -41.55 -25.54 -0.24
C ARG D 146 -42.69 -25.08 -1.12
N PRO D 147 -43.97 -25.39 -0.76
CA PRO D 147 -45.10 -24.88 -1.55
C PRO D 147 -45.13 -23.33 -1.59
N LEU D 148 -44.86 -22.67 -0.45
CA LEU D 148 -44.72 -21.20 -0.47
C LEU D 148 -43.60 -20.72 -1.38
N ALA D 149 -42.41 -21.29 -1.23
CA ALA D 149 -41.35 -21.05 -2.18
C ALA D 149 -41.83 -21.23 -3.64
N GLU D 150 -42.50 -22.34 -3.94
CA GLU D 150 -42.87 -22.66 -5.33
C GLU D 150 -43.77 -21.57 -5.90
N ASP D 151 -44.73 -21.14 -5.09
CA ASP D 151 -45.63 -20.07 -5.47
C ASP D 151 -44.81 -18.81 -5.90
N LEU D 152 -43.93 -18.33 -5.02
CA LEU D 152 -43.18 -17.12 -5.28
C LEU D 152 -42.27 -17.21 -6.52
N LEU D 153 -41.69 -18.37 -6.75
CA LEU D 153 -40.89 -18.54 -7.94
C LEU D 153 -41.73 -18.46 -9.21
N ARG D 154 -42.93 -19.06 -9.19
CA ARG D 154 -43.80 -19.11 -10.37
C ARG D 154 -44.22 -17.71 -10.67
N GLN D 155 -44.52 -16.94 -9.63
CA GLN D 155 -44.92 -15.55 -9.81
C GLN D 155 -43.82 -14.72 -10.39
N MET D 156 -42.58 -14.90 -9.90
CA MET D 156 -41.44 -14.23 -10.51
C MET D 156 -41.27 -14.62 -11.99
N GLY D 157 -41.33 -15.92 -12.28
CA GLY D 157 -41.17 -16.40 -13.68
C GLY D 157 -42.23 -15.86 -14.63
N ALA D 158 -43.45 -15.72 -14.11
CA ALA D 158 -44.57 -15.23 -14.87
C ALA D 158 -44.48 -13.69 -14.99
N GLY D 159 -43.57 -13.05 -14.26
CA GLY D 159 -43.46 -11.59 -14.33
C GLY D 159 -44.44 -10.84 -13.45
N GLU D 160 -45.27 -11.56 -12.69
CA GLU D 160 -46.23 -10.96 -11.76
C GLU D 160 -45.61 -10.53 -10.43
N ALA D 161 -44.41 -11.02 -10.09
CA ALA D 161 -43.80 -10.64 -8.79
C ALA D 161 -42.39 -10.06 -8.86
N VAL D 162 -42.19 -9.03 -8.06
CA VAL D 162 -40.91 -8.40 -7.94
C VAL D 162 -40.64 -8.34 -6.44
N ILE D 163 -39.66 -9.11 -5.97
CA ILE D 163 -39.42 -9.33 -4.54
C ILE D 163 -38.11 -8.78 -3.99
N CYS D 164 -38.22 -7.88 -3.03
CA CYS D 164 -37.03 -7.34 -2.37
C CYS D 164 -36.78 -7.87 -0.98
N GLY D 165 -35.50 -8.01 -0.62
CA GLY D 165 -35.15 -8.36 0.74
C GLY D 165 -35.06 -7.09 1.55
N ALA D 166 -35.91 -6.92 2.54
CA ALA D 166 -35.72 -5.78 3.41
C ALA D 166 -35.01 -6.28 4.66
N VAL D 167 -33.73 -5.94 4.78
CA VAL D 167 -32.86 -6.60 5.75
C VAL D 167 -32.42 -5.69 6.88
N LYS D 168 -31.83 -4.53 6.55
CA LYS D 168 -31.15 -3.68 7.56
C LYS D 168 -32.08 -2.76 8.33
N ASP D 169 -32.03 -2.92 9.66
CA ASP D 169 -32.84 -2.21 10.64
C ASP D 169 -32.34 -0.79 10.75
N VAL D 170 -33.29 0.11 11.01
CA VAL D 170 -32.97 1.48 11.37
C VAL D 170 -34.09 1.89 12.32
N ARG D 171 -33.77 2.80 13.23
CA ARG D 171 -34.69 3.25 14.31
C ARG D 171 -35.32 2.07 15.07
N GLY D 172 -34.49 1.36 15.82
CA GLY D 172 -34.93 0.16 16.55
C GLY D 172 -34.81 -1.07 15.67
N THR D 173 -35.21 -2.22 16.21
CA THR D 173 -35.18 -3.51 15.50
C THR D 173 -36.60 -3.83 15.03
N THR D 174 -36.74 -4.84 14.17
CA THR D 174 -38.02 -5.09 13.52
C THR D 174 -38.59 -6.40 14.04
N VAL D 175 -39.78 -6.32 14.63
CA VAL D 175 -40.42 -7.47 15.25
C VAL D 175 -41.69 -7.87 14.56
N LEU D 176 -41.89 -9.18 14.56
CA LEU D 176 -43.12 -9.82 14.16
C LEU D 176 -43.59 -10.55 15.40
N THR D 177 -44.75 -10.14 15.94
CA THR D 177 -45.34 -10.82 17.11
C THR D 177 -46.55 -11.69 16.70
N ARG D 178 -46.58 -12.91 17.22
CA ARG D 178 -47.69 -13.84 17.01
C ARG D 178 -48.66 -13.78 18.21
N ALA D 179 -49.91 -13.42 17.92
CA ALA D 179 -50.94 -13.09 18.90
C ALA D 179 -50.89 -13.85 20.26
N ASP D 181 -54.21 -15.78 19.28
CA ASP D 181 -55.10 -16.42 18.32
C ASP D 181 -54.30 -16.98 17.15
N GLY D 182 -53.03 -16.58 17.06
CA GLY D 182 -52.13 -17.05 15.99
C GLY D 182 -51.92 -16.13 14.80
N SER D 183 -52.58 -14.97 14.80
CA SER D 183 -52.32 -13.94 13.78
C SER D 183 -51.00 -13.18 14.01
N TYR D 184 -50.57 -12.45 12.97
CA TYR D 184 -49.25 -11.85 12.92
C TYR D 184 -49.22 -10.33 12.68
N ARG D 185 -48.53 -9.60 13.55
CA ARG D 185 -48.30 -8.17 13.31
C ARG D 185 -46.82 -7.79 13.17
N LEU D 186 -46.52 -7.03 12.14
CA LEU D 186 -45.14 -6.62 11.87
C LEU D 186 -44.82 -5.12 12.11
N ASN D 187 -43.85 -4.84 12.98
CA ASN D 187 -43.49 -3.46 13.34
C ASN D 187 -42.02 -3.18 13.24
N GLY D 188 -41.71 -2.11 12.51
CA GLY D 188 -40.35 -1.60 12.41
C GLY D 188 -40.02 -0.87 11.10
N ARG D 189 -38.71 -0.73 10.86
CA ARG D 189 -38.20 0.00 9.72
C ARG D 189 -37.04 -0.71 9.03
N LYS D 190 -37.05 -0.67 7.70
CA LYS D 190 -35.90 -1.18 6.93
C LYS D 190 -35.29 -0.06 6.08
N THR D 191 -34.06 -0.27 5.64
CA THR D 191 -33.35 0.78 4.94
C THR D 191 -32.48 0.19 3.79
N LEU D 192 -32.11 1.03 2.83
CA LEU D 192 -31.26 0.65 1.71
C LEU D 192 -31.84 -0.59 1.05
N VAL D 193 -33.17 -0.59 0.93
CA VAL D 193 -33.89 -1.61 0.17
C VAL D 193 -33.94 -1.27 -1.32
N SER D 194 -32.85 -1.57 -1.99
CA SER D 194 -32.73 -1.19 -3.36
C SER D 194 -33.86 -1.81 -4.21
N MET D 195 -34.44 -1.01 -5.10
CA MET D 195 -35.51 -1.47 -5.99
C MET D 195 -36.85 -1.67 -5.22
N ALA D 196 -36.91 -1.25 -3.95
CA ALA D 196 -38.16 -1.34 -3.20
C ALA D 196 -39.39 -0.66 -3.87
N GLY D 197 -39.14 0.43 -4.58
CA GLY D 197 -40.20 1.23 -5.19
C GLY D 197 -41.01 0.52 -6.26
N ILE D 198 -40.43 -0.43 -6.95
CA ILE D 198 -41.21 -1.18 -7.91
C ILE D 198 -41.46 -2.61 -7.42
N ALA D 199 -41.26 -2.86 -6.14
CA ALA D 199 -41.50 -4.21 -5.60
C ALA D 199 -42.98 -4.50 -5.41
N THR D 200 -43.37 -5.77 -5.56
CA THR D 200 -44.72 -6.24 -5.22
C THR D 200 -44.67 -7.02 -3.91
N HIS D 201 -43.56 -7.69 -3.62
CA HIS D 201 -43.39 -8.31 -2.27
C HIS D 201 -42.08 -8.05 -1.60
N TYR D 202 -42.10 -7.98 -0.28
CA TYR D 202 -40.86 -7.95 0.50
C TYR D 202 -40.70 -9.19 1.35
N VAL D 203 -39.46 -9.60 1.54
CA VAL D 203 -39.10 -10.71 2.41
C VAL D 203 -38.31 -10.04 3.50
N VAL D 204 -38.94 -9.93 4.66
CA VAL D 204 -38.50 -9.02 5.72
C VAL D 204 -37.79 -9.76 6.85
N SER D 205 -36.55 -9.36 7.12
CA SER D 205 -35.81 -9.94 8.23
C SER D 205 -36.38 -9.45 9.56
N THR D 206 -36.73 -10.37 10.44
CA THR D 206 -37.40 -9.99 11.70
C THR D 206 -36.99 -10.86 12.89
N ARG D 207 -37.25 -10.32 14.08
CA ARG D 207 -37.29 -11.12 15.28
C ARG D 207 -38.75 -11.53 15.46
N LEU D 208 -38.97 -12.78 15.83
CA LEU D 208 -40.30 -13.36 16.13
C LEU D 208 -40.46 -13.59 17.64
N GLU D 209 -41.59 -13.12 18.19
CA GLU D 209 -41.88 -13.19 19.65
C GLU D 209 -43.25 -13.82 19.96
N GLU D 210 -43.36 -14.50 21.10
CA GLU D 210 -44.57 -15.24 21.45
C GLU D 210 -44.64 -15.48 22.96
N ALA D 213 -43.64 -19.74 23.34
CA ALA D 213 -42.57 -20.02 22.37
C ALA D 213 -41.33 -19.12 22.58
N PRO D 214 -40.11 -19.70 22.49
CA PRO D 214 -38.88 -18.88 22.70
C PRO D 214 -38.61 -17.96 21.50
N VAL D 215 -37.67 -17.03 21.65
CA VAL D 215 -37.43 -16.00 20.64
C VAL D 215 -36.81 -16.58 19.36
N ARG D 216 -37.64 -16.70 18.32
CA ARG D 216 -37.21 -17.19 17.01
C ARG D 216 -36.80 -16.05 16.02
N LEU D 217 -36.18 -16.40 14.91
CA LEU D 217 -35.94 -15.45 13.85
C LEU D 217 -36.82 -15.90 12.70
N ALA D 218 -37.24 -14.93 11.87
CA ALA D 218 -38.23 -15.19 10.83
C ALA D 218 -38.10 -14.19 9.68
N ALA D 219 -38.80 -14.49 8.58
CA ALA D 219 -38.82 -13.70 7.36
C ALA D 219 -40.20 -13.76 6.74
N PRO D 220 -41.14 -12.95 7.24
CA PRO D 220 -42.48 -12.92 6.67
C PRO D 220 -42.45 -12.33 5.25
N VAL D 221 -43.35 -12.81 4.39
CA VAL D 221 -43.44 -12.31 3.04
C VAL D 221 -44.62 -11.38 2.94
N VAL D 222 -44.33 -10.08 2.83
CA VAL D 222 -45.32 -9.00 2.88
C VAL D 222 -45.60 -8.35 1.52
N ALA D 223 -46.87 -8.27 1.16
CA ALA D 223 -47.24 -7.74 -0.14
C ALA D 223 -47.17 -6.22 -0.13
N ARG D 224 -47.03 -5.64 -1.33
CA ARG D 224 -46.94 -4.19 -1.49
C ARG D 224 -48.07 -3.45 -0.78
N THR D 225 -49.28 -3.98 -0.96
CA THR D 225 -50.52 -3.34 -0.57
C THR D 225 -51.06 -3.72 0.82
N THR D 226 -50.24 -4.41 1.61
CA THR D 226 -50.51 -4.58 3.04
C THR D 226 -50.80 -3.21 3.68
N PRO D 227 -51.83 -3.13 4.52
CA PRO D 227 -52.04 -1.90 5.27
C PRO D 227 -50.91 -1.67 6.29
N GLY D 228 -50.54 -0.40 6.49
CA GLY D 228 -49.50 -0.02 7.46
C GLY D 228 -48.10 0.03 6.89
N LEU D 229 -47.96 -0.35 5.63
CA LEU D 229 -46.67 -0.39 4.97
C LEU D 229 -46.40 0.89 4.17
N THR D 230 -45.25 1.51 4.37
CA THR D 230 -44.94 2.75 3.68
C THR D 230 -43.55 2.73 3.02
N VAL D 231 -43.48 2.75 1.69
CA VAL D 231 -42.19 2.88 0.98
C VAL D 231 -41.75 4.35 0.79
N LEU D 232 -40.74 4.78 1.55
CA LEU D 232 -40.29 6.17 1.54
C LEU D 232 -39.54 6.53 0.28
N ASP D 233 -39.20 7.81 0.12
CA ASP D 233 -38.44 8.23 -1.05
C ASP D 233 -37.27 9.10 -0.58
N ASN D 234 -36.34 8.47 0.12
CA ASN D 234 -35.34 9.23 0.83
C ASN D 234 -33.94 8.89 0.35
N TRP D 235 -33.82 8.30 -0.84
CA TRP D 235 -32.54 7.75 -1.28
C TRP D 235 -31.60 8.82 -1.80
N ASP D 236 -30.51 9.07 -1.07
CA ASP D 236 -29.61 10.20 -1.36
C ASP D 236 -28.16 9.79 -1.29
N GLY D 237 -27.87 8.56 -1.73
CA GLY D 237 -26.49 8.05 -1.76
C GLY D 237 -25.52 8.86 -2.61
N MET D 238 -24.26 8.88 -2.17
CA MET D 238 -23.19 9.53 -2.90
C MET D 238 -23.04 8.85 -4.25
N GLY D 239 -23.21 7.53 -4.28
CA GLY D 239 -23.26 6.79 -5.53
C GLY D 239 -24.35 5.73 -5.49
N MET D 240 -24.36 4.85 -6.50
CA MET D 240 -25.44 3.89 -6.68
C MET D 240 -26.80 4.64 -6.69
N ARG D 241 -26.75 5.87 -7.21
CA ARG D 241 -27.87 6.77 -7.10
C ARG D 241 -29.14 6.29 -7.82
N SER D 242 -28.94 5.51 -8.88
CA SER D 242 -30.05 4.91 -9.57
C SER D 242 -30.66 3.68 -8.91
N SER D 243 -30.20 3.30 -7.73
CA SER D 243 -30.55 1.97 -7.25
C SER D 243 -31.85 1.99 -6.46
N GLY D 244 -32.42 3.17 -6.24
CA GLY D 244 -33.68 3.26 -5.49
C GLY D 244 -33.60 2.61 -4.10
N SER D 245 -32.54 2.89 -3.36
CA SER D 245 -32.33 2.27 -2.05
C SER D 245 -32.98 3.07 -0.93
N VAL D 246 -34.31 2.96 -0.96
CA VAL D 246 -35.21 3.67 -0.04
C VAL D 246 -35.48 2.86 1.23
N ASP D 247 -36.07 3.53 2.22
CA ASP D 247 -36.50 2.93 3.47
C ASP D 247 -37.91 2.43 3.39
N ILE D 248 -38.24 1.44 4.20
CA ILE D 248 -39.63 1.03 4.33
C ILE D 248 -40.09 1.04 5.78
N VAL D 249 -41.33 1.45 6.00
CA VAL D 249 -41.86 1.50 7.34
C VAL D 249 -43.03 0.54 7.40
N PHE D 250 -42.99 -0.30 8.43
CA PHE D 250 -44.04 -1.28 8.72
C PHE D 250 -44.65 -0.86 10.02
N ASP D 251 -45.92 -0.50 9.92
CA ASP D 251 -46.66 0.07 11.00
C ASP D 251 -47.86 -0.84 11.24
N GLY D 252 -47.74 -1.65 12.30
CA GLY D 252 -48.74 -2.66 12.64
C GLY D 252 -49.23 -3.41 11.42
N CYS D 253 -48.32 -3.89 10.56
CA CYS D 253 -48.69 -4.61 9.33
C CYS D 253 -49.17 -6.05 9.60
N PRO D 254 -50.38 -6.39 9.07
CA PRO D 254 -51.01 -7.73 9.07
C PRO D 254 -50.40 -8.69 8.05
N VAL D 255 -49.69 -9.70 8.56
CA VAL D 255 -49.05 -10.69 7.69
C VAL D 255 -49.75 -12.04 7.89
N ASP D 256 -50.22 -12.68 6.83
CA ASP D 256 -50.96 -13.93 7.08
C ASP D 256 -50.06 -15.14 7.37
N ARG D 257 -50.59 -16.06 8.20
CA ARG D 257 -49.84 -17.23 8.73
C ARG D 257 -49.35 -18.17 7.64
N ASP D 258 -50.06 -18.21 6.51
CA ASP D 258 -49.73 -19.04 5.39
C ASP D 258 -48.39 -18.61 4.73
N ARG D 259 -47.90 -17.42 5.12
CA ARG D 259 -46.80 -16.76 4.40
C ARG D 259 -45.54 -16.29 5.19
N VAL D 260 -45.02 -17.13 6.10
CA VAL D 260 -43.86 -16.78 6.95
C VAL D 260 -42.70 -17.78 6.79
N LEU D 261 -41.66 -17.40 6.04
CA LEU D 261 -40.45 -18.24 5.89
C LEU D 261 -39.64 -18.36 7.23
N PRO D 262 -39.34 -19.61 7.66
CA PRO D 262 -38.62 -19.76 8.93
C PRO D 262 -37.11 -19.38 8.82
N ARG D 263 -36.48 -18.99 9.92
CA ARG D 263 -35.11 -18.50 9.86
C ARG D 263 -34.25 -18.86 11.05
N GLY D 264 -34.71 -19.76 11.91
CA GLY D 264 -33.84 -20.21 13.00
C GLY D 264 -33.96 -19.47 14.32
N GLU D 265 -32.84 -18.93 14.82
CA GLU D 265 -32.76 -18.38 16.22
C GLU D 265 -31.67 -17.34 16.44
N PRO D 266 -31.93 -16.31 17.28
CA PRO D 266 -31.05 -15.13 17.42
C PRO D 266 -29.76 -15.41 18.20
N GLY D 267 -28.71 -14.64 17.91
CA GLY D 267 -27.42 -14.76 18.62
C GLY D 267 -26.65 -16.07 18.42
N VAL D 268 -27.39 -17.17 18.21
CA VAL D 268 -26.83 -18.53 17.98
C VAL D 268 -25.94 -18.60 16.71
N ARG D 269 -24.63 -18.71 16.92
CA ARG D 269 -23.69 -18.90 15.80
C ARG D 269 -24.13 -20.14 15.04
N ASP D 270 -24.48 -19.95 13.76
CA ASP D 270 -24.71 -21.07 12.87
C ASP D 270 -24.04 -20.94 11.50
N ASP D 271 -22.83 -21.49 11.41
CA ASP D 271 -22.00 -21.48 10.22
C ASP D 271 -22.62 -22.02 8.92
N ALA D 272 -23.58 -22.93 9.02
CA ALA D 272 -24.34 -23.38 7.85
C ALA D 272 -25.05 -22.22 7.14
N ALA D 273 -25.58 -21.30 7.96
CA ALA D 273 -26.19 -20.05 7.49
C ALA D 273 -25.21 -19.26 6.58
N LEU D 274 -23.91 -19.51 6.73
CA LEU D 274 -22.96 -18.79 5.88
C LEU D 274 -23.17 -19.12 4.43
N ALA D 275 -23.63 -20.33 4.14
CA ALA D 275 -23.95 -20.76 2.76
C ALA D 275 -24.93 -19.79 2.09
N GLY D 276 -26.07 -19.58 2.75
CA GLY D 276 -27.09 -18.71 2.22
C GLY D 276 -26.64 -17.26 2.15
N GLN D 277 -25.92 -16.83 3.17
CA GLN D 277 -25.50 -15.48 3.23
C GLN D 277 -24.56 -15.15 2.05
N THR D 278 -23.83 -16.18 1.63
CA THR D 278 -22.97 -16.09 0.48
C THR D 278 -23.83 -16.01 -0.78
N VAL D 279 -24.64 -17.03 -0.97
CA VAL D 279 -25.45 -17.12 -2.14
C VAL D 279 -26.22 -15.80 -2.47
N SER D 280 -26.75 -15.17 -1.44
CA SER D 280 -27.48 -13.94 -1.66
C SER D 280 -26.63 -12.65 -1.76
N SER D 281 -25.30 -12.73 -1.67
CA SER D 281 -24.45 -11.53 -1.81
C SER D 281 -23.27 -11.60 -2.76
N ILE D 282 -22.72 -12.80 -2.92
CA ILE D 282 -21.48 -12.93 -3.64
C ILE D 282 -21.56 -12.34 -5.05
N ALA D 283 -22.65 -12.56 -5.79
CA ALA D 283 -22.68 -12.06 -7.17
C ALA D 283 -22.50 -10.53 -7.26
N MET D 284 -22.81 -9.79 -6.17
CA MET D 284 -22.57 -8.33 -6.13
C MET D 284 -21.15 -7.97 -6.53
N LEU D 285 -20.20 -8.79 -6.14
CA LEU D 285 -18.80 -8.53 -6.51
C LEU D 285 -18.58 -8.26 -8.02
N GLY D 286 -19.48 -8.77 -8.85
CA GLY D 286 -19.32 -8.54 -10.28
C GLY D 286 -19.47 -7.08 -10.63
N ILE D 287 -20.37 -6.40 -9.92
CA ILE D 287 -20.59 -4.96 -10.08
C ILE D 287 -19.28 -4.17 -10.01
N TYR D 288 -18.48 -4.38 -8.96
CA TYR D 288 -17.28 -3.58 -8.81
C TYR D 288 -16.16 -3.94 -9.81
N VAL D 289 -16.17 -5.19 -10.27
CA VAL D 289 -15.25 -5.60 -11.31
C VAL D 289 -15.60 -4.82 -12.56
N GLY D 290 -16.88 -4.80 -12.88
CA GLY D 290 -17.38 -4.13 -14.09
C GLY D 290 -17.12 -2.64 -13.99
N ILE D 291 -17.42 -2.07 -12.82
CA ILE D 291 -17.18 -0.64 -12.61
C ILE D 291 -15.70 -0.34 -12.84
N ALA D 292 -14.84 -1.19 -12.31
CA ALA D 292 -13.41 -0.92 -12.45
C ALA D 292 -13.01 -1.05 -13.93
N GLU D 293 -13.64 -2.02 -14.61
CA GLU D 293 -13.27 -2.37 -15.98
C GLU D 293 -13.73 -1.19 -16.91
N ALA D 294 -14.88 -0.59 -16.57
CA ALA D 294 -15.39 0.61 -17.20
C ALA D 294 -14.40 1.78 -17.05
N ALA D 295 -13.92 2.03 -15.83
CA ALA D 295 -13.01 3.13 -15.63
C ALA D 295 -11.78 2.90 -16.48
N ARG D 296 -11.40 1.66 -16.64
CA ARG D 296 -10.22 1.37 -17.42
C ARG D 296 -10.43 1.67 -18.90
N ARG D 297 -11.56 1.24 -19.46
CA ARG D 297 -11.95 1.60 -20.82
C ARG D 297 -11.81 3.13 -21.04
N ILE D 298 -12.48 3.91 -20.20
CA ILE D 298 -12.51 5.36 -20.33
C ILE D 298 -11.09 5.97 -20.28
N ALA D 299 -10.26 5.51 -19.35
CA ALA D 299 -8.89 6.02 -19.19
C ALA D 299 -7.96 5.68 -20.33
N LEU D 300 -8.09 4.49 -20.89
CA LEU D 300 -7.13 4.07 -21.93
C LEU D 300 -7.45 4.77 -23.21
N THR D 301 -8.74 4.79 -23.52
CA THR D 301 -9.29 5.53 -24.63
C THR D 301 -8.75 6.95 -24.60
N GLU D 302 -8.84 7.58 -23.45
CA GLU D 302 -8.40 8.93 -23.34
C GLU D 302 -6.89 9.04 -23.57
N LEU D 303 -6.12 8.10 -23.02
CA LEU D 303 -4.66 8.15 -23.13
C LEU D 303 -4.20 7.83 -24.54
N ARG D 304 -4.93 6.93 -25.21
CA ARG D 304 -4.56 6.50 -26.56
C ARG D 304 -4.91 7.65 -27.51
N ARG D 305 -6.03 8.31 -27.27
CA ARG D 305 -6.36 9.51 -28.02
C ARG D 305 -5.27 10.55 -27.72
N ARG D 306 -4.77 10.57 -26.50
CA ARG D 306 -3.85 11.62 -26.07
C ARG D 306 -2.40 11.48 -26.57
N GLY D 307 -2.04 10.36 -27.18
CA GLY D 307 -0.72 10.29 -27.81
C GLY D 307 0.44 9.70 -27.05
N GLY D 308 1.36 10.53 -26.58
CA GLY D 308 2.60 10.02 -25.96
C GLY D 308 2.34 9.38 -24.60
N ALA D 309 3.29 8.59 -24.09
CA ALA D 309 3.16 8.00 -22.75
C ALA D 309 4.26 8.49 -21.80
N PRO D 310 3.95 9.52 -20.95
CA PRO D 310 4.91 9.96 -19.88
C PRO D 310 5.16 8.86 -18.85
N ALA D 311 6.25 8.95 -18.07
CA ALA D 311 6.80 7.76 -17.36
C ALA D 311 5.92 7.21 -16.20
N GLY D 312 5.10 8.13 -15.65
CA GLY D 312 4.07 7.81 -14.68
C GLY D 312 2.89 7.02 -15.23
N VAL D 313 2.64 7.19 -16.52
CA VAL D 313 1.50 6.61 -17.16
C VAL D 313 1.75 5.13 -17.37
N ARG D 314 2.93 4.77 -17.82
CA ARG D 314 3.18 3.35 -18.10
C ARG D 314 3.04 2.58 -16.80
N THR D 315 3.58 3.12 -15.71
CA THR D 315 3.51 2.37 -14.47
C THR D 315 2.09 2.23 -13.96
N THR D 316 1.36 3.33 -13.91
CA THR D 316 -0.01 3.24 -13.44
C THR D 316 -0.79 2.26 -14.27
N VAL D 317 -0.48 2.25 -15.57
CA VAL D 317 -1.27 1.42 -16.46
C VAL D 317 -0.98 -0.03 -16.15
N ALA D 318 0.27 -0.35 -15.89
CA ALA D 318 0.62 -1.72 -15.59
C ALA D 318 -0.05 -2.12 -14.27
N GLU D 319 0.00 -1.26 -13.25
CA GLU D 319 -0.61 -1.63 -11.97
C GLU D 319 -2.14 -1.76 -12.03
N ILE D 320 -2.80 -0.93 -12.83
CA ILE D 320 -4.24 -1.01 -13.03
C ILE D 320 -4.60 -2.38 -13.54
N ASP D 321 -3.91 -2.73 -14.62
CA ASP D 321 -4.09 -3.97 -15.33
C ASP D 321 -3.80 -5.21 -14.49
N ALA D 322 -2.67 -5.21 -13.79
CA ALA D 322 -2.38 -6.23 -12.80
C ALA D 322 -3.52 -6.38 -11.78
N ARG D 323 -3.96 -5.29 -11.17
CA ARG D 323 -5.03 -5.41 -10.18
C ARG D 323 -6.31 -5.97 -10.77
N LEU D 324 -6.68 -5.50 -11.97
CA LEU D 324 -7.85 -6.07 -12.64
C LEU D 324 -7.65 -7.57 -12.87
N PHE D 325 -6.43 -7.98 -13.23
CA PHE D 325 -6.15 -9.40 -13.43
C PHE D 325 -6.44 -10.18 -12.12
N ALA D 326 -5.97 -9.63 -10.99
CA ALA D 326 -6.20 -10.20 -9.65
C ALA D 326 -7.69 -10.32 -9.40
N LEU D 327 -8.43 -9.27 -9.74
CA LEU D 327 -9.81 -9.16 -9.29
C LEU D 327 -10.59 -10.20 -10.06
N HIS D 328 -10.35 -10.26 -11.36
CA HIS D 328 -10.97 -11.27 -12.21
C HIS D 328 -10.78 -12.70 -11.76
N THR D 329 -9.53 -13.10 -11.49
CA THR D 329 -9.28 -14.47 -11.10
C THR D 329 -9.77 -14.73 -9.69
N ALA D 330 -9.67 -13.73 -8.82
CA ALA D 330 -10.05 -13.93 -7.42
C ALA D 330 -11.56 -14.02 -7.28
N VAL D 331 -12.25 -13.11 -7.93
CA VAL D 331 -13.69 -13.13 -7.89
C VAL D 331 -14.20 -14.40 -8.57
N ALA D 332 -13.58 -14.77 -9.67
CA ALA D 332 -14.07 -15.90 -10.43
C ALA D 332 -13.92 -17.19 -9.64
N SER D 333 -12.82 -17.31 -8.91
CA SER D 333 -12.55 -18.45 -8.05
C SER D 333 -13.59 -18.57 -6.98
N ALA D 334 -13.89 -17.49 -6.28
CA ALA D 334 -14.90 -17.52 -5.22
C ALA D 334 -16.30 -17.87 -5.72
N LEU D 335 -16.67 -17.39 -6.90
CA LEU D 335 -17.96 -17.71 -7.54
C LEU D 335 -18.00 -19.20 -7.87
N THR D 336 -16.93 -19.72 -8.48
CA THR D 336 -16.83 -21.14 -8.74
C THR D 336 -17.06 -21.99 -7.52
N THR D 337 -16.49 -21.55 -6.39
CA THR D 337 -16.58 -22.31 -5.14
C THR D 337 -18.03 -22.30 -4.74
N ALA D 338 -18.65 -21.13 -4.82
CA ALA D 338 -20.02 -20.97 -4.39
C ALA D 338 -20.90 -21.89 -5.24
N ASP D 339 -20.62 -21.94 -6.54
CA ASP D 339 -21.35 -22.81 -7.46
C ASP D 339 -21.15 -24.30 -7.14
N ARG D 340 -19.94 -24.71 -6.79
CA ARG D 340 -19.70 -26.10 -6.49
C ARG D 340 -20.49 -26.49 -5.22
N LEU D 341 -20.61 -25.60 -4.25
CA LEU D 341 -21.27 -26.01 -3.04
C LEU D 341 -22.79 -25.69 -2.97
N ALA D 342 -23.25 -24.97 -3.97
CA ALA D 342 -24.63 -24.47 -3.95
C ALA D 342 -25.63 -25.63 -3.83
N ASP D 343 -25.30 -26.76 -4.43
CA ASP D 343 -26.22 -27.86 -4.38
C ASP D 343 -25.71 -29.09 -3.61
N ASP D 344 -24.40 -29.14 -3.38
CA ASP D 344 -23.81 -30.24 -2.69
C ASP D 344 -23.94 -30.04 -1.19
N LEU D 345 -24.94 -30.70 -0.57
CA LEU D 345 -25.10 -30.54 0.88
C LEU D 345 -24.65 -31.78 1.67
N SER D 346 -23.64 -32.46 1.15
CA SER D 346 -23.33 -33.81 1.60
C SER D 346 -22.46 -33.98 2.86
N GLY D 347 -21.63 -33.02 3.21
CA GLY D 347 -20.76 -33.22 4.35
C GLY D 347 -21.29 -32.45 5.52
N ASP D 348 -20.36 -31.87 6.29
CA ASP D 348 -20.68 -30.96 7.36
C ASP D 348 -21.10 -29.57 6.82
N LEU D 349 -22.32 -29.16 7.15
CA LEU D 349 -22.90 -27.91 6.63
C LEU D 349 -22.31 -26.66 7.25
N ALA D 350 -21.88 -26.75 8.50
CA ALA D 350 -21.11 -25.66 9.11
C ALA D 350 -19.78 -25.49 8.33
N ALA D 351 -19.14 -26.61 8.02
CA ALA D 351 -17.97 -26.60 7.17
C ALA D 351 -18.25 -26.05 5.77
N ARG D 352 -19.39 -26.45 5.20
CA ARG D 352 -19.87 -26.00 3.88
C ARG D 352 -20.00 -24.45 3.82
N GLY D 353 -20.76 -23.91 4.79
CA GLY D 353 -20.85 -22.48 4.99
C GLY D 353 -19.49 -21.78 4.98
N ARG D 354 -18.60 -22.22 5.87
CA ARG D 354 -17.29 -21.60 5.95
C ARG D 354 -16.54 -21.72 4.61
N ALA D 355 -16.68 -22.88 3.96
CA ALA D 355 -16.02 -23.14 2.69
C ALA D 355 -16.52 -22.15 1.65
N MET D 356 -17.66 -21.52 1.94
CA MET D 356 -18.27 -20.61 0.99
C MET D 356 -17.97 -19.16 1.40
N MET D 357 -18.06 -18.90 2.69
CA MET D 357 -17.92 -17.55 3.15
C MET D 357 -16.45 -17.16 3.11
N THR D 358 -15.57 -18.14 3.24
CA THR D 358 -14.19 -17.75 3.37
C THR D 358 -13.65 -17.17 2.05
N PRO D 359 -13.74 -17.92 0.94
CA PRO D 359 -13.23 -17.29 -0.31
C PRO D 359 -13.98 -15.99 -0.68
N PHE D 360 -15.30 -16.02 -0.60
CA PHE D 360 -16.13 -14.84 -0.71
C PHE D 360 -15.42 -13.63 -0.05
N GLN D 361 -15.06 -13.83 1.21
CA GLN D 361 -14.58 -12.73 2.00
C GLN D 361 -13.17 -12.31 1.67
N TYR D 362 -12.38 -13.23 1.13
CA TYR D 362 -11.04 -12.85 0.67
C TYR D 362 -11.27 -11.98 -0.53
N ALA D 363 -12.10 -12.46 -1.45
CA ALA D 363 -12.43 -11.73 -2.65
C ALA D 363 -12.99 -10.33 -2.34
N LYS D 364 -14.02 -10.24 -1.48
CA LYS D 364 -14.60 -8.93 -1.16
C LYS D 364 -13.54 -8.00 -0.62
N LEU D 365 -12.73 -8.52 0.28
CA LEU D 365 -11.60 -7.78 0.77
C LEU D 365 -10.72 -7.22 -0.38
N LEU D 366 -10.29 -8.11 -1.30
CA LEU D 366 -9.50 -7.69 -2.45
C LEU D 366 -10.22 -6.69 -3.36
N VAL D 367 -11.50 -6.93 -3.64
CA VAL D 367 -12.31 -6.06 -4.48
C VAL D 367 -12.52 -4.71 -3.80
N ASN D 368 -13.00 -4.69 -2.55
CA ASN D 368 -13.22 -3.42 -1.89
C ASN D 368 -11.95 -2.61 -1.88
N ARG D 369 -10.78 -3.26 -1.95
CA ARG D 369 -9.52 -2.50 -1.96
C ARG D 369 -9.17 -2.01 -3.37
N HIS D 370 -9.01 -2.96 -4.28
CA HIS D 370 -8.49 -2.68 -5.58
C HIS D 370 -9.45 -2.14 -6.60
N SER D 371 -10.76 -2.42 -6.54
CA SER D 371 -11.64 -1.72 -7.47
C SER D 371 -11.57 -0.20 -7.20
N VAL D 372 -11.53 0.17 -5.92
CA VAL D 372 -11.47 1.57 -5.53
C VAL D 372 -10.16 2.19 -6.03
N GLY D 373 -9.07 1.45 -5.90
CA GLY D 373 -7.73 1.93 -6.27
C GLY D 373 -7.63 2.12 -7.76
N VAL D 374 -8.09 1.13 -8.52
CA VAL D 374 -8.10 1.19 -9.98
C VAL D 374 -8.93 2.40 -10.45
N VAL D 375 -10.12 2.57 -9.91
CA VAL D 375 -10.89 3.73 -10.31
C VAL D 375 -10.19 5.01 -9.93
N ASP D 376 -9.56 5.04 -8.76
CA ASP D 376 -8.77 6.23 -8.38
C ASP D 376 -7.73 6.52 -9.42
N ASP D 377 -7.05 5.48 -9.88
CA ASP D 377 -5.89 5.66 -10.73
C ASP D 377 -6.24 6.06 -12.15
N CYS D 378 -7.26 5.42 -12.70
CA CYS D 378 -7.97 5.93 -13.87
C CYS D 378 -8.32 7.45 -13.72
N LEU D 379 -9.01 7.83 -12.66
CA LEU D 379 -9.35 9.22 -12.59
C LEU D 379 -8.09 10.07 -12.54
N MET D 380 -7.01 9.53 -12.04
CA MET D 380 -5.80 10.31 -11.93
C MET D 380 -5.29 10.51 -13.38
N LEU D 381 -5.31 9.43 -14.15
CA LEU D 381 -4.85 9.39 -15.52
C LEU D 381 -5.66 10.31 -16.47
N VAL D 382 -6.97 10.35 -16.32
CA VAL D 382 -7.77 11.28 -17.10
C VAL D 382 -7.54 12.77 -16.73
N GLY D 383 -7.38 13.10 -15.45
CA GLY D 383 -7.16 14.49 -15.08
C GLY D 383 -8.43 15.16 -14.61
N GLY D 384 -8.35 16.48 -14.53
CA GLY D 384 -9.43 17.31 -13.99
C GLY D 384 -10.80 17.14 -14.58
N ALA D 385 -10.90 16.79 -15.86
CA ALA D 385 -12.22 16.60 -16.55
C ALA D 385 -13.09 15.64 -15.79
N GLY D 386 -12.47 14.52 -15.36
CA GLY D 386 -13.17 13.47 -14.62
C GLY D 386 -13.70 13.90 -13.28
N TYR D 387 -13.27 15.09 -12.81
CA TYR D 387 -13.69 15.63 -11.52
C TYR D 387 -15.04 16.30 -11.62
N SER D 388 -15.49 16.54 -12.84
CA SER D 388 -16.80 17.10 -13.01
C SER D 388 -17.86 16.07 -12.66
N ASN D 389 -18.77 16.40 -11.75
CA ASN D 389 -19.77 15.44 -11.29
C ASN D 389 -20.57 14.74 -12.37
N SER D 390 -20.71 15.36 -13.52
CA SER D 390 -21.53 14.76 -14.57
C SER D 390 -20.67 13.84 -15.44
N HIS D 391 -19.36 13.90 -15.27
CA HIS D 391 -18.44 13.07 -16.02
C HIS D 391 -18.64 11.61 -15.63
N PRO D 392 -18.49 10.68 -16.59
CA PRO D 392 -18.69 9.28 -16.22
C PRO D 392 -17.72 8.77 -15.11
N LEU D 393 -16.49 9.25 -15.10
CA LEU D 393 -15.54 8.79 -14.11
C LEU D 393 -15.92 9.27 -12.71
N ALA D 394 -16.50 10.46 -12.61
CA ALA D 394 -17.02 10.91 -11.36
C ALA D 394 -18.08 9.92 -10.86
N ARG D 395 -18.96 9.46 -11.73
CA ARG D 395 -20.03 8.55 -11.27
C ARG D 395 -19.43 7.22 -10.78
N LEU D 396 -18.45 6.72 -11.51
CA LEU D 396 -17.76 5.50 -11.13
C LEU D 396 -17.00 5.65 -9.80
N TYR D 397 -16.35 6.78 -9.59
CA TYR D 397 -15.60 7.05 -8.37
C TYR D 397 -16.53 7.03 -7.19
N ARG D 398 -17.73 7.54 -7.37
CA ARG D 398 -18.68 7.64 -6.29
C ARG D 398 -19.31 6.30 -6.11
N ASP D 399 -19.63 5.65 -7.22
CA ASP D 399 -20.33 4.35 -7.19
C ASP D 399 -19.52 3.20 -6.57
N VAL D 400 -18.28 3.10 -6.98
CA VAL D 400 -17.40 2.02 -6.59
C VAL D 400 -17.11 2.02 -5.07
N ARG D 401 -17.32 3.14 -4.42
CA ARG D 401 -17.10 3.18 -3.00
C ARG D 401 -18.23 2.49 -2.18
N ALA D 402 -19.35 2.14 -2.79
CA ALA D 402 -20.42 1.50 -2.01
C ALA D 402 -20.11 0.08 -1.49
N GLY D 403 -19.22 -0.63 -2.19
CA GLY D 403 -18.91 -2.02 -1.86
C GLY D 403 -18.43 -2.28 -0.45
N GLY D 404 -17.65 -1.34 0.07
CA GLY D 404 -16.99 -1.50 1.34
C GLY D 404 -17.94 -1.59 2.50
N PHE D 405 -19.15 -1.06 2.37
CA PHE D 405 -20.08 -1.06 3.48
C PHE D 405 -20.94 -2.29 3.40
N MET D 406 -21.04 -2.96 2.26
CA MET D 406 -22.03 -4.05 2.18
C MET D 406 -21.71 -5.25 3.11
N HIS D 407 -22.74 -5.72 3.80
CA HIS D 407 -22.64 -6.82 4.79
C HIS D 407 -23.28 -8.06 4.19
N PRO D 408 -22.61 -9.23 4.25
CA PRO D 408 -21.35 -9.56 4.94
C PRO D 408 -20.15 -9.37 4.02
N TYR D 409 -19.00 -8.88 4.50
CA TYR D 409 -18.83 -8.14 5.77
C TYR D 409 -18.12 -6.86 5.39
N ASN D 410 -18.25 -5.83 6.18
CA ASN D 410 -17.32 -4.75 6.04
C ASN D 410 -15.96 -5.22 6.55
N PHE D 411 -14.99 -4.32 6.45
CA PHE D 411 -13.61 -4.58 6.82
C PHE D 411 -13.47 -5.10 8.25
N THR D 412 -14.04 -4.42 9.23
CA THR D 412 -13.80 -4.92 10.59
C THR D 412 -14.47 -6.29 10.82
N ASP D 413 -15.68 -6.50 10.29
CA ASP D 413 -16.35 -7.77 10.56
C ASP D 413 -15.69 -8.85 9.75
N GLY D 414 -15.16 -8.43 8.60
CA GLY D 414 -14.41 -9.29 7.72
C GLY D 414 -13.16 -9.77 8.40
N VAL D 415 -12.43 -8.84 9.03
CA VAL D 415 -11.25 -9.17 9.81
C VAL D 415 -11.58 -10.18 10.91
N ASP D 416 -12.62 -9.93 11.73
CA ASP D 416 -13.06 -10.86 12.78
C ASP D 416 -13.30 -12.23 12.21
N TYR D 417 -14.07 -12.31 11.12
CA TYR D 417 -14.44 -13.60 10.57
C TYR D 417 -13.22 -14.35 10.10
N LEU D 418 -12.34 -13.66 9.35
CA LEU D 418 -11.24 -14.30 8.64
C LEU D 418 -10.15 -14.71 9.58
N SER D 419 -9.83 -13.82 10.52
CA SER D 419 -8.88 -14.18 11.57
C SER D 419 -9.36 -15.37 12.42
N GLU D 420 -10.65 -15.40 12.74
CA GLU D 420 -11.29 -16.53 13.44
C GLU D 420 -11.18 -17.88 12.71
N VAL D 421 -11.59 -17.91 11.45
CA VAL D 421 -11.31 -19.04 10.59
C VAL D 421 -9.82 -19.45 10.70
N ALA D 422 -8.90 -18.48 10.69
CA ALA D 422 -7.47 -18.81 10.62
C ALA D 422 -6.92 -19.26 11.98
N LEU D 423 -7.25 -18.55 13.06
CA LEU D 423 -6.66 -18.82 14.36
C LEU D 423 -7.49 -19.85 15.11
N GLY D 424 -8.71 -20.14 14.63
CA GLY D 424 -9.66 -21.04 15.31
C GLY D 424 -10.24 -20.42 16.56
N ARG D 425 -9.93 -19.13 16.80
CA ARG D 425 -10.26 -18.42 18.04
C ARG D 425 -10.78 -17.03 17.69
PA TYD E . 12.25 5.15 35.23
O1A TYD E . 12.05 4.12 36.32
O2A TYD E . 11.28 5.21 34.06
O3A TYD E . 12.25 6.62 35.89
PB TYD E . 13.44 7.15 36.86
O1B TYD E . 13.44 6.09 37.96
O2B TYD E . 13.03 8.53 37.31
O3B TYD E . 14.68 7.19 36.01
O5' TYD E . 13.79 5.02 34.67
C5' TYD E . 14.20 4.30 33.50
C4' TYD E . 15.39 4.94 32.77
O4' TYD E . 14.99 6.05 31.96
C3' TYD E . 16.50 5.48 33.66
O3' TYD E . 17.72 5.02 33.08
C2' TYD E . 16.44 7.00 33.63
C1' TYD E . 15.70 7.25 32.32
N1 TYD E . 14.79 8.41 32.28
C2 TYD E . 15.17 9.50 31.41
O2 TYD E . 16.25 9.49 30.75
N3 TYD E . 14.37 10.57 31.31
C4 TYD E . 13.21 10.66 31.96
O4 TYD E . 12.51 11.70 31.82
C5 TYD E . 12.78 9.55 32.85
C5M TYD E . 11.47 9.65 33.59
C6 TYD E . 13.62 8.43 32.95
PA TYD F . 11.67 -21.62 -30.05
O1A TYD F . 12.06 -23.07 -30.22
O2A TYD F . 10.30 -21.22 -30.59
O3A TYD F . 12.81 -20.69 -30.71
PB TYD F . 12.87 -20.13 -32.24
O1B TYD F . 12.99 -21.35 -33.12
O2B TYD F . 14.08 -19.24 -32.27
O3B TYD F . 11.58 -19.35 -32.43
O5' TYD F . 11.76 -21.26 -28.47
C5' TYD F . 12.79 -21.76 -27.61
C4' TYD F . 12.23 -22.83 -26.68
O4' TYD F . 10.83 -22.68 -26.42
C3' TYD F . 12.39 -24.23 -27.23
O3' TYD F . 12.88 -25.06 -26.17
C2' TYD F . 10.98 -24.68 -27.58
C1' TYD F . 10.13 -23.93 -26.59
N1 TYD F . 8.73 -23.69 -27.00
C2 TYD F . 7.64 -24.25 -26.26
O2 TYD F . 7.89 -24.99 -25.27
N3 TYD F . 6.35 -24.02 -26.61
C4 TYD F . 6.05 -23.21 -27.66
O4 TYD F . 4.85 -22.98 -27.98
C5 TYD F . 7.16 -22.60 -28.42
C5M TYD F . 6.93 -21.69 -29.60
C6 TYD F . 8.46 -22.89 -28.03
PA TYD G . 8.33 36.39 -11.67
O1A TYD G . 9.66 35.89 -11.12
O2A TYD G . 8.19 37.89 -11.88
O3A TYD G . 7.87 35.57 -13.04
PB TYD G . 6.76 35.88 -14.23
O1B TYD G . 5.65 34.87 -14.02
O2B TYD G . 7.48 35.61 -15.54
O3B TYD G . 6.28 37.32 -14.11
O5' TYD G . 7.19 36.02 -10.59
C5' TYD G . 5.93 35.48 -10.95
C4' TYD G . 4.99 35.48 -9.76
O4' TYD G . 5.56 34.74 -8.66
C3' TYD G . 4.75 36.89 -9.28
O3' TYD G . 3.36 36.96 -8.99
C2' TYD G . 5.63 37.02 -8.02
C1' TYD G . 5.88 35.59 -7.55
N1 TYD G . 7.24 35.31 -6.97
C2 TYD G . 7.36 35.19 -5.56
O2 TYD G . 6.33 35.37 -4.86
N3 TYD G . 8.56 34.91 -4.98
C4 TYD G . 9.67 34.71 -5.72
O4 TYD G . 10.80 34.46 -5.21
C5 TYD G . 9.54 34.82 -7.20
C5M TYD G . 10.73 34.63 -8.08
C6 TYD G . 8.30 35.12 -7.74
PA TYD H . -30.91 -19.75 6.30
O1A TYD H . -31.95 -20.19 7.31
O2A TYD H . -29.80 -20.74 6.01
O3A TYD H . -30.31 -18.24 6.71
PB TYD H . -29.32 -17.13 5.97
O1B TYD H . -28.64 -17.84 4.83
O2B TYD H . -30.15 -15.94 5.50
O3B TYD H . -28.34 -16.68 7.05
O5' TYD H . -31.71 -19.53 4.91
C5' TYD H . -32.25 -18.26 4.51
C4' TYD H . -31.93 -17.90 3.06
O4' TYD H . -30.64 -18.34 2.56
C3' TYD H . -32.98 -18.54 2.20
O3' TYD H . -33.42 -17.52 1.28
C2' TYD H . -32.27 -19.69 1.50
C1' TYD H . -30.81 -19.24 1.44
N1 TYD H . -29.86 -20.36 1.43
C2 TYD H . -29.29 -20.75 0.18
O2 TYD H . -29.61 -20.16 -0.87
N3 TYD H . -28.40 -21.76 0.07
C4 TYD H . -27.99 -22.43 1.14
O4 TYD H . -27.15 -23.36 1.00
C5 TYD H . -28.55 -22.05 2.49
C5M TYD H . -28.12 -22.78 3.73
C6 TYD H . -29.49 -21.00 2.56
#